data_9AYR
#
_entry.id   9AYR
#
_cell.length_a   1.00
_cell.length_b   1.00
_cell.length_c   1.00
_cell.angle_alpha   90.00
_cell.angle_beta   90.00
_cell.angle_gamma   90.00
#
_symmetry.space_group_name_H-M   'P 1'
#
loop_
_entity.id
_entity.type
_entity.pdbx_description
1 polymer 'Guanine nucleotide exchange factor subunit RIC1'
2 polymer 'Guanine nucleotide exchange factor subunit RGP1'
3 polymer 'GTP-binding protein YPT6'
#
loop_
_entity_poly.entity_id
_entity_poly.type
_entity_poly.pdbx_seq_one_letter_code
_entity_poly.pdbx_strand_id
1 'polypeptide(L)'
;MFIKQSEKNTPKCLYKKKGKVRVLLTGSCKKLNTWKMHLWPVSPPQLLRIPPRNAELGEGTKIDDCNILQSMTLPQANVL
IMLTPTRVLIYNFKPMALVASHERTMASLKEFGDNRSMKRSAPYNDIIEGLISKKDSQYLLWHQGKLIFYVMTDKNFLLT
YQILKNCTNEIIFKEYGIPVIEPLLMSEEEANSAEYDYNNDDDTLTVFDKNSSSRIIQNGFGITKEKGFLHFLSNQENID
ELPVKKLELRLKVVLKFDYEIIDMIGIKTFSKVGDGRYEEVLIVLFPHGLQILTISDFKVSKSSLVEVKKGSKTIVCNKQ
LMVLSHDSVEKQTIVSIIDIEKQAVEAIPLTDTPDELLTCLEVNGYLVVVYKEKIICFDTRIKKVSHSWKPPFVIKLCDK
INDKILLLVSEDSVNIHFYTEFGNLLFATYFDEDDYNGDNNNDNSKDKNEKKAAEYKISDFVCLDKSLITVSHSGKYQVW
KLWEEIKQTQFDFRNPKCYVLTNTNNDVIIYSPVTSSSINNDNLQVIKLPTKTFNNHIAFVKINSSLRLFATYVSNKNIL
LIHNLETNMWSSFADQNVLDLHWLGDNYLVCHMKNDDGSTNLKCLQIPLQEANPDVELSDYVMWEYNVPENTIVFSLHVN
TLSRYKLLKMKSKNHNASEKQPDALLKTAEIILVTDTQTIVFDVISTVHPCGLNIIKKFYQYLKINIPIDVLPNKIEWII
NMKEGLLFFADRKFIKLGKVDGGGWQTLTLLDNIEKIIDVIRDEIFVVQGHNYVVYSLEDLWDDKKPLVSIPIEEDLYPI
STTPETATTHTLHCIFNARFSKLVVKHQIYLDQLILAKLEDNTDLEDISHNYRFLKPYKFALEKILSTKILRSDSLDDIL
KLIKMYDNTDPEHNISPPTHSGMLEIISNCLRKIETKYWNHLFTNLKMTPRDLLALCIEENEAKMLGVLLLVFLNYDEKD
LGDDLHFKKSDLGTEESKALNDNSTKKSEKSVTNLLK(UNK)(UNK)(UNK)(UNK)(UNK)(UNK)(UNK)(UNK)
(UNK)(UNK)(UNK)(UNK)(UNK)(UNK)(UNK)(UNK)(UNK)(UNK)ATD(UNK)(UNK)(UNK)(UNK)(UNK)
(UNK)(UNK)(UNK)(UNK)(UNK)(UNK)(UNK)(UNK)(UNK)(UNK)(UNK)(UNK)(UNK)(UNK)(UNK)(UNK)
DRENNTQ(UNK)(UNK)(UNK)(UNK)(UNK)(UNK)(UNK)(UNK)(UNK)(UNK)
;
A
2 'polypeptide(L)'
;MRAHRIDTFLIRENIKLEIIHESNSYFGGEHISIAFRFKHLGSQHELFNYKEKLLTVDKAVEEKLEQQAKVQDDGEGTME
NQTWSLKSLLGAFKRTGEPEESVDVDNMKMLNESKMLREKIQKQMYFHQPVTLISGYVQISGVFQYDSEVISESKFKQDE
VKMVGLDIVPGHTTNSVLALEDGEHFKGKRNLTNYLNSDYTNVTNGLLFSESGSRGRTGTYNERTLMISNDTSIKTLPLL
LIPQTLLFSEISLEPGEVRTFYFKSTKLPKDICPSYSSSKVASINYTLEVGADVLSDDNIEKFSNRVPITIAPYISSNAE
QYTSRLDKPAIILKTGNIKELKPRLFTRKVSTASAVSFGRRKSSIIDIDSPLEDNEFV(UNK)(UNK)(UNK)(UNK)
(UNK)(UNK)(UNK)(UNK)(UNK)(UNK)(UNK)(UNK)SNQNVSR(UNK)(UNK)(UNK)(UNK)(UNK)(UNK)
(UNK)(UNK)(UNK)(UNK)(UNK)(UNK)QFGKDEDSSDPEPNDSHFSNEMVTSAESSLRSDAVTKRRKSYSVRDNISN
LEQKMWNDCSLVKSDENSNLLPQLINLQNAYQINRNNETMAKVSLSAPFYKTTDDINLVIELDPITTPLLKVTSLTVSLE
SFEIINPKYKTEGKGIGSKPKGNSVYEKHFICFDECKSVSVKLLPPRSPTNQITGQFKTDVFQHKWMIGLKFVIIAKTES
ITLDQFYEDKKGILFHSKENLEGEEFTCYVPIPILCTSEDFMGW
;
B
3 'polypeptide(L)'
;MSRSGKSLTKYKIVFLGEQGVGKTSLITRFMYDTFDDHYQATIGIDFLSKTMYLDDKTIRLQLWDTAGQERFRSLIPSYI
RDSRVAIIVYDITKRKSFEYIDKWIEDVKNERGDENVILCIVGNKSDLSDERQISTEEGEKKAKLLGAKIFMETSTKAGY
NVKALFKKIAKSLPEFQNSESTPLDSENANSANQNKPGVIDISTAEEQEQSACQC
;
C
#
# COMPACT_ATOMS: atom_id res chain seq x y z
N MET A 37 -6.61 3.38 10.32
CA MET A 37 -7.56 2.30 10.06
C MET A 37 -6.84 1.03 9.64
N HIS A 38 -6.42 0.96 8.38
CA HIS A 38 -5.73 -0.21 7.88
C HIS A 38 -4.35 -0.33 8.51
N LEU A 39 -3.78 -1.52 8.43
CA LEU A 39 -2.46 -1.80 8.98
C LEU A 39 -1.71 -2.75 8.05
N TRP A 40 -0.52 -2.35 7.65
CA TRP A 40 0.37 -3.18 6.83
C TRP A 40 1.75 -3.22 7.46
N PRO A 41 2.51 -4.31 7.26
CA PRO A 41 3.83 -4.40 7.88
C PRO A 41 4.86 -3.59 7.12
N VAL A 42 5.64 -2.79 7.84
CA VAL A 42 6.72 -2.04 7.22
C VAL A 42 7.78 -2.97 6.68
N SER A 43 8.16 -3.98 7.47
CA SER A 43 9.21 -4.90 7.10
C SER A 43 9.03 -6.17 7.91
N PRO A 44 9.75 -7.25 7.57
CA PRO A 44 9.61 -8.49 8.34
C PRO A 44 9.95 -8.26 9.80
N PRO A 45 9.43 -9.09 10.70
CA PRO A 45 9.55 -8.80 12.13
C PRO A 45 10.99 -8.89 12.61
N GLN A 46 11.24 -8.17 13.69
CA GLN A 46 12.50 -8.27 14.42
C GLN A 46 12.36 -9.38 15.47
N LEU A 47 13.22 -10.38 15.39
CA LEU A 47 13.11 -11.56 16.25
C LEU A 47 13.93 -11.36 17.51
N LEU A 48 13.31 -11.62 18.66
CA LEU A 48 13.99 -11.54 19.95
C LEU A 48 13.49 -12.68 20.82
N ARG A 49 14.07 -12.82 22.01
CA ARG A 49 13.56 -13.78 22.97
C ARG A 49 13.93 -13.33 24.37
N ILE A 50 13.03 -13.61 25.31
CA ILE A 50 13.15 -13.14 26.69
C ILE A 50 14.37 -13.79 27.33
N PRO A 51 15.04 -13.12 28.26
CA PRO A 51 16.21 -13.73 28.91
C PRO A 51 15.79 -14.87 29.81
N PRO A 52 16.67 -15.83 30.07
CA PRO A 52 16.32 -16.93 30.98
C PRO A 52 16.18 -16.45 32.41
N ARG A 53 15.56 -17.29 33.23
CA ARG A 53 15.31 -16.93 34.62
C ARG A 53 16.62 -16.64 35.33
N ASN A 54 16.66 -15.51 36.04
CA ASN A 54 17.87 -15.12 36.76
C ASN A 54 18.07 -16.00 38.00
N ALA A 55 17.00 -16.22 38.76
CA ALA A 55 17.08 -16.96 40.01
C ALA A 55 16.96 -18.46 39.76
N GLU A 56 17.32 -19.23 40.78
CA GLU A 56 17.26 -20.69 40.72
C GLU A 56 15.89 -21.14 41.22
N LEU A 57 15.11 -21.75 40.31
CA LEU A 57 13.79 -22.24 40.69
C LEU A 57 13.90 -23.30 41.79
N GLY A 58 14.72 -24.32 41.56
CA GLY A 58 14.92 -25.35 42.55
C GLY A 58 16.06 -25.03 43.50
N GLU A 59 16.10 -25.76 44.62
CA GLU A 59 17.18 -25.57 45.58
C GLU A 59 18.53 -25.92 44.96
N GLY A 60 18.57 -26.98 44.15
CA GLY A 60 19.79 -27.39 43.49
C GLY A 60 19.69 -27.35 41.98
N THR A 61 18.47 -27.51 41.47
CA THR A 61 18.22 -27.51 40.02
C THR A 61 17.62 -26.17 39.60
N LYS A 62 17.97 -25.73 38.40
CA LYS A 62 17.48 -24.48 37.84
C LYS A 62 16.71 -24.79 36.56
N ILE A 63 15.53 -24.18 36.41
CA ILE A 63 14.67 -24.38 35.25
C ILE A 63 14.35 -22.99 34.71
N ASP A 64 14.99 -22.63 33.59
CA ASP A 64 14.66 -21.39 32.90
C ASP A 64 13.45 -21.68 32.02
N ASP A 65 12.28 -21.18 32.44
CA ASP A 65 11.04 -21.52 31.75
C ASP A 65 11.09 -21.09 30.28
N CYS A 66 11.42 -19.82 30.04
CA CYS A 66 11.50 -19.28 28.68
C CYS A 66 10.26 -19.67 27.88
N ASN A 67 9.10 -19.46 28.48
CA ASN A 67 7.81 -19.84 27.88
C ASN A 67 6.80 -18.76 28.24
N ILE A 68 6.30 -18.05 27.22
CA ILE A 68 5.47 -16.88 27.43
C ILE A 68 4.02 -17.27 27.20
N LEU A 69 3.23 -17.27 28.28
CA LEU A 69 1.82 -17.62 28.18
C LEU A 69 0.99 -16.49 27.57
N GLN A 70 1.25 -15.25 27.97
CA GLN A 70 0.41 -14.14 27.56
C GLN A 70 1.21 -12.84 27.66
N SER A 71 0.88 -11.89 26.79
CA SER A 71 1.47 -10.57 26.80
C SER A 71 0.35 -9.52 26.73
N MET A 72 0.58 -8.39 27.40
CA MET A 72 -0.40 -7.33 27.44
C MET A 72 0.31 -6.01 27.67
N THR A 73 -0.29 -4.92 27.18
CA THR A 73 0.31 -3.60 27.23
C THR A 73 -0.40 -2.73 28.26
N LEU A 74 0.34 -1.72 28.72
CA LEU A 74 -0.18 -0.70 29.63
C LEU A 74 0.21 0.66 29.07
N PRO A 75 -0.45 1.09 27.98
CA PRO A 75 -0.05 2.36 27.34
C PRO A 75 -0.15 3.56 28.26
N GLN A 76 -1.00 3.50 29.28
CA GLN A 76 -1.10 4.61 30.22
C GLN A 76 0.23 4.90 30.89
N ALA A 77 1.11 3.89 31.00
CA ALA A 77 2.43 4.05 31.60
C ALA A 77 3.56 3.68 30.66
N ASN A 78 3.28 3.34 29.41
CA ASN A 78 4.31 2.99 28.42
C ASN A 78 5.13 1.79 28.91
N VAL A 79 4.43 0.71 29.23
CA VAL A 79 5.05 -0.52 29.66
C VAL A 79 4.30 -1.70 29.06
N LEU A 80 5.05 -2.71 28.64
CA LEU A 80 4.52 -3.95 28.09
C LEU A 80 4.82 -5.08 29.07
N ILE A 81 3.80 -5.85 29.43
CA ILE A 81 3.93 -6.92 30.41
C ILE A 81 3.81 -8.26 29.69
N MET A 82 4.80 -9.12 29.90
CA MET A 82 4.76 -10.51 29.45
C MET A 82 4.66 -11.42 30.66
N LEU A 83 3.95 -12.53 30.50
CA LEU A 83 3.71 -13.47 31.58
C LEU A 83 4.28 -14.83 31.22
N THR A 84 4.84 -15.51 32.21
CA THR A 84 5.36 -16.86 32.06
C THR A 84 4.90 -17.66 33.28
N PRO A 85 4.99 -18.99 33.20
CA PRO A 85 4.46 -19.81 34.31
C PRO A 85 5.11 -19.52 35.65
N THR A 86 6.34 -19.01 35.68
CA THR A 86 7.06 -18.80 36.92
C THR A 86 7.45 -17.34 37.17
N ARG A 87 7.31 -16.45 36.20
CA ARG A 87 7.76 -15.07 36.38
C ARG A 87 6.94 -14.15 35.50
N VAL A 88 6.92 -12.87 35.89
CA VAL A 88 6.36 -11.80 35.09
C VAL A 88 7.52 -10.92 34.64
N LEU A 89 7.39 -10.32 33.46
CA LEU A 89 8.41 -9.44 32.91
C LEU A 89 7.75 -8.15 32.46
N ILE A 90 8.41 -7.03 32.71
CA ILE A 90 7.91 -5.71 32.38
C ILE A 90 8.98 -4.99 31.57
N TYR A 91 8.60 -4.54 30.38
CA TYR A 91 9.50 -3.88 29.43
C TYR A 91 9.02 -2.46 29.20
N ASN A 92 9.96 -1.57 28.90
CA ASN A 92 9.60 -0.25 28.40
C ASN A 92 9.20 -0.39 26.94
N PHE A 93 7.95 -0.04 26.63
CA PHE A 93 7.37 -0.45 25.36
C PHE A 93 8.06 0.22 24.17
N LYS A 94 7.98 1.55 24.07
CA LYS A 94 8.45 2.23 22.88
C LYS A 94 9.93 1.98 22.62
N PRO A 95 10.85 2.29 23.55
CA PRO A 95 12.21 1.74 23.46
C PRO A 95 12.24 0.34 24.05
N MET A 96 11.87 -0.65 23.23
CA MET A 96 11.70 -2.01 23.69
C MET A 96 12.89 -2.48 24.50
N ALA A 97 12.67 -2.73 25.79
CA ALA A 97 13.73 -3.18 26.67
C ALA A 97 13.16 -3.65 28.01
N LEU A 98 13.59 -4.84 28.45
CA LEU A 98 13.16 -5.35 29.74
C LEU A 98 13.57 -4.38 30.84
N VAL A 99 12.69 -4.18 31.82
CA VAL A 99 12.98 -3.23 32.89
C VAL A 99 12.78 -3.87 34.27
N ALA A 100 11.91 -4.87 34.37
CA ALA A 100 11.64 -5.45 35.68
C ALA A 100 11.09 -6.86 35.52
N SER A 101 11.06 -7.59 36.64
CA SER A 101 10.49 -8.92 36.68
C SER A 101 10.23 -9.28 38.14
N HIS A 102 9.66 -10.46 38.36
CA HIS A 102 9.33 -10.93 39.70
C HIS A 102 9.99 -12.24 40.09
N GLU A 103 10.07 -13.22 39.19
CA GLU A 103 10.80 -14.46 39.42
C GLU A 103 10.37 -15.12 40.73
N ARG A 104 9.11 -15.57 40.74
CA ARG A 104 8.58 -16.26 41.91
C ARG A 104 9.37 -17.53 42.18
N THR A 105 9.45 -17.89 43.46
CA THR A 105 10.23 -19.04 43.89
C THR A 105 9.37 -20.31 43.93
N MET A 106 10.03 -21.44 44.18
CA MET A 106 9.33 -22.72 44.21
C MET A 106 8.27 -22.75 45.30
N ALA A 107 8.51 -22.09 46.43
CA ALA A 107 7.50 -22.05 47.48
C ALA A 107 6.23 -21.41 46.97
N SER A 108 6.35 -20.26 46.30
CA SER A 108 5.17 -19.60 45.75
C SER A 108 4.56 -20.43 44.62
N LEU A 109 5.39 -21.06 43.80
CA LEU A 109 4.86 -21.87 42.71
C LEU A 109 4.01 -23.01 43.23
N LYS A 110 4.45 -23.63 44.33
CA LYS A 110 3.68 -24.72 44.92
C LYS A 110 2.44 -24.21 45.64
N GLU A 111 2.58 -23.10 46.39
CA GLU A 111 1.46 -22.62 47.20
C GLU A 111 0.34 -22.05 46.34
N PHE A 112 0.69 -21.20 45.38
CA PHE A 112 -0.29 -20.49 44.56
C PHE A 112 -0.40 -21.04 43.15
N GLY A 113 0.47 -21.96 42.74
CA GLY A 113 0.45 -22.49 41.40
C GLY A 113 1.13 -21.58 40.40
N ASP A 114 1.33 -22.11 39.20
CA ASP A 114 1.96 -21.33 38.14
C ASP A 114 1.02 -20.24 37.65
N ASN A 115 1.61 -19.16 37.15
CA ASN A 115 0.82 -18.08 36.57
C ASN A 115 0.06 -18.61 35.36
N ARG A 116 -1.23 -18.26 35.28
CA ARG A 116 -2.09 -18.72 34.20
C ARG A 116 -2.38 -17.64 33.17
N SER A 117 -2.88 -16.48 33.61
CA SER A 117 -3.19 -15.42 32.66
C SER A 117 -3.37 -14.11 33.40
N MET A 118 -2.92 -13.02 32.79
CA MET A 118 -2.93 -11.71 33.42
C MET A 118 -4.03 -10.84 32.84
N LYS A 119 -4.53 -9.93 33.67
CA LYS A 119 -5.58 -8.99 33.29
C LYS A 119 -5.21 -7.61 33.83
N ARG A 120 -5.77 -6.59 33.19
CA ARG A 120 -5.43 -5.19 33.44
C ARG A 120 -6.59 -4.48 34.13
N SER A 121 -6.24 -3.52 34.99
CA SER A 121 -7.23 -2.64 35.62
C SER A 121 -7.53 -1.49 34.67
N ALA A 122 -8.14 -1.84 33.54
CA ALA A 122 -8.38 -0.88 32.47
C ALA A 122 -9.38 0.18 32.94
N PRO A 123 -9.09 1.48 32.74
CA PRO A 123 -10.08 2.51 33.09
C PRO A 123 -11.07 2.71 31.96
N TYR A 124 -12.33 2.36 32.22
CA TYR A 124 -13.35 2.46 31.18
C TYR A 124 -13.57 3.92 30.77
N ASN A 125 -13.75 4.80 31.76
CA ASN A 125 -13.88 6.24 31.52
C ASN A 125 -15.15 6.55 30.70
N ASP A 126 -16.25 5.92 31.09
CA ASP A 126 -17.57 6.23 30.53
C ASP A 126 -18.59 5.44 31.33
N ILE A 127 -19.87 5.63 30.99
CA ILE A 127 -20.94 5.03 31.76
C ILE A 127 -20.97 3.52 31.52
N ILE A 128 -21.31 2.78 32.58
CA ILE A 128 -21.52 1.34 32.48
C ILE A 128 -22.96 0.95 32.75
N GLU A 129 -23.73 1.76 33.47
CA GLU A 129 -25.13 1.54 33.85
C GLU A 129 -25.26 0.51 34.97
N GLY A 130 -24.19 -0.17 35.36
CA GLY A 130 -24.25 -1.14 36.43
C GLY A 130 -23.35 -0.81 37.60
N LEU A 131 -22.24 -0.13 37.34
CA LEU A 131 -21.23 0.16 38.35
C LEU A 131 -21.03 1.65 38.57
N ILE A 132 -20.77 2.41 37.52
CA ILE A 132 -20.45 3.83 37.62
C ILE A 132 -21.39 4.62 36.73
N SER A 133 -21.88 5.74 37.26
CA SER A 133 -22.76 6.65 36.54
C SER A 133 -22.09 7.99 36.26
N LYS A 134 -21.51 8.63 37.27
CA LYS A 134 -20.80 9.89 37.10
C LYS A 134 -19.35 9.61 36.75
N LYS A 135 -18.92 10.03 35.56
CA LYS A 135 -17.59 9.76 35.05
C LYS A 135 -16.64 10.95 35.21
N ASP A 136 -17.06 12.00 35.92
CA ASP A 136 -16.20 13.16 36.09
C ASP A 136 -14.94 12.83 36.89
N SER A 137 -14.96 11.74 37.66
CA SER A 137 -13.78 11.38 38.44
C SER A 137 -12.62 10.99 37.53
N GLN A 138 -12.90 10.36 36.40
CA GLN A 138 -11.87 9.92 35.48
C GLN A 138 -10.93 8.92 36.14
N HIS A 143 -7.96 11.96 35.09
CA HIS A 143 -7.25 11.64 36.32
C HIS A 143 -6.43 10.36 36.15
N GLN A 144 -5.23 10.35 36.73
CA GLN A 144 -4.33 9.21 36.68
C GLN A 144 -4.17 8.64 38.08
N GLY A 145 -4.29 7.32 38.20
CA GLY A 145 -4.24 6.63 39.47
C GLY A 145 -3.18 5.55 39.47
N LYS A 146 -3.45 4.51 40.24
CA LYS A 146 -2.50 3.41 40.40
C LYS A 146 -2.45 2.56 39.15
N LEU A 147 -1.26 2.03 38.85
CA LEU A 147 -1.07 1.11 37.72
C LEU A 147 -1.07 -0.31 38.27
N ILE A 148 -2.27 -0.81 38.51
CA ILE A 148 -2.46 -2.15 39.04
C ILE A 148 -2.69 -3.11 37.89
N PHE A 149 -2.24 -4.35 38.04
CA PHE A 149 -2.56 -5.41 37.09
C PHE A 149 -2.50 -6.75 37.80
N TYR A 150 -3.49 -7.59 37.55
CA TYR A 150 -3.68 -8.84 38.26
C TYR A 150 -3.24 -10.00 37.39
N VAL A 151 -2.92 -11.13 38.04
CA VAL A 151 -2.62 -12.37 37.33
C VAL A 151 -3.34 -13.50 38.06
N MET A 152 -4.16 -14.24 37.32
CA MET A 152 -4.76 -15.47 37.83
C MET A 152 -3.78 -16.61 37.64
N THR A 153 -3.50 -17.32 38.73
CA THR A 153 -2.57 -18.44 38.73
C THR A 153 -3.33 -19.73 38.36
N ASP A 154 -2.67 -20.87 38.55
CA ASP A 154 -3.22 -22.16 38.16
C ASP A 154 -4.15 -22.75 39.21
N LYS A 155 -4.29 -22.13 40.39
CA LYS A 155 -5.21 -22.60 41.41
C LYS A 155 -5.97 -21.43 42.03
N ASN A 156 -6.46 -20.53 41.18
CA ASN A 156 -7.42 -19.50 41.57
C ASN A 156 -6.86 -18.61 42.68
N PHE A 157 -5.81 -17.86 42.31
CA PHE A 157 -5.24 -16.83 43.16
C PHE A 157 -5.06 -15.56 42.33
N LEU A 158 -5.30 -14.41 42.96
CA LEU A 158 -5.07 -13.11 42.35
C LEU A 158 -3.92 -12.44 43.09
N LEU A 159 -2.87 -12.07 42.36
CA LEU A 159 -1.66 -11.54 42.99
C LEU A 159 -1.67 -10.02 43.09
N THR A 160 -2.35 -9.32 42.18
CA THR A 160 -2.49 -7.87 42.23
C THR A 160 -1.13 -7.18 42.29
N TYR A 161 -0.40 -7.35 41.20
CA TYR A 161 0.86 -6.62 41.02
C TYR A 161 0.58 -5.13 40.83
N GLN A 162 1.53 -4.30 41.26
CA GLN A 162 1.44 -2.86 41.10
C GLN A 162 2.74 -2.34 40.52
N ILE A 163 2.63 -1.45 39.54
CA ILE A 163 3.77 -0.76 38.95
C ILE A 163 3.72 0.69 39.39
N LEU A 164 4.79 1.16 40.02
CA LEU A 164 4.93 2.57 40.39
C LEU A 164 6.01 3.19 39.52
N LYS A 165 5.67 4.31 38.90
CA LYS A 165 6.55 4.95 37.92
C LYS A 165 6.20 6.43 37.88
N ASN A 166 7.23 7.28 37.89
CA ASN A 166 7.03 8.73 37.91
C ASN A 166 6.75 9.20 36.48
N CYS A 167 5.51 8.96 36.06
CA CYS A 167 5.08 9.33 34.71
C CYS A 167 3.59 9.60 34.72
N THR A 168 3.14 10.36 33.71
CA THR A 168 1.74 10.66 33.54
C THR A 168 1.38 10.49 32.07
N ASN A 169 0.07 10.35 31.81
CA ASN A 169 -0.37 10.10 30.43
C ASN A 169 0.03 11.26 29.52
N GLU A 170 -0.15 12.49 29.97
CA GLU A 170 0.25 13.64 29.17
C GLU A 170 1.76 13.65 28.94
N ILE A 171 2.54 13.34 29.99
CA ILE A 171 3.99 13.30 29.85
C ILE A 171 4.40 12.23 28.86
N ILE A 172 3.80 11.05 28.94
CA ILE A 172 4.12 9.98 28.00
C ILE A 172 3.78 10.40 26.58
N PHE A 173 2.61 11.01 26.39
CA PHE A 173 2.22 11.46 25.07
C PHE A 173 3.21 12.47 24.51
N LYS A 174 3.63 13.43 25.35
CA LYS A 174 4.58 14.44 24.90
C LYS A 174 5.93 13.83 24.56
N GLU A 175 6.41 12.91 25.38
CA GLU A 175 7.80 12.44 25.26
C GLU A 175 7.94 11.37 24.19
N TYR A 176 7.06 10.36 24.19
CA TYR A 176 7.20 9.21 23.33
C TYR A 176 6.25 9.20 22.14
N GLY A 177 5.29 10.12 22.08
CA GLY A 177 4.39 10.17 20.95
C GLY A 177 3.41 9.03 20.86
N ILE A 178 3.14 8.35 21.97
CA ILE A 178 2.14 7.29 22.01
C ILE A 178 0.77 7.92 22.18
N PRO A 179 -0.19 7.67 21.29
CA PRO A 179 -1.51 8.31 21.43
C PRO A 179 -2.28 7.74 22.60
N VAL A 180 -1.95 8.19 23.81
CA VAL A 180 -2.50 7.62 25.03
C VAL A 180 -3.63 8.48 25.60
N ILE A 181 -3.51 9.80 25.53
CA ILE A 181 -4.49 10.68 26.13
C ILE A 181 -5.65 10.87 25.15
N GLU A 182 -6.83 10.41 25.54
CA GLU A 182 -8.06 10.66 24.82
C GLU A 182 -9.25 10.31 25.71
N PRO A 183 -9.45 11.01 26.83
CA PRO A 183 -10.56 10.65 27.74
C PRO A 183 -11.93 10.76 27.06
N ASP A 197 12.18 18.21 31.82
CA ASP A 197 12.35 16.78 31.54
C ASP A 197 12.55 15.99 32.84
N TYR A 198 12.36 16.64 33.98
CA TYR A 198 12.56 16.02 35.29
C TYR A 198 13.97 15.42 35.40
N ASN A 199 14.95 16.13 34.85
CA ASN A 199 16.33 15.67 34.89
C ASN A 199 16.46 14.29 34.25
N ASN A 200 17.51 13.56 34.60
CA ASN A 200 17.73 12.21 34.11
C ASN A 200 17.66 11.17 35.23
N ASP A 201 16.96 11.50 36.33
CA ASP A 201 16.89 10.59 37.45
C ASP A 201 16.17 9.30 37.10
N ASP A 202 15.18 9.37 36.21
CA ASP A 202 14.38 8.20 35.85
C ASP A 202 15.01 7.36 34.75
N ASP A 203 16.07 7.84 34.10
CA ASP A 203 16.69 7.08 33.03
C ASP A 203 17.42 5.86 33.58
N THR A 204 17.33 4.76 32.85
CA THR A 204 18.02 3.52 33.21
C THR A 204 18.56 2.87 31.95
N LEU A 205 19.44 1.90 32.15
CA LEU A 205 20.07 1.18 31.03
C LEU A 205 20.79 2.15 30.11
N THR A 206 21.47 3.14 30.70
CA THR A 206 22.28 4.09 29.96
C THR A 206 23.66 3.50 29.74
N VAL A 207 24.09 3.40 28.48
CA VAL A 207 25.36 2.78 28.13
C VAL A 207 26.37 3.90 27.94
N PHE A 208 27.27 4.06 28.90
CA PHE A 208 28.36 5.02 28.79
C PHE A 208 29.54 4.38 28.09
N ASP A 209 30.30 5.20 27.37
CA ASP A 209 31.47 4.70 26.66
C ASP A 209 32.49 4.15 27.66
N LYS A 210 33.11 3.03 27.31
CA LYS A 210 34.11 2.45 28.19
C LYS A 210 35.27 3.40 28.42
N ASN A 211 35.71 4.08 27.36
CA ASN A 211 36.69 5.15 27.45
C ASN A 211 35.98 6.49 27.34
N SER A 212 36.38 7.45 28.16
CA SER A 212 35.68 8.73 28.27
C SER A 212 34.23 8.50 28.71
N SER A 213 34.09 7.99 29.93
CA SER A 213 32.78 7.59 30.43
C SER A 213 31.82 8.77 30.57
N SER A 214 32.32 9.99 30.54
CA SER A 214 31.44 11.16 30.67
C SER A 214 30.48 11.32 29.50
N ARG A 215 30.68 10.61 28.40
CA ARG A 215 29.84 10.71 27.22
C ARG A 215 28.97 9.48 27.09
N ILE A 216 27.70 9.70 26.74
CA ILE A 216 26.73 8.63 26.60
C ILE A 216 26.67 8.22 25.12
N ILE A 217 26.80 6.92 24.86
CA ILE A 217 26.71 6.41 23.50
C ILE A 217 25.33 5.84 23.18
N GLN A 218 24.54 5.49 24.20
CA GLN A 218 23.19 4.97 23.96
C GLN A 218 22.36 5.24 25.20
N ASN A 219 21.53 6.29 25.13
CA ASN A 219 20.59 6.59 26.20
C ASN A 219 19.22 5.97 25.91
N GLY A 220 18.67 6.26 24.74
CA GLY A 220 17.43 5.64 24.31
C GLY A 220 17.66 4.74 23.11
N PHE A 221 17.31 5.23 21.91
CA PHE A 221 17.57 4.47 20.70
C PHE A 221 19.05 4.53 20.32
N GLY A 222 19.69 5.68 20.55
CA GLY A 222 21.08 5.87 20.17
C GLY A 222 21.38 7.35 19.97
N ILE A 223 22.54 7.78 20.47
CA ILE A 223 22.90 9.19 20.44
C ILE A 223 23.47 9.54 19.07
N THR A 224 22.98 10.65 18.50
CA THR A 224 23.48 11.14 17.21
C THR A 224 24.74 11.98 17.36
N LYS A 225 25.41 11.92 18.52
CA LYS A 225 26.64 12.66 18.76
C LYS A 225 26.41 14.17 18.60
N GLU A 226 25.57 14.69 19.48
CA GLU A 226 25.26 16.12 19.49
C GLU A 226 26.52 16.97 19.55
N LEU A 230 18.38 22.50 11.44
CA LEU A 230 16.97 22.10 11.47
C LEU A 230 16.19 22.97 12.46
N HIS A 231 15.02 23.44 12.04
CA HIS A 231 14.19 24.29 12.88
C HIS A 231 12.71 23.95 12.80
N PHE A 232 12.34 22.83 12.18
CA PHE A 232 10.93 22.48 12.00
C PHE A 232 10.38 21.73 13.21
N LEU A 233 11.01 20.60 13.57
CA LEU A 233 10.60 19.80 14.71
C LEU A 233 11.78 19.54 15.61
N SER A 234 11.50 19.39 16.91
CA SER A 234 12.53 19.14 17.90
C SER A 234 11.91 18.87 19.27
N GLU A 237 16.68 20.66 27.26
CA GLU A 237 15.86 19.98 26.28
C GLU A 237 16.65 18.89 25.57
N ASN A 238 16.30 17.63 25.85
CA ASN A 238 16.97 16.46 25.28
C ASN A 238 15.94 15.45 24.81
N ILE A 239 14.93 15.94 24.08
CA ILE A 239 13.85 15.08 23.61
C ILE A 239 14.36 14.04 22.61
N ASP A 240 15.48 14.31 21.95
CA ASP A 240 15.95 13.42 20.89
C ASP A 240 16.29 12.03 21.42
N GLU A 241 16.81 11.95 22.65
CA GLU A 241 17.31 10.66 23.15
C GLU A 241 16.18 9.64 23.27
N LEU A 242 15.02 10.05 23.79
CA LEU A 242 13.91 9.13 23.99
C LEU A 242 14.34 7.99 24.91
N PRO A 243 14.59 8.27 26.18
CA PRO A 243 15.26 7.29 27.06
C PRO A 243 14.31 6.20 27.54
N VAL A 244 14.88 5.28 28.30
CA VAL A 244 14.13 4.20 28.95
C VAL A 244 13.94 4.59 30.41
N LYS A 245 12.69 4.66 30.86
CA LYS A 245 12.38 5.12 32.20
C LYS A 245 12.27 3.95 33.16
N LYS A 246 12.79 4.15 34.37
CA LYS A 246 12.75 3.11 35.39
C LYS A 246 11.36 3.00 36.00
N LEU A 247 11.04 1.80 36.48
CA LEU A 247 9.77 1.56 37.15
C LEU A 247 10.00 0.51 38.23
N GLU A 248 9.10 0.49 39.21
CA GLU A 248 9.19 -0.43 40.34
C GLU A 248 7.95 -1.31 40.36
N LEU A 249 8.14 -2.60 40.12
CA LEU A 249 7.07 -3.60 40.23
C LEU A 249 7.07 -4.15 41.64
N ARG A 250 5.87 -4.45 42.16
CA ARG A 250 5.77 -4.99 43.50
C ARG A 250 4.47 -5.76 43.68
N LEU A 251 4.56 -6.89 44.37
CA LEU A 251 3.38 -7.63 44.78
C LEU A 251 2.74 -6.96 45.98
N LYS A 252 1.42 -6.85 45.96
CA LYS A 252 0.68 -6.10 46.98
C LYS A 252 -0.14 -6.99 47.90
N VAL A 253 -1.02 -7.83 47.35
CA VAL A 253 -1.88 -8.68 48.17
C VAL A 253 -2.31 -9.87 47.33
N VAL A 254 -2.51 -11.00 48.00
CA VAL A 254 -2.94 -12.24 47.35
C VAL A 254 -4.34 -12.56 47.84
N LEU A 255 -5.24 -12.85 46.91
CA LEU A 255 -6.63 -13.20 47.21
C LEU A 255 -6.88 -14.66 46.87
N LYS A 256 -7.56 -15.36 47.78
CA LYS A 256 -7.86 -16.77 47.61
C LYS A 256 -9.31 -16.93 47.14
N PHE A 257 -9.48 -17.67 46.06
CA PHE A 257 -10.80 -17.97 45.50
C PHE A 257 -11.02 -19.47 45.53
N ASP A 258 -12.21 -19.88 45.97
CA ASP A 258 -12.54 -21.28 46.12
C ASP A 258 -13.14 -21.90 44.86
N TYR A 259 -13.27 -21.12 43.78
CA TYR A 259 -13.79 -21.62 42.53
C TYR A 259 -12.92 -21.13 41.38
N GLU A 260 -12.92 -21.89 40.28
CA GLU A 260 -12.09 -21.53 39.13
C GLU A 260 -12.49 -20.17 38.60
N ILE A 261 -11.48 -19.37 38.25
CA ILE A 261 -11.70 -18.03 37.69
C ILE A 261 -11.77 -18.22 36.17
N ILE A 262 -13.00 -18.38 35.67
CA ILE A 262 -13.18 -18.55 34.22
C ILE A 262 -12.72 -17.30 33.49
N ASP A 263 -13.08 -16.13 34.00
CA ASP A 263 -12.65 -14.87 33.43
C ASP A 263 -12.74 -13.79 34.50
N MET A 264 -12.08 -12.67 34.24
CA MET A 264 -12.07 -11.57 35.19
C MET A 264 -11.84 -10.26 34.46
N ILE A 265 -12.38 -9.19 35.01
CA ILE A 265 -12.14 -7.85 34.49
C ILE A 265 -12.13 -6.87 35.66
N GLY A 266 -11.07 -6.10 35.78
CA GLY A 266 -10.94 -5.09 36.82
C GLY A 266 -10.98 -3.70 36.21
N ILE A 267 -11.70 -2.80 36.87
CA ILE A 267 -11.80 -1.41 36.43
C ILE A 267 -11.75 -0.50 37.65
N LYS A 268 -11.63 0.80 37.40
CA LYS A 268 -11.50 1.81 38.43
C LYS A 268 -12.78 2.62 38.53
N THR A 269 -13.23 2.87 39.76
CA THR A 269 -14.45 3.61 40.02
C THR A 269 -14.21 4.59 41.16
N PHE A 270 -15.20 5.46 41.38
CA PHE A 270 -15.18 6.44 42.46
C PHE A 270 -16.27 6.08 43.46
N SER A 271 -15.90 5.99 44.73
CA SER A 271 -16.85 5.65 45.78
C SER A 271 -17.78 6.82 46.08
N GLY A 276 -15.93 10.03 49.66
CA GLY A 276 -15.67 9.46 48.36
C GLY A 276 -14.18 9.38 48.04
N ARG A 277 -13.77 8.27 47.43
CA ARG A 277 -12.38 8.07 47.08
C ARG A 277 -12.30 7.03 45.98
N TYR A 278 -11.15 6.97 45.33
CA TYR A 278 -10.95 6.05 44.21
C TYR A 278 -10.81 4.63 44.70
N GLU A 279 -11.44 3.69 44.00
CA GLU A 279 -11.38 2.28 44.32
C GLU A 279 -11.36 1.48 43.03
N GLU A 280 -11.15 0.17 43.16
CA GLU A 280 -11.19 -0.75 42.04
C GLU A 280 -12.29 -1.76 42.25
N VAL A 281 -12.91 -2.19 41.16
CA VAL A 281 -13.95 -3.21 41.18
C VAL A 281 -13.54 -4.33 40.24
N LEU A 282 -13.56 -5.56 40.77
CA LEU A 282 -13.20 -6.76 40.03
C LEU A 282 -14.46 -7.58 39.81
N ILE A 283 -14.82 -7.77 38.54
CA ILE A 283 -15.92 -8.63 38.15
C ILE A 283 -15.31 -9.95 37.70
N VAL A 284 -15.51 -11.01 38.49
CA VAL A 284 -14.89 -12.30 38.26
C VAL A 284 -15.98 -13.34 38.07
N LEU A 285 -15.85 -14.14 37.02
CA LEU A 285 -16.88 -15.09 36.62
C LEU A 285 -16.47 -16.49 37.08
N PHE A 286 -17.13 -16.97 38.12
CA PHE A 286 -17.00 -18.34 38.55
C PHE A 286 -18.02 -19.22 37.85
N PRO A 287 -17.82 -20.53 37.83
CA PRO A 287 -18.79 -21.39 37.12
C PRO A 287 -20.20 -21.27 37.68
N HIS A 288 -20.35 -20.87 38.94
CA HIS A 288 -21.66 -20.73 39.55
C HIS A 288 -22.27 -19.35 39.36
N GLY A 289 -21.54 -18.38 38.81
CA GLY A 289 -22.12 -17.06 38.61
C GLY A 289 -21.03 -16.00 38.51
N LEU A 290 -21.39 -14.80 38.96
CA LEU A 290 -20.50 -13.65 38.91
C LEU A 290 -20.32 -13.09 40.31
N GLN A 291 -19.11 -12.59 40.60
CA GLN A 291 -18.80 -11.97 41.87
C GLN A 291 -18.13 -10.63 41.61
N ILE A 292 -18.66 -9.58 42.23
CA ILE A 292 -18.12 -8.23 42.10
C ILE A 292 -17.50 -7.86 43.43
N LEU A 293 -16.18 -7.70 43.44
CA LEU A 293 -15.42 -7.37 44.64
C LEU A 293 -14.92 -5.94 44.55
N THR A 294 -15.16 -5.16 45.60
CA THR A 294 -14.71 -3.78 45.69
C THR A 294 -13.50 -3.73 46.60
N ILE A 295 -12.40 -3.17 46.09
CA ILE A 295 -11.15 -3.04 46.85
C ILE A 295 -10.77 -1.57 46.86
N SER A 296 -10.57 -1.02 48.05
CA SER A 296 -10.23 0.39 48.20
C SER A 296 -8.71 0.62 48.11
N ASP A 297 -7.96 -0.05 48.98
CA ASP A 297 -6.50 0.06 49.04
C ASP A 297 -5.88 -1.32 49.10
N PHE A 298 -6.32 -2.21 48.20
CA PHE A 298 -5.93 -3.61 48.18
C PHE A 298 -6.51 -4.40 49.34
N LYS A 299 -7.59 -3.90 49.94
CA LYS A 299 -8.33 -4.59 50.98
C LYS A 299 -9.74 -4.87 50.49
N VAL A 300 -10.19 -6.11 50.65
CA VAL A 300 -11.47 -6.53 50.08
C VAL A 300 -12.59 -5.82 50.82
N SER A 301 -13.23 -4.86 50.16
CA SER A 301 -14.41 -4.18 50.70
C SER A 301 -15.65 -5.03 50.42
N LYS A 302 -16.83 -4.43 50.57
CA LYS A 302 -18.08 -5.16 50.35
C LYS A 302 -18.06 -5.85 49.00
N SER A 303 -18.56 -7.09 48.98
CA SER A 303 -18.60 -7.91 47.78
C SER A 303 -20.03 -8.35 47.50
N SER A 304 -20.40 -8.38 46.23
CA SER A 304 -21.73 -8.78 45.79
C SER A 304 -21.64 -10.02 44.91
N LEU A 305 -22.69 -10.84 44.95
CA LEU A 305 -22.77 -12.07 44.19
C LEU A 305 -24.04 -12.08 43.36
N VAL A 306 -23.94 -12.51 42.11
CA VAL A 306 -25.08 -12.63 41.21
C VAL A 306 -25.04 -14.01 40.57
N GLU A 307 -26.22 -14.59 40.34
CA GLU A 307 -26.33 -15.96 39.86
C GLU A 307 -26.36 -15.97 38.33
N VAL A 308 -25.36 -16.60 37.73
CA VAL A 308 -25.31 -16.84 36.30
C VAL A 308 -24.87 -18.29 36.08
N LYS A 309 -25.48 -18.94 35.10
CA LYS A 309 -25.30 -20.37 34.88
C LYS A 309 -24.40 -20.61 33.68
N LYS A 310 -23.35 -21.41 33.88
CA LYS A 310 -22.47 -21.85 32.80
C LYS A 310 -21.83 -20.66 32.08
N GLY A 311 -21.46 -19.64 32.85
CA GLY A 311 -20.81 -18.49 32.25
C GLY A 311 -19.48 -18.87 31.61
N SER A 312 -19.14 -18.18 30.52
CA SER A 312 -17.92 -18.43 29.78
C SER A 312 -16.98 -17.23 29.77
N LYS A 313 -17.49 -16.03 29.53
CA LYS A 313 -16.62 -14.87 29.45
C LYS A 313 -17.40 -13.58 29.74
N THR A 314 -16.84 -12.73 30.58
CA THR A 314 -17.42 -11.42 30.86
C THR A 314 -16.89 -10.40 29.87
N ILE A 315 -17.68 -9.36 29.61
CA ILE A 315 -17.24 -8.29 28.71
C ILE A 315 -18.11 -7.07 28.94
N VAL A 316 -17.48 -5.90 28.91
CA VAL A 316 -18.18 -4.63 29.03
C VAL A 316 -18.25 -4.01 27.63
N CYS A 317 -19.46 -3.91 27.09
CA CYS A 317 -19.66 -3.40 25.74
C CYS A 317 -20.85 -2.46 25.72
N ASN A 318 -20.70 -1.35 24.98
CA ASN A 318 -21.79 -0.40 24.77
C ASN A 318 -22.37 0.07 26.10
N LYS A 319 -21.51 0.38 27.06
CA LYS A 319 -21.92 0.93 28.34
C LYS A 319 -22.81 -0.04 29.10
N GLN A 320 -22.47 -1.33 29.07
CA GLN A 320 -23.21 -2.32 29.85
C GLN A 320 -22.37 -3.58 29.98
N LEU A 321 -22.35 -4.14 31.19
CA LEU A 321 -21.64 -5.37 31.46
C LEU A 321 -22.50 -6.56 31.08
N MET A 322 -21.90 -7.54 30.40
CA MET A 322 -22.62 -8.72 29.97
C MET A 322 -21.73 -9.95 30.13
N VAL A 323 -22.27 -10.97 30.76
CA VAL A 323 -21.66 -12.29 30.75
C VAL A 323 -22.08 -13.00 29.47
N LEU A 324 -21.26 -13.95 29.04
CA LEU A 324 -21.51 -14.73 27.84
C LEU A 324 -21.33 -16.19 28.21
N SER A 325 -22.44 -16.92 28.25
CA SER A 325 -22.48 -18.33 28.59
C SER A 325 -22.59 -19.17 27.33
N HIS A 326 -22.78 -20.48 27.49
CA HIS A 326 -22.99 -21.37 26.36
C HIS A 326 -23.77 -22.57 26.83
N ASP A 327 -25.03 -22.65 26.45
CA ASP A 327 -25.90 -23.76 26.84
C ASP A 327 -25.89 -24.84 25.76
N GLU A 330 -27.99 -26.89 24.44
CA GLU A 330 -29.01 -26.79 23.40
C GLU A 330 -28.49 -26.00 22.20
N LYS A 331 -27.16 -25.94 22.07
CA LYS A 331 -26.52 -25.24 20.96
C LYS A 331 -26.92 -23.77 20.92
N GLN A 332 -26.84 -23.12 22.08
CA GLN A 332 -27.18 -21.71 22.20
C GLN A 332 -26.10 -21.00 23.00
N THR A 333 -25.99 -19.69 22.77
CA THR A 333 -24.92 -18.85 23.32
C THR A 333 -25.51 -17.65 24.03
N ILE A 334 -26.46 -17.90 24.94
CA ILE A 334 -27.18 -16.86 25.66
C ILE A 334 -26.23 -15.78 26.17
N VAL A 335 -26.56 -14.53 25.88
CA VAL A 335 -25.80 -13.37 26.37
C VAL A 335 -26.61 -12.76 27.51
N SER A 336 -26.03 -12.75 28.71
CA SER A 336 -26.73 -12.30 29.92
C SER A 336 -26.20 -10.92 30.32
N ILE A 337 -26.95 -9.89 29.99
CA ILE A 337 -26.60 -8.53 30.41
C ILE A 337 -26.92 -8.38 31.89
N ILE A 338 -25.94 -7.94 32.67
CA ILE A 338 -26.04 -7.92 34.14
C ILE A 338 -26.22 -6.49 34.60
N ASP A 339 -27.12 -6.29 35.55
CA ASP A 339 -27.32 -4.99 36.20
C ASP A 339 -27.27 -5.24 37.70
N ILE A 340 -26.23 -4.71 38.35
CA ILE A 340 -25.94 -5.14 39.72
C ILE A 340 -26.70 -4.31 40.76
N GLU A 341 -26.89 -3.01 40.54
CA GLU A 341 -27.66 -2.22 41.49
C GLU A 341 -29.09 -2.73 41.56
N LYS A 342 -29.67 -3.06 40.40
CA LYS A 342 -31.00 -3.66 40.36
C LYS A 342 -30.95 -5.16 40.63
N GLN A 343 -29.78 -5.78 40.58
CA GLN A 343 -29.63 -7.21 40.83
C GLN A 343 -30.52 -8.01 39.88
N ALA A 344 -30.22 -7.89 38.59
CA ALA A 344 -31.02 -8.54 37.57
C ALA A 344 -30.13 -8.94 36.40
N VAL A 345 -30.62 -9.91 35.63
CA VAL A 345 -29.95 -10.40 34.44
C VAL A 345 -30.97 -10.52 33.32
N GLU A 346 -30.60 -10.05 32.13
CA GLU A 346 -31.43 -10.14 30.94
C GLU A 346 -30.77 -11.09 29.96
N ALA A 347 -31.47 -12.17 29.62
CA ALA A 347 -30.91 -13.21 28.77
C ALA A 347 -31.33 -13.00 27.32
N ILE A 348 -30.36 -13.07 26.43
CA ILE A 348 -30.59 -12.92 24.99
C ILE A 348 -29.99 -14.13 24.27
N PRO A 349 -30.78 -15.18 24.00
CA PRO A 349 -30.26 -16.28 23.19
C PRO A 349 -29.88 -15.80 21.80
N LEU A 350 -28.82 -16.38 21.26
CA LEU A 350 -28.34 -16.05 19.92
C LEU A 350 -28.81 -17.10 18.92
N THR A 351 -28.50 -16.85 17.65
CA THR A 351 -28.87 -17.78 16.58
C THR A 351 -28.06 -19.07 16.71
N ASP A 352 -28.28 -19.98 15.77
CA ASP A 352 -27.61 -21.27 15.78
C ASP A 352 -26.11 -21.11 15.90
N THR A 353 -25.56 -21.65 16.99
CA THR A 353 -24.12 -21.55 17.27
C THR A 353 -23.69 -22.82 17.99
N PRO A 354 -23.43 -23.90 17.23
CA PRO A 354 -23.13 -25.19 17.87
C PRO A 354 -21.83 -25.18 18.67
N ASP A 355 -20.75 -24.69 18.06
CA ASP A 355 -19.46 -24.74 18.72
C ASP A 355 -19.41 -23.77 19.90
N GLU A 356 -18.46 -24.03 20.81
CA GLU A 356 -18.31 -23.20 22.00
C GLU A 356 -17.57 -21.91 21.67
N LEU A 357 -17.85 -20.88 22.46
CA LEU A 357 -17.20 -19.59 22.28
C LEU A 357 -15.69 -19.71 22.48
N LEU A 358 -14.93 -19.00 21.66
CA LEU A 358 -13.48 -18.93 21.81
C LEU A 358 -13.06 -17.69 22.60
N THR A 359 -13.57 -16.52 22.21
CA THR A 359 -13.32 -15.28 22.93
C THR A 359 -14.26 -14.22 22.41
N CYS A 360 -14.77 -13.39 23.32
CA CYS A 360 -15.63 -12.27 22.94
C CYS A 360 -14.78 -11.03 22.71
N LEU A 361 -15.31 -10.12 21.90
CA LEU A 361 -14.58 -8.93 21.50
C LEU A 361 -15.55 -7.78 21.31
N GLU A 362 -15.11 -6.57 21.67
CA GLU A 362 -15.89 -5.36 21.53
C GLU A 362 -15.17 -4.45 20.54
N VAL A 363 -15.78 -4.23 19.38
CA VAL A 363 -15.20 -3.40 18.33
C VAL A 363 -16.30 -2.48 17.79
N ASN A 364 -15.99 -1.19 17.69
CA ASN A 364 -16.89 -0.20 17.10
C ASN A 364 -18.25 -0.21 17.78
N GLY A 365 -18.26 -0.44 19.09
CA GLY A 365 -19.48 -0.33 19.88
C GLY A 365 -20.44 -1.50 19.78
N TYR A 366 -20.05 -2.59 19.12
CA TYR A 366 -20.88 -3.78 19.04
C TYR A 366 -20.02 -5.00 19.35
N LEU A 367 -20.61 -5.98 20.02
CA LEU A 367 -19.85 -7.14 20.44
C LEU A 367 -19.50 -7.99 19.23
N VAL A 368 -18.38 -8.70 19.32
CA VAL A 368 -17.94 -9.62 18.28
C VAL A 368 -17.60 -10.94 18.96
N VAL A 369 -18.47 -11.94 18.79
CA VAL A 369 -18.28 -13.25 19.39
C VAL A 369 -17.54 -14.12 18.40
N VAL A 370 -16.41 -14.68 18.83
CA VAL A 370 -15.56 -15.51 17.99
C VAL A 370 -15.81 -16.97 18.34
N TYR A 371 -15.91 -17.81 17.31
CA TYR A 371 -16.00 -19.25 17.46
C TYR A 371 -14.84 -19.90 16.72
N LYS A 372 -14.68 -21.20 16.95
CA LYS A 372 -13.62 -21.93 16.26
C LYS A 372 -13.83 -22.02 14.76
N GLU A 373 -15.03 -21.70 14.27
CA GLU A 373 -15.34 -21.78 12.85
C GLU A 373 -15.88 -20.48 12.26
N LYS A 374 -16.55 -19.64 13.04
CA LYS A 374 -17.16 -18.43 12.51
C LYS A 374 -17.09 -17.33 13.57
N ILE A 375 -17.36 -16.11 13.12
CA ILE A 375 -17.39 -14.92 13.96
C ILE A 375 -18.67 -14.16 13.67
N ILE A 376 -19.38 -13.77 14.72
CA ILE A 376 -20.68 -13.11 14.58
C ILE A 376 -20.65 -11.79 15.35
N CYS A 377 -21.13 -10.73 14.70
CA CYS A 377 -21.20 -9.40 15.30
C CYS A 377 -22.58 -9.23 15.94
N PHE A 378 -22.62 -9.20 17.27
CA PHE A 378 -23.85 -9.00 18.01
C PHE A 378 -24.05 -7.50 18.30
N ASP A 379 -25.22 -7.00 17.93
CA ASP A 379 -25.55 -5.59 18.14
C ASP A 379 -26.19 -5.42 19.50
N THR A 380 -25.63 -4.51 20.32
CA THR A 380 -26.08 -4.37 21.69
C THR A 380 -27.43 -3.66 21.77
N ARG A 381 -27.65 -2.64 20.93
CA ARG A 381 -28.88 -1.86 21.03
C ARG A 381 -30.09 -2.69 20.64
N ILE A 382 -30.13 -3.19 19.41
CA ILE A 382 -31.28 -3.98 18.96
C ILE A 382 -31.23 -5.41 19.46
N LYS A 383 -30.08 -5.87 19.96
CA LYS A 383 -29.95 -7.20 20.57
C LYS A 383 -30.32 -8.30 19.57
N LYS A 384 -29.54 -8.34 18.48
CA LYS A 384 -29.73 -9.35 17.46
C LYS A 384 -28.43 -9.47 16.66
N VAL A 385 -28.10 -10.71 16.27
CA VAL A 385 -26.90 -10.93 15.46
C VAL A 385 -27.09 -10.25 14.12
N SER A 386 -26.25 -9.26 13.83
CA SER A 386 -26.39 -8.46 12.61
C SER A 386 -25.51 -8.95 11.47
N HIS A 387 -24.48 -9.73 11.76
CA HIS A 387 -23.55 -10.17 10.73
C HIS A 387 -22.85 -11.44 11.20
N SER A 388 -22.59 -12.34 10.26
CA SER A 388 -21.79 -13.53 10.51
C SER A 388 -20.84 -13.74 9.35
N TRP A 389 -19.64 -14.25 9.66
CA TRP A 389 -18.68 -14.56 8.61
C TRP A 389 -17.66 -15.54 9.14
N LYS A 390 -17.24 -16.47 8.28
CA LYS A 390 -16.27 -17.48 8.62
C LYS A 390 -15.09 -17.42 7.66
N PRO A 391 -13.85 -17.50 8.15
CA PRO A 391 -12.70 -17.50 7.25
C PRO A 391 -12.39 -18.92 6.80
N PRO A 392 -11.50 -19.07 5.79
CA PRO A 392 -11.19 -20.43 5.31
C PRO A 392 -10.64 -21.34 6.39
N PHE A 393 -9.90 -20.80 7.35
CA PHE A 393 -9.26 -21.59 8.39
C PHE A 393 -10.16 -21.64 9.63
N VAL A 394 -9.63 -22.18 10.72
CA VAL A 394 -10.33 -22.26 12.00
C VAL A 394 -9.58 -21.40 13.00
N ILE A 395 -10.31 -20.53 13.71
CA ILE A 395 -9.68 -19.55 14.57
C ILE A 395 -8.98 -20.25 15.73
N LYS A 396 -7.83 -19.70 16.14
CA LYS A 396 -7.15 -20.08 17.36
C LYS A 396 -7.05 -18.92 18.33
N LEU A 397 -6.62 -17.75 17.86
CA LEU A 397 -6.62 -16.53 18.64
C LEU A 397 -7.22 -15.42 17.79
N CYS A 398 -7.94 -14.50 18.44
CA CYS A 398 -8.56 -13.40 17.74
C CYS A 398 -8.56 -12.19 18.65
N ASP A 399 -8.11 -11.04 18.13
CA ASP A 399 -8.12 -9.83 18.94
C ASP A 399 -7.95 -8.62 18.04
N LYS A 400 -8.59 -7.52 18.43
CA LYS A 400 -8.53 -6.29 17.66
C LYS A 400 -7.19 -5.60 17.93
N ILE A 401 -6.43 -5.35 16.87
CA ILE A 401 -5.16 -4.67 17.01
C ILE A 401 -5.32 -3.16 16.92
N ASN A 402 -6.35 -2.68 16.21
CA ASN A 402 -6.71 -1.27 16.21
C ASN A 402 -8.23 -1.20 16.27
N ASP A 403 -8.77 0.01 16.07
CA ASP A 403 -10.21 0.20 16.23
C ASP A 403 -11.00 -0.55 15.16
N LYS A 404 -10.41 -0.77 13.98
CA LYS A 404 -11.12 -1.39 12.86
C LYS A 404 -10.53 -2.75 12.50
N ILE A 405 -9.24 -2.83 12.19
CA ILE A 405 -8.65 -4.08 11.79
C ILE A 405 -8.50 -4.98 13.01
N LEU A 406 -8.59 -6.29 12.79
CA LEU A 406 -8.39 -7.28 13.85
C LEU A 406 -7.51 -8.41 13.33
N LEU A 407 -6.87 -9.10 14.27
CA LEU A 407 -5.90 -10.15 13.98
C LEU A 407 -6.53 -11.49 14.29
N LEU A 408 -6.43 -12.41 13.31
CA LEU A 408 -6.86 -13.79 13.45
C LEU A 408 -5.66 -14.71 13.27
N VAL A 409 -5.53 -15.71 14.14
CA VAL A 409 -4.46 -16.69 14.06
C VAL A 409 -5.09 -18.05 13.79
N SER A 410 -4.65 -18.70 12.72
CA SER A 410 -5.19 -20.01 12.35
C SER A 410 -4.78 -21.05 13.38
N GLU A 411 -5.26 -22.28 13.17
CA GLU A 411 -4.94 -23.35 14.11
C GLU A 411 -3.46 -23.71 14.07
N ASP A 412 -2.81 -23.55 12.91
CA ASP A 412 -1.39 -23.86 12.82
C ASP A 412 -0.57 -22.95 13.71
N SER A 413 -1.03 -21.73 13.96
CA SER A 413 -0.40 -20.73 14.81
C SER A 413 0.83 -20.11 14.18
N VAL A 414 1.22 -20.52 12.97
CA VAL A 414 2.45 -20.02 12.36
C VAL A 414 2.23 -18.73 11.57
N ASN A 415 0.99 -18.38 11.25
CA ASN A 415 0.70 -17.21 10.42
C ASN A 415 -0.42 -16.40 11.04
N ILE A 416 -0.43 -15.11 10.71
CA ILE A 416 -1.42 -14.16 11.21
C ILE A 416 -2.18 -13.58 10.02
N HIS A 417 -3.40 -13.12 10.27
CA HIS A 417 -4.24 -12.53 9.23
C HIS A 417 -4.88 -11.26 9.77
N PHE A 418 -4.58 -10.13 9.12
CA PHE A 418 -5.29 -8.89 9.38
C PHE A 418 -6.58 -8.90 8.56
N TYR A 419 -7.71 -9.00 9.26
CA TYR A 419 -9.04 -8.95 8.67
C TYR A 419 -9.72 -7.67 9.10
N THR A 420 -10.58 -7.12 8.23
CA THR A 420 -11.38 -6.00 8.63
C THR A 420 -12.57 -6.49 9.47
N GLU A 421 -13.26 -5.54 10.11
CA GLU A 421 -14.32 -5.90 11.04
C GLU A 421 -15.43 -6.69 10.37
N PHE A 422 -15.62 -6.50 9.06
CA PHE A 422 -16.68 -7.17 8.33
C PHE A 422 -16.24 -8.47 7.68
N GLY A 423 -14.99 -8.88 7.85
CA GLY A 423 -14.52 -10.17 7.40
C GLY A 423 -13.73 -10.17 6.10
N ASN A 424 -13.53 -9.02 5.48
CA ASN A 424 -12.72 -8.95 4.27
C ASN A 424 -11.24 -9.05 4.62
N LEU A 425 -10.54 -10.00 4.00
CA LEU A 425 -9.13 -10.18 4.28
C LEU A 425 -8.34 -8.97 3.81
N LEU A 426 -7.51 -8.43 4.69
CA LEU A 426 -6.62 -7.31 4.38
C LEU A 426 -5.20 -7.76 4.12
N PHE A 427 -4.61 -8.50 5.07
CA PHE A 427 -3.22 -8.92 4.95
C PHE A 427 -3.07 -10.33 5.52
N ALA A 428 -2.14 -11.10 4.97
CA ALA A 428 -1.92 -12.46 5.43
C ALA A 428 -0.48 -12.86 5.16
N THR A 429 0.11 -13.60 6.10
CA THR A 429 1.43 -14.19 5.94
C THR A 429 1.24 -15.66 5.56
N TYR A 430 1.58 -16.00 4.32
CA TYR A 430 1.35 -17.35 3.80
C TYR A 430 2.58 -18.23 4.06
N PHE A 431 2.84 -18.46 5.34
CA PHE A 431 3.89 -19.38 5.77
C PHE A 431 3.37 -20.80 5.62
N ASP A 432 4.16 -21.78 6.07
CA ASP A 432 3.79 -23.19 5.97
C ASP A 432 3.56 -23.60 4.52
N GLU A 433 4.34 -23.00 3.61
CA GLU A 433 4.25 -23.28 2.19
C GLU A 433 5.20 -24.40 1.75
N ASP A 434 5.52 -25.32 2.66
CA ASP A 434 6.45 -26.41 2.38
C ASP A 434 7.82 -25.86 1.97
N ASP A 435 8.21 -24.74 2.60
CA ASP A 435 9.54 -24.20 2.38
C ASP A 435 10.63 -25.10 2.94
N TYR A 436 10.30 -25.96 3.90
CA TYR A 436 11.26 -26.88 4.49
C TYR A 436 11.51 -28.05 3.55
N ALA A 453 12.64 -27.75 14.34
CA ALA A 453 11.64 -27.41 13.33
C ALA A 453 11.80 -25.96 12.88
N ALA A 454 12.33 -25.12 13.77
CA ALA A 454 12.55 -23.70 13.48
C ALA A 454 11.24 -23.01 13.12
N GLU A 455 10.14 -23.45 13.72
CA GLU A 455 8.82 -22.85 13.49
C GLU A 455 8.43 -21.99 14.69
N TYR A 456 7.85 -20.83 14.41
CA TYR A 456 7.43 -19.88 15.43
C TYR A 456 5.91 -19.96 15.57
N LYS A 457 5.45 -20.56 16.67
CA LYS A 457 4.03 -20.72 16.94
C LYS A 457 3.58 -19.63 17.89
N ILE A 458 2.62 -18.82 17.46
CA ILE A 458 2.19 -17.66 18.23
C ILE A 458 1.25 -18.11 19.34
N SER A 459 1.34 -17.42 20.48
CA SER A 459 0.44 -17.64 21.61
C SER A 459 -0.39 -16.42 21.95
N ASP A 460 0.11 -15.22 21.70
CA ASP A 460 -0.65 -13.99 21.92
C ASP A 460 0.03 -12.86 21.16
N PHE A 461 -0.59 -11.68 21.20
CA PHE A 461 -0.08 -10.54 20.46
C PHE A 461 -0.68 -9.27 21.03
N VAL A 462 0.10 -8.19 20.97
CA VAL A 462 -0.33 -6.88 21.45
C VAL A 462 0.09 -5.83 20.44
N CYS A 463 -0.84 -4.96 20.06
CA CYS A 463 -0.57 -3.88 19.12
C CYS A 463 -0.72 -2.55 19.82
N LEU A 464 0.22 -1.65 19.59
CA LEU A 464 0.21 -0.32 20.19
C LEU A 464 1.21 0.56 19.46
N ASP A 465 0.82 1.80 19.20
CA ASP A 465 1.70 2.77 18.55
C ASP A 465 2.20 2.23 17.21
N LYS A 466 1.30 1.61 16.45
CA LYS A 466 1.62 1.06 15.13
C LYS A 466 2.79 0.08 15.21
N SER A 467 2.75 -0.80 16.22
CA SER A 467 3.79 -1.82 16.39
C SER A 467 3.15 -3.04 17.01
N LEU A 468 3.13 -4.14 16.25
CA LEU A 468 2.55 -5.40 16.72
C LEU A 468 3.66 -6.29 17.25
N ILE A 469 3.52 -6.70 18.51
CA ILE A 469 4.44 -7.62 19.15
C ILE A 469 3.70 -8.94 19.31
N THR A 470 4.12 -9.94 18.55
CA THR A 470 3.60 -11.30 18.70
C THR A 470 4.54 -12.09 19.59
N VAL A 471 4.00 -13.05 20.32
CA VAL A 471 4.76 -13.82 21.29
C VAL A 471 4.50 -15.30 21.06
N SER A 472 5.43 -16.13 21.53
CA SER A 472 5.32 -17.57 21.35
C SER A 472 5.58 -18.29 22.67
N HIS A 473 5.04 -19.51 22.76
CA HIS A 473 5.28 -20.36 23.92
C HIS A 473 6.72 -20.81 24.05
N SER A 474 7.53 -20.65 23.00
CA SER A 474 8.92 -21.06 23.03
C SER A 474 9.84 -20.01 23.64
N GLY A 475 9.29 -18.94 24.21
CA GLY A 475 10.08 -17.90 24.83
C GLY A 475 10.58 -16.84 23.88
N LYS A 476 10.16 -16.85 22.62
CA LYS A 476 10.60 -15.87 21.63
C LYS A 476 9.42 -15.04 21.14
N TYR A 477 9.72 -13.82 20.74
CA TYR A 477 8.71 -12.91 20.24
C TYR A 477 9.22 -12.16 19.01
N GLN A 478 8.27 -11.61 18.28
CA GLN A 478 8.52 -10.88 17.04
C GLN A 478 7.95 -9.48 17.19
N VAL A 479 8.78 -8.48 16.95
CA VAL A 479 8.36 -7.08 17.01
C VAL A 479 8.14 -6.62 15.58
N TRP A 480 6.88 -6.29 15.25
CA TRP A 480 6.52 -5.82 13.93
C TRP A 480 6.39 -4.30 13.96
N LYS A 481 6.77 -3.66 12.87
CA LYS A 481 6.52 -2.24 12.64
C LYS A 481 5.54 -2.13 11.49
N LEU A 482 4.36 -1.59 11.77
CA LEU A 482 3.26 -1.57 10.83
C LEU A 482 3.01 -0.15 10.31
N TRP A 483 2.49 -0.07 9.09
CA TRP A 483 1.97 1.19 8.58
C TRP A 483 0.62 1.48 9.23
N GLU A 484 -0.02 2.56 8.81
CA GLU A 484 -1.34 2.91 9.34
C GLU A 484 -1.97 3.91 8.39
N GLU A 485 -3.15 3.58 7.87
CA GLU A 485 -3.89 4.53 7.06
C GLU A 485 -4.39 5.67 7.94
N ILE A 486 -4.31 6.89 7.42
CA ILE A 486 -4.73 8.09 8.13
C ILE A 486 -5.75 8.81 7.26
N LYS A 487 -6.86 9.24 7.87
CA LYS A 487 -7.96 9.79 7.11
C LYS A 487 -7.53 11.00 6.30
N GLN A 488 -8.04 11.10 5.08
CA GLN A 488 -7.73 12.19 4.16
C GLN A 488 -8.92 13.12 4.04
N THR A 489 -8.82 14.09 3.14
CA THR A 489 -9.94 14.98 2.88
C THR A 489 -11.17 14.15 2.53
N GLN A 490 -12.23 14.31 3.32
CA GLN A 490 -13.35 13.39 3.23
C GLN A 490 -14.14 13.64 1.95
N PHE A 491 -13.70 13.04 0.86
CA PHE A 491 -14.47 12.94 -0.37
C PHE A 491 -14.73 14.31 -0.99
N ASP A 492 -13.63 14.96 -1.39
CA ASP A 492 -13.72 16.06 -2.35
C ASP A 492 -14.15 15.48 -3.69
N PHE A 493 -15.36 15.84 -4.14
CA PHE A 493 -15.98 15.16 -5.27
C PHE A 493 -15.27 15.41 -6.59
N ARG A 494 -14.35 16.37 -6.66
CA ARG A 494 -13.78 16.74 -7.95
C ARG A 494 -12.88 15.64 -8.50
N ASN A 495 -12.01 15.08 -7.69
CA ASN A 495 -11.02 14.11 -8.13
C ASN A 495 -10.97 12.95 -7.16
N PRO A 496 -10.41 11.81 -7.59
CA PRO A 496 -10.35 10.64 -6.70
C PRO A 496 -9.50 10.93 -5.46
N LYS A 497 -9.87 10.27 -4.36
CA LYS A 497 -9.16 10.45 -3.11
C LYS A 497 -7.82 9.75 -3.13
N CYS A 498 -6.90 10.24 -2.30
CA CYS A 498 -5.58 9.62 -2.14
C CYS A 498 -5.58 8.69 -0.94
N TYR A 499 -4.79 7.62 -1.05
CA TYR A 499 -4.64 6.64 0.03
C TYR A 499 -3.23 6.80 0.58
N VAL A 500 -3.11 7.23 1.83
CA VAL A 500 -1.82 7.51 2.44
C VAL A 500 -1.70 6.73 3.74
N LEU A 501 -0.52 6.16 3.96
CA LEU A 501 -0.15 5.45 5.16
C LEU A 501 0.97 6.21 5.86
N THR A 502 1.06 6.06 7.18
CA THR A 502 2.09 6.73 7.96
C THR A 502 2.73 5.72 8.91
N ASN A 503 3.98 6.00 9.28
CA ASN A 503 4.77 5.10 10.11
C ASN A 503 5.31 5.85 11.31
N THR A 504 5.65 5.09 12.37
CA THR A 504 6.25 5.69 13.56
C THR A 504 7.66 6.21 13.32
N ASN A 505 8.26 5.91 12.16
CA ASN A 505 9.56 6.44 11.79
C ASN A 505 9.45 7.74 11.00
N ASN A 506 8.41 8.53 11.26
CA ASN A 506 8.10 9.76 10.53
C ASN A 506 8.31 9.58 9.03
N ASP A 507 7.58 8.62 8.48
CA ASP A 507 7.55 8.35 7.06
C ASP A 507 6.10 8.26 6.59
N VAL A 508 5.85 8.70 5.36
CA VAL A 508 4.51 8.70 4.78
C VAL A 508 4.60 8.08 3.39
N ILE A 509 3.68 7.17 3.09
CA ILE A 509 3.50 6.64 1.75
C ILE A 509 2.20 7.20 1.21
N ILE A 510 2.23 7.68 -0.02
CA ILE A 510 1.08 8.27 -0.68
C ILE A 510 0.86 7.56 -2.00
N TYR A 511 -0.37 7.13 -2.26
CA TYR A 511 -0.76 6.54 -3.53
C TYR A 511 -1.99 7.29 -4.04
N SER A 512 -1.93 7.71 -5.30
CA SER A 512 -3.03 8.40 -5.95
C SER A 512 -3.22 7.81 -7.34
N PRO A 513 -4.46 7.59 -7.77
CA PRO A 513 -4.68 7.04 -9.12
C PRO A 513 -4.27 8.04 -10.20
N VAL A 514 -4.33 7.58 -11.44
CA VAL A 514 -3.93 8.41 -12.57
C VAL A 514 -5.03 9.36 -13.04
N THR A 515 -6.25 9.18 -12.56
CA THR A 515 -7.37 10.04 -12.93
C THR A 515 -7.75 9.87 -14.40
N SER A 516 -7.40 10.84 -15.24
CA SER A 516 -7.92 10.86 -16.60
C SER A 516 -7.24 9.81 -17.48
N SER A 517 -5.94 9.59 -17.30
CA SER A 517 -5.20 8.71 -18.19
C SER A 517 -5.69 7.28 -18.06
N SER A 518 -5.38 6.48 -19.09
CA SER A 518 -5.81 5.09 -19.16
C SER A 518 -4.78 4.11 -18.64
N ILE A 519 -3.63 4.58 -18.16
CA ILE A 519 -2.57 3.73 -17.63
C ILE A 519 -2.55 3.87 -16.11
N ASN A 520 -2.56 2.74 -15.41
CA ASN A 520 -2.65 2.74 -13.96
C ASN A 520 -1.33 3.14 -13.34
N ASN A 521 -1.42 3.81 -12.19
CA ASN A 521 -0.25 4.22 -11.43
C ASN A 521 0.14 3.10 -10.46
N ASP A 522 1.33 2.54 -10.65
CA ASP A 522 1.80 1.41 -9.86
C ASP A 522 2.75 1.82 -8.74
N ASN A 523 3.05 3.11 -8.60
CA ASN A 523 4.11 3.57 -7.72
C ASN A 523 3.53 4.21 -6.46
N LEU A 524 4.30 4.11 -5.38
CA LEU A 524 3.98 4.73 -4.10
C LEU A 524 5.04 5.77 -3.79
N GLN A 525 4.60 7.00 -3.50
CA GLN A 525 5.50 8.11 -3.22
C GLN A 525 5.82 8.14 -1.73
N VAL A 526 7.10 8.32 -1.41
CA VAL A 526 7.56 8.33 -0.02
C VAL A 526 7.95 9.75 0.36
N ILE A 527 7.39 10.23 1.46
CA ILE A 527 7.67 11.56 2.00
C ILE A 527 8.26 11.37 3.40
N LYS A 528 9.44 11.95 3.62
CA LYS A 528 10.12 11.89 4.91
C LYS A 528 9.97 13.24 5.58
N LEU A 529 9.42 13.25 6.80
CA LEU A 529 9.28 14.48 7.53
C LEU A 529 10.66 15.04 7.89
N PRO A 530 10.79 16.37 8.00
CA PRO A 530 12.13 16.95 8.26
C PRO A 530 12.51 16.94 9.74
N THR A 531 12.96 15.78 10.20
CA THR A 531 13.30 15.64 11.61
C THR A 531 14.02 14.31 11.82
N LYS A 532 14.99 14.30 12.73
CA LYS A 532 15.66 13.09 13.15
C LYS A 532 15.07 12.51 14.44
N THR A 533 14.07 13.16 15.01
CA THR A 533 13.41 12.64 16.19
C THR A 533 12.43 11.52 15.79
N PHE A 534 12.09 10.69 16.77
CA PHE A 534 11.22 9.54 16.54
C PHE A 534 10.07 9.46 17.53
N ASN A 535 9.69 10.59 18.14
CA ASN A 535 8.56 10.65 19.05
C ASN A 535 7.45 11.54 18.49
N ASN A 536 7.33 11.61 17.17
CA ASN A 536 6.34 12.46 16.52
C ASN A 536 5.10 11.63 16.23
N HIS A 537 3.96 12.05 16.81
CA HIS A 537 2.67 11.40 16.58
C HIS A 537 1.95 12.18 15.50
N ILE A 538 1.99 11.66 14.27
CA ILE A 538 1.36 12.33 13.13
C ILE A 538 -0.14 12.04 13.21
N ALA A 539 -0.90 13.00 13.75
CA ALA A 539 -2.32 12.82 13.97
C ALA A 539 -3.17 13.18 12.76
N PHE A 540 -2.66 14.06 11.89
CA PHE A 540 -3.38 14.47 10.68
C PHE A 540 -2.41 14.56 9.53
N VAL A 541 -2.81 14.03 8.38
CA VAL A 541 -2.07 14.17 7.11
C VAL A 541 -3.10 14.29 6.01
N LYS A 542 -3.14 15.45 5.35
CA LYS A 542 -4.12 15.72 4.31
C LYS A 542 -3.43 16.25 3.06
N ILE A 543 -3.87 15.78 1.90
CA ILE A 543 -3.37 16.22 0.61
C ILE A 543 -4.45 17.06 -0.05
N ASN A 544 -4.11 18.28 -0.44
CA ASN A 544 -5.05 19.12 -1.14
C ASN A 544 -5.26 18.63 -2.56
N SER A 545 -6.32 19.13 -3.19
CA SER A 545 -6.56 18.78 -4.59
C SER A 545 -5.42 19.28 -5.46
N SER A 546 -5.11 18.52 -6.50
CA SER A 546 -3.99 18.73 -7.42
C SER A 546 -2.67 18.25 -6.81
N LEU A 547 -2.67 17.79 -5.56
CA LEU A 547 -1.48 17.20 -4.94
C LEU A 547 -0.31 18.18 -4.93
N ARG A 548 -0.61 19.45 -4.70
CA ARG A 548 0.42 20.50 -4.65
C ARG A 548 0.62 21.04 -3.24
N LEU A 549 0.12 20.34 -2.22
CA LEU A 549 0.29 20.78 -0.85
C LEU A 549 0.01 19.60 0.07
N PHE A 550 0.69 19.57 1.21
CA PHE A 550 0.66 18.45 2.14
C PHE A 550 0.62 19.03 3.54
N ALA A 551 -0.54 18.99 4.19
CA ALA A 551 -0.71 19.57 5.51
C ALA A 551 -0.73 18.45 6.55
N THR A 552 0.25 18.45 7.44
CA THR A 552 0.34 17.44 8.49
C THR A 552 0.46 18.13 9.84
N TYR A 553 0.07 17.39 10.88
CA TYR A 553 0.05 17.91 12.23
C TYR A 553 0.65 16.90 13.19
N VAL A 554 1.61 17.35 14.00
CA VAL A 554 2.20 16.54 15.06
C VAL A 554 1.62 17.02 16.38
N SER A 555 0.87 16.14 17.04
CA SER A 555 0.10 16.53 18.22
C SER A 555 0.96 16.58 19.47
N ASN A 556 1.83 15.58 19.67
CA ASN A 556 2.61 15.52 20.90
C ASN A 556 3.49 16.75 21.08
N LYS A 557 3.82 17.46 19.99
CA LYS A 557 4.58 18.70 20.05
C LYS A 557 3.80 19.89 19.51
N ASN A 558 2.58 19.69 19.02
CA ASN A 558 1.72 20.77 18.58
C ASN A 558 2.39 21.61 17.49
N ILE A 559 2.70 20.95 16.37
CA ILE A 559 3.38 21.60 15.26
C ILE A 559 2.63 21.28 13.98
N LEU A 560 2.31 22.32 13.21
CA LEU A 560 1.71 22.16 11.89
C LEU A 560 2.79 22.30 10.84
N LEU A 561 2.74 21.45 9.82
CA LEU A 561 3.73 21.49 8.74
C LEU A 561 3.01 21.51 7.40
N ILE A 562 3.32 22.51 6.58
CA ILE A 562 2.81 22.62 5.22
C ILE A 562 3.98 22.32 4.29
N HIS A 563 3.84 21.27 3.48
CA HIS A 563 4.90 20.79 2.60
C HIS A 563 4.42 20.95 1.16
N ASN A 564 5.06 21.86 0.44
CA ASN A 564 4.82 22.04 -0.99
C ASN A 564 5.52 20.91 -1.73
N LEU A 565 4.73 20.01 -2.31
CA LEU A 565 5.30 18.82 -2.95
C LEU A 565 5.98 19.17 -4.27
N GLU A 566 5.42 20.12 -5.02
CA GLU A 566 6.01 20.47 -6.31
C GLU A 566 7.43 21.00 -6.14
N THR A 567 7.64 21.87 -5.15
CA THR A 567 8.96 22.40 -4.85
C THR A 567 9.65 21.68 -3.70
N ASN A 568 8.96 20.77 -3.02
CA ASN A 568 9.54 20.01 -1.91
C ASN A 568 10.07 20.96 -0.83
N MET A 569 9.20 21.88 -0.39
CA MET A 569 9.57 22.89 0.59
C MET A 569 8.68 22.77 1.82
N TRP A 570 9.30 22.66 2.99
CA TRP A 570 8.60 22.52 4.25
C TRP A 570 8.50 23.88 4.94
N SER A 571 7.36 24.12 5.59
CA SER A 571 7.16 25.32 6.42
C SER A 571 6.44 24.90 7.68
N SER A 572 7.03 25.21 8.83
CA SER A 572 6.53 24.75 10.12
C SER A 572 5.97 25.92 10.93
N PHE A 573 4.83 25.68 11.58
CA PHE A 573 4.19 26.63 12.47
C PHE A 573 4.05 25.98 13.84
N ALA A 574 4.65 26.58 14.85
CA ALA A 574 4.69 26.01 16.19
C ALA A 574 3.56 26.56 17.05
N ASP A 575 3.25 25.81 18.11
CA ASP A 575 2.23 26.19 19.08
C ASP A 575 0.86 26.33 18.41
N GLN A 576 0.42 25.24 17.81
CA GLN A 576 -0.91 25.13 17.21
C GLN A 576 -1.64 23.97 17.86
N ASN A 577 -2.90 24.20 18.23
CA ASN A 577 -3.68 23.21 18.96
C ASN A 577 -4.84 22.71 18.11
N VAL A 578 -4.57 22.39 16.85
CA VAL A 578 -5.63 22.03 15.92
C VAL A 578 -6.28 20.73 16.38
N LEU A 579 -7.60 20.73 16.46
CA LEU A 579 -8.35 19.52 16.77
C LEU A 579 -8.80 18.78 15.52
N ASP A 580 -8.95 19.49 14.40
CA ASP A 580 -9.31 18.85 13.15
C ASP A 580 -8.78 19.68 11.99
N LEU A 581 -8.48 19.00 10.88
CA LEU A 581 -7.89 19.64 9.71
C LEU A 581 -8.57 19.10 8.46
N HIS A 582 -8.92 20.00 7.53
CA HIS A 582 -9.51 19.61 6.27
C HIS A 582 -9.11 20.60 5.20
N TRP A 583 -9.20 20.17 3.95
CA TRP A 583 -8.97 21.03 2.80
C TRP A 583 -10.30 21.40 2.16
N LEU A 584 -10.51 22.70 1.95
CA LEU A 584 -11.72 23.20 1.31
C LEU A 584 -11.53 23.41 -0.19
N GLY A 585 -10.63 22.66 -0.82
CA GLY A 585 -10.41 22.77 -2.24
C GLY A 585 -9.20 23.61 -2.60
N ASP A 586 -8.11 22.93 -3.01
CA ASP A 586 -6.89 23.59 -3.44
C ASP A 586 -6.28 24.31 -2.24
N ASN A 587 -6.14 25.64 -2.25
CA ASN A 587 -5.40 26.35 -1.21
C ASN A 587 -6.39 26.92 -0.19
N TYR A 588 -6.90 26.04 0.67
CA TYR A 588 -7.78 26.47 1.76
C TYR A 588 -7.77 25.40 2.84
N LEU A 589 -7.58 25.82 4.08
CA LEU A 589 -7.43 24.90 5.20
C LEU A 589 -8.50 25.22 6.24
N VAL A 590 -9.53 24.38 6.32
CA VAL A 590 -10.52 24.47 7.38
C VAL A 590 -9.93 23.81 8.61
N CYS A 591 -9.70 24.58 9.66
CA CYS A 591 -8.98 24.11 10.84
C CYS A 591 -9.85 24.31 12.06
N HIS A 592 -10.29 23.21 12.66
CA HIS A 592 -10.97 23.25 13.95
C HIS A 592 -9.92 23.30 15.04
N MET A 593 -9.76 24.47 15.66
CA MET A 593 -8.68 24.76 16.59
C MET A 593 -9.20 24.84 18.02
N LYS A 594 -8.30 24.62 18.97
CA LYS A 594 -8.58 24.80 20.39
C LYS A 594 -7.79 26.00 20.90
N ASN A 595 -8.50 26.93 21.53
CA ASN A 595 -7.89 28.15 22.07
C ASN A 595 -7.60 27.95 23.54
N ASP A 596 -6.34 28.11 23.94
CA ASP A 596 -5.97 27.93 25.33
C ASP A 596 -6.69 28.94 26.24
N ASP A 597 -7.04 30.10 25.69
CA ASP A 597 -7.71 31.14 26.48
C ASP A 597 -9.13 30.69 26.79
N GLY A 598 -9.34 30.20 28.01
CA GLY A 598 -10.64 29.72 28.42
C GLY A 598 -11.00 28.35 27.92
N SER A 599 -10.07 27.64 27.28
CA SER A 599 -10.31 26.31 26.72
C SER A 599 -11.41 26.33 25.66
N THR A 600 -11.72 27.49 25.11
CA THR A 600 -12.70 27.58 24.03
C THR A 600 -12.09 27.09 22.73
N ASN A 601 -12.94 26.64 21.82
CA ASN A 601 -12.54 26.14 20.51
C ASN A 601 -13.19 26.96 19.42
N LEU A 602 -12.48 27.11 18.32
CA LEU A 602 -12.93 27.91 17.18
C LEU A 602 -12.77 27.10 15.90
N LYS A 603 -13.27 27.66 14.81
CA LYS A 603 -13.08 27.12 13.47
C LYS A 603 -12.50 28.23 12.61
N CYS A 604 -11.23 28.12 12.26
CA CYS A 604 -10.56 29.06 11.39
C CYS A 604 -10.47 28.49 9.98
N LEU A 605 -10.15 29.37 9.03
CA LEU A 605 -9.97 28.97 7.64
C LEU A 605 -8.75 29.70 7.08
N GLN A 606 -7.62 29.02 7.08
CA GLN A 606 -6.39 29.58 6.53
C GLN A 606 -6.38 29.46 5.01
N ILE A 607 -5.52 30.25 4.39
CA ILE A 607 -5.29 30.20 2.94
C ILE A 607 -3.79 30.08 2.72
N PRO A 608 -3.19 28.92 2.98
CA PRO A 608 -1.72 28.81 2.86
C PRO A 608 -1.26 28.92 1.42
N LEU A 609 -0.58 30.02 1.10
CA LEU A 609 -0.02 30.20 -0.23
C LEU A 609 1.25 29.37 -0.38
N GLN A 610 1.68 29.21 -1.63
CA GLN A 610 2.84 28.37 -1.90
C GLN A 610 4.12 28.95 -1.30
N GLU A 611 4.32 30.25 -1.42
CA GLU A 611 5.57 30.91 -1.03
C GLU A 611 5.30 31.87 0.13
N ALA A 612 6.00 31.68 1.24
CA ALA A 612 5.95 32.57 2.39
C ALA A 612 7.33 33.17 2.59
N ASN A 613 7.44 34.48 2.42
CA ASN A 613 8.74 35.14 2.41
C ASN A 613 9.27 35.37 3.83
N PRO A 614 8.53 36.02 4.72
CA PRO A 614 9.09 36.43 6.02
C PRO A 614 8.90 35.42 7.15
N ASP A 615 8.45 34.21 6.87
CA ASP A 615 8.13 33.22 7.90
C ASP A 615 7.00 33.73 8.78
N VAL A 616 5.85 33.95 8.15
CA VAL A 616 4.67 34.49 8.82
C VAL A 616 4.16 33.47 9.84
N GLU A 617 3.31 33.92 10.75
CA GLU A 617 2.64 33.04 11.68
C GLU A 617 1.34 32.54 11.06
N LEU A 618 0.86 31.39 11.54
CA LEU A 618 -0.37 30.82 11.01
C LEU A 618 -1.58 31.70 11.28
N SER A 619 -1.48 32.62 12.24
CA SER A 619 -2.64 33.45 12.58
C SER A 619 -3.04 34.37 11.43
N ASP A 620 -2.05 34.95 10.73
CA ASP A 620 -2.37 35.97 9.73
C ASP A 620 -2.99 35.38 8.47
N TYR A 621 -2.85 34.07 8.25
CA TYR A 621 -3.47 33.45 7.08
C TYR A 621 -4.99 33.38 7.20
N VAL A 622 -5.53 33.44 8.41
CA VAL A 622 -6.96 33.27 8.59
C VAL A 622 -7.71 34.41 7.90
N MET A 623 -8.76 34.05 7.17
CA MET A 623 -9.67 35.02 6.58
C MET A 623 -11.11 34.86 7.05
N TRP A 624 -11.43 33.78 7.75
CA TRP A 624 -12.76 33.57 8.30
C TRP A 624 -12.61 32.82 9.63
N GLU A 625 -13.50 33.13 10.57
CA GLU A 625 -13.45 32.52 11.89
C GLU A 625 -14.87 32.35 12.41
N TYR A 626 -15.13 31.22 13.05
CA TYR A 626 -16.41 30.93 13.67
C TYR A 626 -16.18 30.47 15.10
N ASN A 627 -16.72 31.20 16.07
CA ASN A 627 -16.54 30.87 17.47
C ASN A 627 -17.61 29.85 17.88
N VAL A 628 -17.19 28.64 18.22
CA VAL A 628 -18.14 27.63 18.65
C VAL A 628 -18.79 28.08 19.96
N PRO A 629 -20.10 27.91 20.15
CA PRO A 629 -20.70 28.29 21.44
C PRO A 629 -20.07 27.53 22.59
N GLU A 630 -19.96 28.21 23.73
CA GLU A 630 -19.23 27.64 24.86
C GLU A 630 -19.87 26.34 25.34
N ASN A 631 -21.20 26.32 25.47
CA ASN A 631 -21.85 25.14 26.03
C ASN A 631 -21.82 23.97 25.05
N THR A 632 -22.00 24.23 23.76
CA THR A 632 -22.08 23.16 22.79
C THR A 632 -20.74 22.44 22.68
N ILE A 633 -20.80 21.13 22.48
CA ILE A 633 -19.62 20.29 22.32
C ILE A 633 -19.61 19.75 20.89
N VAL A 634 -18.51 19.94 20.20
CA VAL A 634 -18.38 19.52 18.80
C VAL A 634 -17.94 18.06 18.78
N PHE A 635 -18.74 17.22 18.11
CA PHE A 635 -18.40 15.81 17.98
C PHE A 635 -17.47 15.53 16.82
N SER A 636 -17.59 16.29 15.72
CA SER A 636 -16.76 16.08 14.55
C SER A 636 -17.00 17.24 13.59
N LEU A 637 -16.13 17.33 12.57
CA LEU A 637 -16.24 18.34 11.54
C LEU A 637 -16.00 17.67 10.20
N HIS A 638 -16.86 17.97 9.22
CA HIS A 638 -16.80 17.36 7.90
C HIS A 638 -16.86 18.45 6.85
N VAL A 639 -15.95 18.36 5.87
CA VAL A 639 -15.82 19.35 4.81
C VAL A 639 -15.93 18.63 3.47
N ASN A 640 -16.94 18.98 2.69
CA ASN A 640 -17.15 18.40 1.36
C ASN A 640 -17.00 19.49 0.31
N THR A 641 -16.19 19.22 -0.71
CA THR A 641 -15.98 20.14 -1.82
C THR A 641 -16.79 19.64 -3.00
N LEU A 642 -17.84 20.38 -3.36
CA LEU A 642 -18.77 19.92 -4.37
C LEU A 642 -18.11 19.92 -5.75
N SER A 643 -18.61 19.04 -6.61
CA SER A 643 -18.15 18.96 -7.99
C SER A 643 -18.93 19.89 -8.91
N ARG A 644 -20.25 19.93 -8.77
CA ARG A 644 -21.11 20.86 -9.49
C ARG A 644 -21.64 21.89 -8.50
N TYR A 645 -21.51 23.17 -8.87
CA TYR A 645 -21.84 24.27 -7.97
C TYR A 645 -23.19 24.85 -8.35
N LYS A 646 -24.10 24.93 -7.38
CA LYS A 646 -25.41 25.52 -7.62
C LYS A 646 -25.29 27.03 -7.77
N LEU A 647 -26.11 27.60 -8.65
CA LEU A 647 -26.10 29.04 -8.88
C LEU A 647 -26.78 29.74 -7.71
N LEU A 648 -26.12 30.79 -7.18
CA LEU A 648 -26.69 31.53 -6.07
C LEU A 648 -27.96 32.27 -6.46
N LYS A 649 -28.14 32.58 -7.74
CA LYS A 649 -29.32 33.30 -8.22
C LYS A 649 -29.47 34.67 -7.56
N MET A 650 -28.33 35.28 -7.22
CA MET A 650 -28.33 36.60 -6.59
C MET A 650 -29.15 36.60 -5.31
N GLN A 661 -21.54 43.41 -12.79
CA GLN A 661 -20.56 42.43 -12.33
C GLN A 661 -21.19 41.44 -11.36
N PRO A 662 -22.00 40.51 -11.88
CA PRO A 662 -22.60 39.49 -11.01
C PRO A 662 -21.57 38.65 -10.28
N ASP A 663 -20.40 38.43 -10.87
CA ASP A 663 -19.30 37.68 -10.28
C ASP A 663 -19.59 36.18 -10.17
N ALA A 664 -20.79 35.75 -10.57
CA ALA A 664 -21.15 34.33 -10.65
C ALA A 664 -20.81 33.61 -9.34
N LEU A 665 -21.48 34.01 -8.27
CA LEU A 665 -21.29 33.35 -6.99
C LEU A 665 -21.94 31.98 -7.01
N LEU A 666 -21.22 30.97 -6.50
CA LEU A 666 -21.69 29.59 -6.51
C LEU A 666 -21.31 28.92 -5.21
N LYS A 667 -22.00 27.83 -4.90
CA LYS A 667 -21.75 27.03 -3.70
C LYS A 667 -20.59 26.08 -4.00
N THR A 668 -19.37 26.55 -3.74
CA THR A 668 -18.20 25.77 -4.15
C THR A 668 -18.01 24.56 -3.24
N ALA A 669 -18.21 24.72 -1.94
CA ALA A 669 -18.01 23.64 -0.98
C ALA A 669 -19.06 23.77 0.11
N GLU A 670 -18.89 23.01 1.19
CA GLU A 670 -19.81 23.08 2.32
C GLU A 670 -19.12 22.49 3.54
N ILE A 671 -19.25 23.18 4.67
CA ILE A 671 -18.70 22.74 5.94
C ILE A 671 -19.87 22.36 6.85
N ILE A 672 -19.84 21.16 7.40
CA ILE A 672 -20.95 20.61 8.17
C ILE A 672 -20.40 20.31 9.56
N LEU A 673 -20.55 21.27 10.48
CA LEU A 673 -20.16 21.07 11.86
C LEU A 673 -21.24 20.27 12.58
N VAL A 674 -20.82 19.25 13.34
CA VAL A 674 -21.72 18.40 14.10
C VAL A 674 -21.50 18.68 15.57
N THR A 675 -22.56 19.12 16.25
CA THR A 675 -22.51 19.43 17.67
C THR A 675 -23.62 18.70 18.40
N ASP A 676 -23.42 18.50 19.71
CA ASP A 676 -24.39 17.75 20.50
C ASP A 676 -25.75 18.43 20.50
N THR A 677 -25.78 19.77 20.42
CA THR A 677 -27.04 20.50 20.47
C THR A 677 -27.62 20.76 19.09
N GLN A 678 -26.77 21.00 18.09
CA GLN A 678 -27.24 21.33 16.76
C GLN A 678 -26.06 21.25 15.78
N THR A 679 -26.36 20.81 14.56
CA THR A 679 -25.37 20.72 13.50
C THR A 679 -25.61 21.85 12.50
N ILE A 680 -24.55 22.59 12.18
CA ILE A 680 -24.61 23.74 11.30
C ILE A 680 -23.95 23.39 9.98
N VAL A 681 -24.58 23.77 8.88
CA VAL A 681 -24.05 23.55 7.54
C VAL A 681 -23.71 24.90 6.95
N PHE A 682 -22.42 25.13 6.67
CA PHE A 682 -21.94 26.39 6.13
C PHE A 682 -21.69 26.22 4.64
N ASP A 683 -22.61 26.73 3.82
CA ASP A 683 -22.34 26.80 2.39
C ASP A 683 -21.21 27.79 2.14
N VAL A 684 -20.29 27.42 1.26
CA VAL A 684 -19.11 28.23 0.95
C VAL A 684 -19.40 28.92 -0.38
N ILE A 685 -19.91 30.15 -0.30
CA ILE A 685 -20.21 30.92 -1.50
C ILE A 685 -18.92 31.54 -2.02
N SER A 686 -18.58 31.22 -3.26
CA SER A 686 -17.28 31.53 -3.84
C SER A 686 -17.45 31.98 -5.28
N THR A 687 -16.39 32.53 -5.84
CA THR A 687 -16.32 32.87 -7.26
C THR A 687 -15.31 31.97 -7.94
N VAL A 688 -15.66 31.48 -9.12
CA VAL A 688 -14.84 30.52 -9.85
C VAL A 688 -14.22 31.23 -11.06
N HIS A 689 -12.90 31.27 -11.09
CA HIS A 689 -12.20 31.79 -12.25
C HIS A 689 -12.10 30.71 -13.32
N PRO A 690 -11.91 31.09 -14.58
CA PRO A 690 -11.87 30.07 -15.65
C PRO A 690 -10.80 29.02 -15.43
N CYS A 691 -9.63 29.40 -14.91
CA CYS A 691 -8.59 28.42 -14.65
C CYS A 691 -8.85 27.61 -13.39
N GLY A 692 -9.51 28.22 -12.40
CA GLY A 692 -9.73 27.58 -11.12
C GLY A 692 -9.71 28.61 -10.01
N LEU A 693 -8.89 28.39 -8.99
CA LEU A 693 -8.68 29.35 -7.91
C LEU A 693 -10.02 29.84 -7.36
N ASN A 694 -10.77 28.90 -6.78
CA ASN A 694 -12.10 29.22 -6.28
C ASN A 694 -12.02 30.06 -5.02
N ILE A 695 -11.63 31.33 -5.17
CA ILE A 695 -11.55 32.23 -4.02
C ILE A 695 -12.94 32.36 -3.41
N ILE A 696 -13.05 32.06 -2.13
CA ILE A 696 -14.33 32.03 -1.45
C ILE A 696 -14.65 33.43 -0.93
N LYS A 697 -15.91 33.82 -1.09
CA LYS A 697 -16.39 35.14 -0.69
C LYS A 697 -17.09 35.17 0.66
N LYS A 698 -17.88 34.16 0.99
CA LYS A 698 -18.58 34.18 2.27
C LYS A 698 -19.02 32.78 2.65
N PHE A 699 -19.47 32.66 3.91
CA PHE A 699 -20.04 31.43 4.45
C PHE A 699 -21.46 31.73 4.90
N TYR A 700 -22.41 30.92 4.42
CA TYR A 700 -23.82 31.10 4.72
C TYR A 700 -24.31 29.90 5.53
N GLN A 701 -24.86 30.16 6.71
CA GLN A 701 -25.38 29.09 7.56
C GLN A 701 -26.66 28.56 6.96
N TYR A 702 -26.59 27.40 6.31
CA TYR A 702 -27.74 26.88 5.58
C TYR A 702 -28.87 26.51 6.55
N LEU A 703 -28.54 25.72 7.56
CA LEU A 703 -29.53 25.24 8.51
C LEU A 703 -28.83 24.95 9.84
N LYS A 704 -29.63 24.87 10.89
CA LYS A 704 -29.16 24.61 12.25
C LYS A 704 -29.91 23.41 12.82
N ILE A 705 -29.97 22.34 12.03
CA ILE A 705 -30.79 21.19 12.38
C ILE A 705 -30.30 20.59 13.69
N ASN A 706 -31.27 20.27 14.56
CA ASN A 706 -31.00 19.58 15.81
C ASN A 706 -31.06 18.08 15.53
N ILE A 707 -29.90 17.49 15.23
CA ILE A 707 -29.87 16.07 14.87
C ILE A 707 -30.38 15.23 16.04
N PRO A 708 -31.33 14.32 15.84
CA PRO A 708 -31.82 13.53 16.97
C PRO A 708 -30.76 12.59 17.53
N ILE A 709 -30.88 12.32 18.83
CA ILE A 709 -29.95 11.39 19.49
C ILE A 709 -30.13 9.98 18.97
N ASP A 710 -31.29 9.66 18.38
CA ASP A 710 -31.56 8.29 17.94
C ASP A 710 -30.54 7.83 16.91
N VAL A 711 -29.97 8.75 16.13
CA VAL A 711 -29.04 8.38 15.07
C VAL A 711 -27.60 8.47 15.56
N LEU A 712 -27.42 8.63 16.88
CA LEU A 712 -26.09 8.66 17.48
C LEU A 712 -25.20 9.69 16.80
N PRO A 713 -25.42 10.99 17.03
CA PRO A 713 -24.58 11.99 16.37
C PRO A 713 -23.11 11.85 16.68
N ASN A 714 -22.76 11.38 17.88
CA ASN A 714 -21.35 11.19 18.22
C ASN A 714 -20.69 10.15 17.34
N LYS A 715 -21.45 9.24 16.74
CA LYS A 715 -20.91 8.17 15.92
C LYS A 715 -20.87 8.51 14.43
N ILE A 716 -21.27 9.72 14.05
CA ILE A 716 -21.26 10.09 12.64
C ILE A 716 -19.82 10.16 12.14
N GLU A 717 -19.56 9.52 11.00
CA GLU A 717 -18.24 9.51 10.39
C GLU A 717 -18.16 10.36 9.13
N TRP A 718 -19.28 10.61 8.45
CA TRP A 718 -19.32 11.48 7.29
C TRP A 718 -20.74 11.96 7.11
N ILE A 719 -20.89 13.17 6.56
CA ILE A 719 -22.21 13.75 6.36
C ILE A 719 -22.14 14.67 5.14
N ILE A 720 -23.20 14.64 4.33
CA ILE A 720 -23.32 15.48 3.15
C ILE A 720 -24.69 16.13 3.16
N ASN A 721 -24.73 17.44 2.94
CA ASN A 721 -25.98 18.18 2.89
C ASN A 721 -26.55 18.07 1.48
N MET A 722 -27.28 16.99 1.23
CA MET A 722 -27.93 16.82 -0.05
C MET A 722 -29.14 17.76 -0.16
N LYS A 723 -29.86 17.65 -1.27
CA LYS A 723 -31.00 18.53 -1.50
C LYS A 723 -32.03 18.42 -0.40
N GLU A 724 -32.19 19.49 0.39
CA GLU A 724 -33.22 19.55 1.43
C GLU A 724 -33.07 18.41 2.43
N GLY A 725 -31.85 18.11 2.85
CA GLY A 725 -31.65 17.08 3.84
C GLY A 725 -30.18 16.76 3.98
N LEU A 726 -29.90 15.92 4.99
CA LEU A 726 -28.55 15.46 5.29
C LEU A 726 -28.50 13.94 5.17
N LEU A 727 -27.52 13.44 4.42
CA LEU A 727 -27.24 12.02 4.34
C LEU A 727 -25.94 11.77 5.08
N PHE A 728 -25.99 10.97 6.15
CA PHE A 728 -24.80 10.74 6.96
C PHE A 728 -24.56 9.25 7.15
N PHE A 729 -23.29 8.87 7.09
CA PHE A 729 -22.85 7.51 7.30
C PHE A 729 -22.72 7.29 8.81
N ALA A 730 -23.67 6.55 9.38
CA ALA A 730 -23.71 6.30 10.81
C ALA A 730 -22.67 5.23 11.16
N ASP A 731 -22.76 4.69 12.37
CA ASP A 731 -21.78 3.71 12.83
C ASP A 731 -21.60 2.58 11.82
N ARG A 732 -22.71 2.07 11.27
CA ARG A 732 -22.63 0.99 10.29
C ARG A 732 -23.63 1.15 9.15
N LYS A 733 -24.33 2.29 9.05
CA LYS A 733 -25.41 2.42 8.09
C LYS A 733 -25.48 3.84 7.57
N PHE A 734 -26.03 3.99 6.37
CA PHE A 734 -26.33 5.28 5.79
C PHE A 734 -27.73 5.71 6.20
N ILE A 735 -27.86 6.93 6.72
CA ILE A 735 -29.13 7.41 7.26
C ILE A 735 -29.47 8.75 6.61
N LYS A 736 -30.74 8.91 6.26
CA LYS A 736 -31.27 10.12 5.66
C LYS A 736 -31.98 10.95 6.72
N LEU A 737 -31.95 12.27 6.54
CA LEU A 737 -32.72 13.19 7.38
C LEU A 737 -33.11 14.37 6.49
N GLY A 738 -34.30 14.28 5.89
CA GLY A 738 -34.66 15.20 4.83
C GLY A 738 -36.03 15.83 4.93
N LYS A 739 -36.51 16.07 6.15
CA LYS A 739 -37.77 16.80 6.37
C LYS A 739 -38.88 15.99 5.71
N VAL A 740 -39.73 16.59 4.89
CA VAL A 740 -40.83 15.89 4.23
C VAL A 740 -41.72 15.23 5.28
N GLY A 744 -42.28 18.32 10.15
CA GLY A 744 -41.54 17.34 10.92
C GLY A 744 -40.38 16.74 10.16
N TRP A 745 -39.29 16.46 10.86
CA TRP A 745 -38.08 15.89 10.27
C TRP A 745 -38.00 14.42 10.66
N GLN A 746 -38.12 13.54 9.66
CA GLN A 746 -38.12 12.11 9.88
C GLN A 746 -36.86 11.49 9.30
N THR A 747 -36.29 10.53 10.03
CA THR A 747 -35.08 9.85 9.59
C THR A 747 -35.45 8.59 8.80
N LEU A 748 -34.43 7.96 8.22
CA LEU A 748 -34.62 6.75 7.44
C LEU A 748 -33.26 6.10 7.22
N THR A 749 -33.25 4.77 7.21
CA THR A 749 -32.03 4.00 7.00
C THR A 749 -32.00 3.52 5.56
N LEU A 750 -30.92 3.84 4.85
CA LEU A 750 -30.77 3.48 3.44
C LEU A 750 -30.01 2.16 3.27
N LEU A 751 -28.78 2.11 3.78
CA LEU A 751 -27.95 0.92 3.72
C LEU A 751 -27.56 0.51 5.14
N ASP A 752 -27.58 -0.79 5.40
CA ASP A 752 -27.48 -1.29 6.76
C ASP A 752 -26.11 -1.85 7.13
N ASN A 753 -25.31 -2.27 6.15
CA ASN A 753 -24.06 -2.98 6.42
C ASN A 753 -22.90 -2.35 5.65
N ILE A 754 -22.79 -1.03 5.71
CA ILE A 754 -21.69 -0.31 5.09
C ILE A 754 -20.55 -0.22 6.10
N GLU A 755 -19.37 -0.70 5.71
CA GLU A 755 -18.20 -0.68 6.59
C GLU A 755 -17.19 0.39 6.22
N LYS A 756 -17.17 0.85 4.97
CA LYS A 756 -16.20 1.84 4.53
C LYS A 756 -16.75 2.58 3.33
N ILE A 757 -16.28 3.80 3.15
CA ILE A 757 -16.55 4.60 1.96
C ILE A 757 -15.20 4.89 1.32
N ILE A 758 -14.97 4.33 0.14
CA ILE A 758 -13.67 4.49 -0.51
C ILE A 758 -13.45 5.96 -0.88
N ASP A 759 -14.32 6.51 -1.72
CA ASP A 759 -14.27 7.92 -2.07
C ASP A 759 -15.52 8.24 -2.88
N VAL A 760 -15.78 9.53 -3.04
CA VAL A 760 -16.92 10.03 -3.80
C VAL A 760 -16.37 10.84 -4.96
N ILE A 761 -16.82 10.52 -6.18
CA ILE A 761 -16.36 11.16 -7.40
C ILE A 761 -17.59 11.46 -8.24
N ARG A 762 -18.04 12.71 -8.22
CA ARG A 762 -19.11 13.19 -9.10
C ARG A 762 -20.38 12.36 -8.92
N ASP A 763 -20.94 12.44 -7.71
CA ASP A 763 -22.24 11.85 -7.40
C ASP A 763 -22.20 10.33 -7.51
N GLU A 764 -21.13 9.72 -7.01
CA GLU A 764 -21.04 8.28 -6.85
C GLU A 764 -20.32 7.98 -5.55
N ILE A 765 -20.82 7.03 -4.78
CA ILE A 765 -20.38 6.87 -3.40
C ILE A 765 -19.24 5.86 -3.27
N PHE A 766 -19.27 4.76 -4.02
CA PHE A 766 -18.22 3.74 -3.96
C PHE A 766 -18.05 3.20 -2.53
N VAL A 767 -19.16 2.78 -1.93
CA VAL A 767 -19.14 2.21 -0.59
C VAL A 767 -18.67 0.77 -0.64
N VAL A 768 -18.35 0.20 0.52
CA VAL A 768 -17.96 -1.20 0.65
C VAL A 768 -18.94 -1.83 1.63
N GLN A 769 -19.95 -2.52 1.09
CA GLN A 769 -20.87 -3.27 1.91
C GLN A 769 -20.24 -4.61 2.31
N GLY A 770 -20.94 -5.34 3.17
CA GLY A 770 -20.41 -6.61 3.66
C GLY A 770 -20.02 -7.55 2.54
N HIS A 771 -18.71 -7.78 2.39
CA HIS A 771 -18.16 -8.68 1.38
C HIS A 771 -18.48 -8.23 -0.03
N ASN A 772 -18.70 -6.94 -0.25
CA ASN A 772 -19.02 -6.44 -1.58
C ASN A 772 -18.56 -5.00 -1.71
N TYR A 773 -18.13 -4.64 -2.92
CA TYR A 773 -17.79 -3.27 -3.27
C TYR A 773 -18.93 -2.76 -4.15
N VAL A 774 -19.66 -1.75 -3.67
CA VAL A 774 -20.89 -1.30 -4.29
C VAL A 774 -20.71 0.15 -4.71
N VAL A 775 -21.02 0.44 -5.97
CA VAL A 775 -21.02 1.80 -6.50
C VAL A 775 -22.46 2.22 -6.70
N TYR A 776 -22.86 3.26 -5.97
CA TYR A 776 -24.16 3.90 -6.11
C TYR A 776 -24.00 5.21 -6.87
N SER A 777 -25.12 5.90 -7.06
CA SER A 777 -25.13 7.31 -7.42
C SER A 777 -25.87 8.06 -6.32
N LEU A 778 -25.31 9.20 -5.90
CA LEU A 778 -25.82 9.87 -4.71
C LEU A 778 -27.31 10.15 -4.81
N GLU A 779 -27.79 10.49 -6.01
CA GLU A 779 -29.22 10.69 -6.21
C GLU A 779 -29.98 9.38 -5.98
N ASP A 780 -29.48 8.27 -6.53
CA ASP A 780 -30.14 6.98 -6.33
C ASP A 780 -30.10 6.56 -4.88
N LEU A 781 -28.96 6.76 -4.21
CA LEU A 781 -28.86 6.41 -2.80
C LEU A 781 -29.84 7.24 -1.97
N TRP A 782 -29.97 8.53 -2.27
CA TRP A 782 -30.95 9.36 -1.59
C TRP A 782 -32.36 8.85 -1.84
N ASP A 783 -32.67 8.47 -3.08
CA ASP A 783 -33.97 7.93 -3.41
C ASP A 783 -34.13 6.47 -3.01
N ASP A 784 -33.07 5.82 -2.53
CA ASP A 784 -33.13 4.42 -2.10
C ASP A 784 -33.43 3.51 -3.29
N LYS A 785 -32.65 3.67 -4.35
CA LYS A 785 -32.76 2.84 -5.54
C LYS A 785 -31.65 1.79 -5.55
N LYS A 786 -31.70 0.90 -6.53
CA LYS A 786 -30.74 -0.19 -6.61
C LYS A 786 -29.34 0.35 -6.90
N PRO A 787 -28.30 -0.36 -6.47
CA PRO A 787 -26.94 0.14 -6.70
C PRO A 787 -26.59 0.18 -8.18
N LEU A 788 -25.69 1.11 -8.52
CA LEU A 788 -25.20 1.19 -9.90
C LEU A 788 -24.49 -0.10 -10.28
N VAL A 789 -23.68 -0.64 -9.37
CA VAL A 789 -23.07 -1.96 -9.57
C VAL A 789 -22.58 -2.46 -8.22
N SER A 790 -22.40 -3.78 -8.12
CA SER A 790 -21.94 -4.38 -6.87
C SER A 790 -21.13 -5.62 -7.23
N ILE A 791 -19.83 -5.59 -6.92
CA ILE A 791 -18.94 -6.71 -7.26
C ILE A 791 -18.38 -7.31 -5.98
N PRO A 792 -18.24 -8.64 -5.88
CA PRO A 792 -17.75 -9.23 -4.63
C PRO A 792 -16.26 -9.02 -4.44
N ILE A 793 -15.85 -9.05 -3.17
CA ILE A 793 -14.45 -9.04 -2.79
C ILE A 793 -14.08 -10.48 -2.44
N GLU A 794 -13.25 -11.10 -3.26
CA GLU A 794 -13.00 -12.53 -3.17
C GLU A 794 -11.76 -12.90 -2.36
N GLU A 795 -10.78 -12.01 -2.28
CA GLU A 795 -9.48 -12.34 -1.69
C GLU A 795 -8.93 -11.08 -1.04
N ASP A 796 -7.62 -11.07 -0.76
CA ASP A 796 -6.96 -9.92 -0.16
C ASP A 796 -7.08 -8.64 -0.98
N LEU A 797 -7.65 -8.71 -2.19
CA LEU A 797 -7.80 -7.52 -3.02
C LEU A 797 -8.88 -6.61 -2.46
N TYR A 798 -8.64 -6.04 -1.29
CA TYR A 798 -9.58 -5.11 -0.67
C TYR A 798 -9.40 -3.72 -1.25
N PRO A 799 -10.44 -3.09 -1.80
CA PRO A 799 -10.23 -1.80 -2.48
C PRO A 799 -9.73 -0.72 -1.53
N ILE A 800 -8.85 0.13 -2.04
CA ILE A 800 -8.34 1.28 -1.30
C ILE A 800 -8.66 2.56 -2.06
N SER A 801 -8.79 2.45 -3.37
CA SER A 801 -9.13 3.59 -4.22
C SER A 801 -9.71 3.06 -5.52
N THR A 802 -10.38 3.96 -6.25
CA THR A 802 -11.06 3.58 -7.47
C THR A 802 -10.93 4.70 -8.50
N THR A 803 -10.94 4.30 -9.78
CA THR A 803 -10.96 5.20 -10.92
C THR A 803 -12.17 4.81 -11.75
N PRO A 804 -13.33 5.45 -11.54
CA PRO A 804 -14.54 5.01 -12.25
C PRO A 804 -14.50 5.25 -13.74
N GLU A 805 -13.80 6.30 -14.21
CA GLU A 805 -13.76 6.56 -15.64
C GLU A 805 -13.15 5.40 -16.40
N THR A 806 -12.14 4.75 -15.82
CA THR A 806 -11.57 3.54 -16.38
C THR A 806 -12.17 2.27 -15.79
N ALA A 807 -13.16 2.40 -14.91
CA ALA A 807 -13.81 1.25 -14.27
C ALA A 807 -12.79 0.35 -13.59
N THR A 808 -11.84 0.96 -12.89
CA THR A 808 -10.76 0.25 -12.23
C THR A 808 -10.85 0.45 -10.72
N THR A 809 -10.44 -0.57 -9.97
CA THR A 809 -10.30 -0.47 -8.53
C THR A 809 -8.92 -0.96 -8.13
N HIS A 810 -8.18 -0.13 -7.41
CA HIS A 810 -6.82 -0.44 -7.02
C HIS A 810 -6.81 -1.05 -5.62
N THR A 811 -5.87 -1.97 -5.40
CA THR A 811 -5.79 -2.72 -4.15
C THR A 811 -4.34 -2.81 -3.73
N LEU A 812 -4.11 -2.65 -2.43
CA LEU A 812 -2.75 -2.72 -1.87
C LEU A 812 -2.47 -4.16 -1.46
N HIS A 813 -1.47 -4.75 -2.10
CA HIS A 813 -1.03 -6.11 -1.80
C HIS A 813 0.33 -6.06 -1.13
N CYS A 814 0.56 -6.97 -0.20
CA CYS A 814 1.80 -7.03 0.57
C CYS A 814 2.55 -8.31 0.19
N ILE A 815 3.62 -8.16 -0.58
CA ILE A 815 4.51 -9.27 -0.88
C ILE A 815 5.40 -9.47 0.34
N PHE A 816 5.01 -10.39 1.22
CA PHE A 816 5.68 -10.60 2.48
C PHE A 816 6.55 -11.84 2.42
N ASN A 817 7.67 -11.79 3.14
CA ASN A 817 8.62 -12.89 3.20
C ASN A 817 9.67 -12.54 4.24
N ALA A 818 10.22 -13.58 4.89
CA ALA A 818 11.17 -13.35 5.96
C ALA A 818 12.37 -12.54 5.49
N ARG A 819 12.79 -12.69 4.23
CA ARG A 819 13.92 -11.94 3.73
C ARG A 819 13.58 -10.47 3.53
N PHE A 820 12.42 -10.18 2.95
CA PHE A 820 12.05 -8.82 2.65
C PHE A 820 10.54 -8.72 2.52
N SER A 821 10.03 -7.49 2.63
CA SER A 821 8.61 -7.19 2.47
C SER A 821 8.45 -6.01 1.53
N LYS A 822 7.44 -6.07 0.67
CA LYS A 822 7.18 -5.00 -0.29
C LYS A 822 5.69 -4.73 -0.36
N LEU A 823 5.35 -3.50 -0.73
CA LEU A 823 3.96 -3.10 -0.97
C LEU A 823 3.77 -2.78 -2.44
N VAL A 824 2.79 -3.43 -3.07
CA VAL A 824 2.51 -3.27 -4.48
C VAL A 824 1.04 -2.94 -4.65
N VAL A 825 0.69 -2.50 -5.85
CA VAL A 825 -0.67 -2.13 -6.20
C VAL A 825 -1.15 -3.02 -7.34
N LYS A 826 -2.29 -3.67 -7.15
CA LYS A 826 -2.92 -4.49 -8.17
C LYS A 826 -4.25 -3.86 -8.56
N HIS A 827 -4.48 -3.71 -9.85
CA HIS A 827 -5.67 -3.03 -10.36
C HIS A 827 -6.61 -4.06 -10.95
N GLN A 828 -7.83 -4.14 -10.41
CA GLN A 828 -8.87 -5.00 -10.94
C GLN A 828 -9.84 -4.16 -11.75
N ILE A 829 -10.06 -4.56 -13.00
CA ILE A 829 -10.95 -3.84 -13.91
C ILE A 829 -12.28 -4.56 -13.92
N TYR A 830 -13.33 -3.87 -13.46
CA TYR A 830 -14.69 -4.42 -13.41
C TYR A 830 -15.56 -3.87 -14.54
N LEU A 831 -14.96 -3.56 -15.68
CA LEU A 831 -15.73 -3.00 -16.79
C LEU A 831 -16.78 -3.99 -17.29
N ASP A 832 -16.43 -5.28 -17.36
CA ASP A 832 -17.39 -6.27 -17.82
C ASP A 832 -18.57 -6.36 -16.87
N GLN A 833 -18.31 -6.35 -15.56
CA GLN A 833 -19.40 -6.38 -14.59
C GLN A 833 -20.26 -5.13 -14.68
N LEU A 834 -19.65 -3.98 -14.91
CA LEU A 834 -20.42 -2.75 -15.08
C LEU A 834 -21.33 -2.84 -16.30
N ILE A 835 -20.80 -3.34 -17.42
CA ILE A 835 -21.61 -3.48 -18.62
C ILE A 835 -22.75 -4.47 -18.38
N LEU A 836 -22.46 -5.58 -17.71
CA LEU A 836 -23.50 -6.56 -17.43
C LEU A 836 -24.60 -5.97 -16.55
N ALA A 837 -24.21 -5.20 -15.53
CA ALA A 837 -25.21 -4.58 -14.66
C ALA A 837 -26.04 -3.57 -15.43
N LYS A 838 -25.41 -2.77 -16.29
CA LYS A 838 -26.15 -1.80 -17.08
C LYS A 838 -27.13 -2.50 -18.03
N LEU A 839 -26.71 -3.60 -18.63
CA LEU A 839 -27.62 -4.37 -19.48
C LEU A 839 -28.78 -4.92 -18.68
N GLU A 840 -28.51 -5.41 -17.46
CA GLU A 840 -29.59 -5.88 -16.59
C GLU A 840 -30.57 -4.76 -16.31
N ASP A 841 -30.10 -3.52 -16.26
CA ASP A 841 -30.96 -2.36 -16.08
C ASP A 841 -31.79 -2.04 -17.31
N ASN A 842 -31.61 -2.78 -18.40
CA ASN A 842 -32.35 -2.54 -19.64
C ASN A 842 -32.04 -1.16 -20.22
N THR A 843 -30.83 -0.67 -19.98
CA THR A 843 -30.41 0.60 -20.56
C THR A 843 -30.36 0.47 -22.08
N ASP A 844 -30.84 1.50 -22.76
CA ASP A 844 -30.84 1.49 -24.21
C ASP A 844 -29.42 1.36 -24.73
N LEU A 845 -29.22 0.45 -25.67
CA LEU A 845 -27.90 0.26 -26.25
C LEU A 845 -27.52 1.49 -27.08
N GLU A 846 -26.27 1.51 -27.51
CA GLU A 846 -25.61 2.57 -28.27
C GLU A 846 -25.21 3.73 -27.35
N ASP A 847 -25.58 3.71 -26.08
CA ASP A 847 -25.02 4.60 -25.08
C ASP A 847 -23.90 3.94 -24.28
N ILE A 848 -24.08 2.67 -23.92
CA ILE A 848 -23.00 1.93 -23.27
C ILE A 848 -21.79 1.83 -24.19
N SER A 849 -22.03 1.47 -25.45
CA SER A 849 -20.92 1.36 -26.40
C SER A 849 -20.25 2.72 -26.60
N HIS A 850 -21.04 3.78 -26.76
CA HIS A 850 -20.47 5.11 -26.90
C HIS A 850 -19.76 5.53 -25.62
N ASN A 851 -20.35 5.21 -24.46
CA ASN A 851 -19.74 5.61 -23.19
C ASN A 851 -18.39 4.96 -23.00
N TYR A 852 -18.26 3.67 -23.31
CA TYR A 852 -17.04 2.91 -23.06
C TYR A 852 -16.29 2.54 -24.34
N ARG A 853 -16.60 3.21 -25.46
CA ARG A 853 -15.90 2.90 -26.70
C ARG A 853 -14.42 3.22 -26.58
N PHE A 854 -14.08 4.36 -25.98
CA PHE A 854 -12.69 4.80 -25.91
C PHE A 854 -11.85 3.97 -24.96
N LEU A 855 -12.46 3.12 -24.13
CA LEU A 855 -11.71 2.37 -23.14
C LEU A 855 -10.98 1.21 -23.80
N LYS A 856 -9.69 1.08 -23.48
CA LYS A 856 -8.90 -0.01 -24.06
C LYS A 856 -9.44 -1.39 -23.70
N PRO A 857 -9.78 -1.68 -22.44
CA PRO A 857 -10.30 -3.02 -22.12
C PRO A 857 -11.73 -3.26 -22.59
N TYR A 858 -12.38 -2.27 -23.20
CA TYR A 858 -13.78 -2.42 -23.57
C TYR A 858 -13.99 -3.64 -24.47
N LYS A 859 -13.11 -3.85 -25.44
CA LYS A 859 -13.20 -5.05 -26.25
C LYS A 859 -13.21 -6.28 -25.36
N PHE A 860 -12.21 -6.40 -24.48
CA PHE A 860 -12.17 -7.51 -23.55
C PHE A 860 -13.36 -7.48 -22.60
N ALA A 861 -13.92 -6.31 -22.35
CA ALA A 861 -15.14 -6.25 -21.55
C ALA A 861 -16.30 -6.95 -22.26
N LEU A 862 -16.40 -6.78 -23.58
CA LEU A 862 -17.37 -7.55 -24.33
C LEU A 862 -17.07 -9.04 -24.23
N GLU A 863 -15.80 -9.40 -24.29
CA GLU A 863 -15.38 -10.74 -23.90
C GLU A 863 -15.60 -10.92 -22.40
N LYS A 864 -15.56 -12.19 -21.97
CA LYS A 864 -15.84 -12.56 -20.58
C LYS A 864 -17.34 -12.49 -20.28
N ILE A 865 -18.12 -12.00 -21.24
CA ILE A 865 -19.58 -11.95 -21.14
C ILE A 865 -20.22 -12.90 -22.14
N LEU A 866 -19.83 -12.78 -23.41
CA LEU A 866 -20.27 -13.76 -24.40
C LEU A 866 -19.80 -15.16 -24.02
N SER A 867 -18.53 -15.28 -23.63
CA SER A 867 -17.99 -16.60 -23.26
C SER A 867 -18.72 -17.16 -22.04
N THR A 868 -18.93 -16.33 -21.02
CA THR A 868 -19.64 -16.81 -19.84
C THR A 868 -21.10 -17.11 -20.15
N LYS A 869 -21.72 -16.27 -20.98
CA LYS A 869 -23.15 -16.47 -21.26
C LYS A 869 -23.40 -17.74 -22.06
N ILE A 870 -22.59 -18.00 -23.10
CA ILE A 870 -22.77 -19.23 -23.86
C ILE A 870 -22.47 -20.44 -22.98
N LEU A 871 -21.47 -20.33 -22.11
CA LEU A 871 -21.30 -21.31 -21.06
C LEU A 871 -22.55 -21.35 -20.19
N ARG A 872 -22.94 -22.55 -19.77
CA ARG A 872 -24.22 -22.74 -19.10
C ARG A 872 -25.32 -22.43 -20.12
N SER A 873 -26.23 -21.50 -19.81
CA SER A 873 -27.25 -21.09 -20.78
C SER A 873 -27.81 -19.74 -20.35
N ASP A 874 -27.57 -18.71 -21.16
CA ASP A 874 -28.04 -17.37 -20.89
C ASP A 874 -28.57 -16.75 -22.18
N SER A 875 -29.32 -15.68 -22.04
CA SER A 875 -29.84 -14.94 -23.18
C SER A 875 -28.66 -14.30 -23.92
N LEU A 876 -28.37 -14.81 -25.11
CA LEU A 876 -27.17 -14.40 -25.83
C LEU A 876 -27.42 -13.20 -26.75
N ASP A 877 -28.68 -12.94 -27.11
CA ASP A 877 -28.97 -11.96 -28.14
C ASP A 877 -28.47 -10.56 -27.76
N ASP A 878 -28.58 -10.18 -26.48
CA ASP A 878 -28.16 -8.84 -26.09
C ASP A 878 -26.68 -8.61 -26.34
N ILE A 879 -25.83 -9.53 -25.88
CA ILE A 879 -24.39 -9.36 -26.06
C ILE A 879 -24.01 -9.46 -27.54
N LEU A 880 -24.70 -10.33 -28.30
CA LEU A 880 -24.42 -10.41 -29.73
C LEU A 880 -24.72 -9.08 -30.42
N LYS A 881 -25.87 -8.47 -30.12
CA LYS A 881 -26.16 -7.17 -30.72
C LYS A 881 -25.14 -6.13 -30.28
N LEU A 882 -24.78 -6.14 -28.99
CA LEU A 882 -23.83 -5.16 -28.48
C LEU A 882 -22.50 -5.27 -29.21
N ILE A 883 -22.00 -6.49 -29.39
CA ILE A 883 -20.74 -6.69 -30.11
C ILE A 883 -20.90 -6.27 -31.58
N LYS A 884 -22.04 -6.60 -32.18
CA LYS A 884 -22.24 -6.29 -33.59
C LYS A 884 -22.18 -4.78 -33.84
N MET A 885 -22.88 -4.00 -33.02
CA MET A 885 -22.89 -2.56 -33.26
C MET A 885 -21.51 -1.93 -33.05
N TYR A 886 -20.68 -2.54 -32.20
CA TYR A 886 -19.33 -2.04 -32.02
C TYR A 886 -18.55 -2.17 -33.32
N ASP A 887 -17.76 -1.13 -33.63
CA ASP A 887 -16.97 -1.01 -34.85
C ASP A 887 -17.83 -0.70 -36.08
N ASN A 888 -19.16 -0.67 -35.94
CA ASN A 888 -20.04 -0.35 -37.06
C ASN A 888 -20.38 1.14 -37.11
N THR A 889 -20.46 1.80 -35.96
CA THR A 889 -20.74 3.23 -35.90
C THR A 889 -19.46 4.04 -36.14
N ASP A 890 -18.90 3.86 -37.34
CA ASP A 890 -17.66 4.53 -37.69
C ASP A 890 -17.90 6.03 -37.88
N PRO A 891 -16.84 6.85 -37.78
CA PRO A 891 -16.99 8.29 -37.95
C PRO A 891 -17.61 8.66 -39.29
N SER A 896 -15.65 4.50 -46.52
CA SER A 896 -15.75 3.07 -46.77
C SER A 896 -16.24 2.34 -45.52
N PRO A 897 -16.98 1.24 -45.70
CA PRO A 897 -17.46 0.48 -44.53
C PRO A 897 -16.29 -0.05 -43.72
N PRO A 898 -16.41 -0.10 -42.39
CA PRO A 898 -15.28 -0.59 -41.58
C PRO A 898 -15.00 -2.07 -41.77
N THR A 899 -15.96 -2.85 -42.27
CA THR A 899 -15.89 -4.29 -42.42
C THR A 899 -15.96 -5.02 -41.09
N HIS A 900 -16.11 -4.29 -39.97
CA HIS A 900 -16.34 -4.91 -38.67
C HIS A 900 -15.13 -5.74 -38.21
N SER A 901 -13.95 -5.10 -38.23
CA SER A 901 -12.76 -5.78 -37.74
C SER A 901 -12.87 -6.10 -36.25
N GLY A 902 -13.40 -5.16 -35.47
CA GLY A 902 -13.47 -5.36 -34.03
C GLY A 902 -14.32 -6.57 -33.64
N MET A 903 -15.50 -6.69 -34.26
CA MET A 903 -16.35 -7.83 -33.93
C MET A 903 -15.69 -9.12 -34.36
N LEU A 904 -15.01 -9.11 -35.51
CA LEU A 904 -14.29 -10.29 -35.97
C LEU A 904 -13.27 -10.73 -34.92
N GLU A 905 -12.45 -9.79 -34.44
CA GLU A 905 -11.42 -10.14 -33.48
C GLU A 905 -12.03 -10.62 -32.16
N ILE A 906 -13.08 -9.94 -31.70
CA ILE A 906 -13.71 -10.33 -30.44
C ILE A 906 -14.27 -11.75 -30.54
N ILE A 907 -14.98 -12.02 -31.64
CA ILE A 907 -15.60 -13.33 -31.80
C ILE A 907 -14.53 -14.41 -31.93
N SER A 908 -13.46 -14.14 -32.68
CA SER A 908 -12.39 -15.12 -32.81
C SER A 908 -11.77 -15.43 -31.47
N ASN A 909 -11.46 -14.39 -30.68
CA ASN A 909 -10.85 -14.62 -29.37
C ASN A 909 -11.78 -15.39 -28.45
N CYS A 910 -13.07 -15.05 -28.43
CA CYS A 910 -13.99 -15.74 -27.54
C CYS A 910 -14.22 -17.19 -27.99
N LEU A 911 -14.24 -17.43 -29.30
CA LEU A 911 -14.54 -18.77 -29.80
C LEU A 911 -13.34 -19.70 -29.62
N ARG A 912 -12.13 -19.22 -29.91
CA ARG A 912 -10.95 -20.07 -29.77
C ARG A 912 -10.75 -20.50 -28.32
N LYS A 913 -10.90 -19.56 -27.39
CA LYS A 913 -10.74 -19.88 -25.97
C LYS A 913 -11.87 -20.72 -25.41
N ILE A 914 -12.97 -20.89 -26.16
CA ILE A 914 -14.15 -21.60 -25.67
C ILE A 914 -14.07 -23.05 -26.11
N GLU A 915 -14.56 -23.94 -25.26
CA GLU A 915 -14.42 -25.37 -25.49
C GLU A 915 -15.35 -25.84 -26.61
N THR A 916 -15.10 -27.06 -27.06
CA THR A 916 -16.01 -27.74 -27.96
C THR A 916 -17.30 -28.07 -27.20
N LYS A 917 -18.38 -28.31 -27.95
CA LYS A 917 -19.74 -28.50 -27.46
C LYS A 917 -20.42 -27.16 -27.22
N TYR A 918 -19.74 -26.03 -27.44
CA TYR A 918 -20.35 -24.72 -27.41
C TYR A 918 -20.18 -23.95 -28.71
N TRP A 919 -19.33 -24.42 -29.62
CA TRP A 919 -19.18 -23.74 -30.91
C TRP A 919 -20.48 -23.76 -31.69
N ASN A 920 -21.16 -24.90 -31.71
CA ASN A 920 -22.43 -25.00 -32.44
C ASN A 920 -23.47 -24.05 -31.85
N HIS A 921 -23.53 -23.95 -30.52
CA HIS A 921 -24.48 -23.03 -29.90
C HIS A 921 -24.18 -21.59 -30.29
N LEU A 922 -22.92 -21.20 -30.24
CA LEU A 922 -22.54 -19.83 -30.60
C LEU A 922 -22.91 -19.55 -32.05
N PHE A 923 -22.59 -20.48 -32.96
CA PHE A 923 -22.92 -20.27 -34.36
C PHE A 923 -24.43 -20.32 -34.61
N THR A 924 -25.19 -20.94 -33.70
CA THR A 924 -26.64 -20.85 -33.80
C THR A 924 -27.13 -19.46 -33.40
N ASN A 925 -26.61 -18.93 -32.29
CA ASN A 925 -26.96 -17.57 -31.90
C ASN A 925 -26.40 -16.55 -32.87
N LEU A 926 -25.18 -16.77 -33.36
CA LEU A 926 -24.53 -15.85 -34.28
C LEU A 926 -24.93 -16.20 -35.71
N LYS A 927 -25.54 -15.25 -36.40
CA LYS A 927 -25.99 -15.46 -37.78
C LYS A 927 -24.80 -15.30 -38.73
N MET A 928 -23.85 -16.21 -38.59
CA MET A 928 -22.65 -16.20 -39.42
C MET A 928 -22.04 -17.60 -39.40
N THR A 929 -21.17 -17.85 -40.37
CA THR A 929 -20.52 -19.13 -40.56
C THR A 929 -19.03 -18.91 -40.81
N PRO A 930 -18.21 -19.95 -40.62
CA PRO A 930 -16.76 -19.78 -40.89
C PRO A 930 -16.46 -19.31 -42.29
N ARG A 931 -17.22 -19.76 -43.28
CA ARG A 931 -17.03 -19.29 -44.65
C ARG A 931 -17.29 -17.79 -44.75
N ASP A 932 -18.34 -17.32 -44.08
CA ASP A 932 -18.62 -15.89 -44.08
C ASP A 932 -17.49 -15.10 -43.43
N LEU A 933 -16.93 -15.62 -42.33
CA LEU A 933 -15.80 -14.94 -41.70
C LEU A 933 -14.59 -14.90 -42.64
N LEU A 934 -14.34 -16.01 -43.35
CA LEU A 934 -13.24 -16.05 -44.30
C LEU A 934 -13.44 -15.01 -45.39
N ALA A 935 -14.65 -14.92 -45.94
CA ALA A 935 -14.94 -13.93 -46.97
C ALA A 935 -14.76 -12.53 -46.42
N LEU A 936 -15.20 -12.29 -45.17
CA LEU A 936 -15.08 -10.95 -44.59
C LEU A 936 -13.63 -10.53 -44.45
N CYS A 937 -12.77 -11.42 -43.94
CA CYS A 937 -11.37 -11.02 -43.81
C CYS A 937 -10.72 -10.85 -45.17
N ILE A 938 -11.07 -11.71 -46.13
CA ILE A 938 -10.52 -11.57 -47.48
C ILE A 938 -10.90 -10.22 -48.06
N GLU A 939 -12.14 -9.79 -47.82
CA GLU A 939 -12.55 -8.45 -48.25
C GLU A 939 -11.74 -7.38 -47.53
N GLU A 940 -11.53 -7.54 -46.23
CA GLU A 940 -10.71 -6.60 -45.46
C GLU A 940 -9.22 -6.90 -45.56
N ASN A 941 -8.84 -8.07 -46.05
CA ASN A 941 -7.43 -8.49 -46.11
C ASN A 941 -6.80 -8.50 -44.72
N GLU A 942 -7.59 -8.84 -43.70
CA GLU A 942 -7.12 -8.90 -42.32
C GLU A 942 -6.64 -10.32 -42.07
N ALA A 943 -5.36 -10.58 -42.34
CA ALA A 943 -4.81 -11.92 -42.18
C ALA A 943 -4.75 -12.35 -40.73
N LYS A 944 -4.79 -11.41 -39.77
CA LYS A 944 -4.71 -11.78 -38.37
C LYS A 944 -5.90 -12.62 -37.93
N MET A 945 -7.09 -12.36 -38.50
CA MET A 945 -8.25 -13.16 -38.14
C MET A 945 -8.00 -14.62 -38.50
N LEU A 946 -7.51 -14.87 -39.71
CA LEU A 946 -7.18 -16.24 -40.11
C LEU A 946 -6.07 -16.80 -39.25
N GLY A 947 -5.06 -15.99 -38.93
CA GLY A 947 -3.98 -16.48 -38.10
C GLY A 947 -4.47 -16.95 -36.74
N VAL A 948 -5.46 -16.26 -36.17
CA VAL A 948 -5.96 -16.62 -34.85
C VAL A 948 -7.12 -17.62 -34.90
N LEU A 949 -7.73 -17.83 -36.06
CA LEU A 949 -8.87 -18.73 -36.19
C LEU A 949 -8.59 -19.94 -37.06
N LEU A 950 -7.33 -20.17 -37.45
CA LEU A 950 -7.02 -21.34 -38.26
C LEU A 950 -7.32 -22.63 -37.51
N LEU A 951 -7.00 -22.69 -36.22
CA LEU A 951 -7.29 -23.89 -35.44
C LEU A 951 -8.78 -24.17 -35.40
N VAL A 952 -9.60 -23.12 -35.26
CA VAL A 952 -11.04 -23.30 -35.24
C VAL A 952 -11.55 -23.73 -36.61
N PHE A 953 -10.96 -23.19 -37.68
CA PHE A 953 -11.39 -23.53 -39.03
C PHE A 953 -11.30 -25.04 -39.26
N LEU A 954 -10.14 -25.62 -38.98
CA LEU A 954 -10.01 -27.07 -39.01
C LEU A 954 -10.69 -27.69 -37.80
N ASN A 955 -11.22 -28.89 -37.98
CA ASN A 955 -12.05 -29.53 -36.95
C ASN A 955 -13.24 -28.64 -36.61
N TYR A 956 -13.84 -28.03 -37.64
CA TYR A 956 -14.95 -27.11 -37.46
C TYR A 956 -16.16 -27.83 -36.87
N ASP A 957 -17.22 -27.07 -36.58
CA ASP A 957 -18.41 -27.66 -35.98
C ASP A 957 -19.03 -28.72 -36.88
N GLU A 958 -19.11 -28.44 -38.19
CA GLU A 958 -19.68 -29.38 -39.14
C GLU A 958 -18.81 -30.63 -39.25
N UNK A 998 -5.59 -31.28 -50.16
CA UNK A 998 -6.51 -30.80 -49.14
C UNK A 998 -5.78 -29.93 -48.12
N UNK A 999 -6.56 -29.22 -47.31
CA UNK A 999 -5.99 -28.33 -46.29
C UNK A 999 -5.15 -27.24 -46.94
N UNK A 1000 -5.62 -26.72 -48.06
CA UNK A 1000 -4.92 -25.66 -48.78
C UNK A 1000 -5.11 -24.30 -48.12
N UNK A 1001 -5.97 -24.25 -47.11
CA UNK A 1001 -6.24 -23.00 -46.41
C UNK A 1001 -4.98 -22.48 -45.70
N UNK A 1002 -4.15 -23.41 -45.25
CA UNK A 1002 -2.92 -23.04 -44.56
C UNK A 1002 -1.98 -22.26 -45.47
N UNK A 1003 -1.79 -22.78 -46.69
CA UNK A 1003 -0.93 -22.13 -47.66
C UNK A 1003 -1.49 -20.75 -48.02
N UNK A 1004 -2.80 -20.67 -48.17
CA UNK A 1004 -3.46 -19.41 -48.50
C UNK A 1004 -3.22 -18.38 -47.40
N UNK A 1005 -3.37 -18.81 -46.15
CA UNK A 1005 -3.17 -17.93 -45.01
C UNK A 1005 -1.73 -17.46 -44.94
N UNK A 1006 -0.80 -18.38 -45.20
CA UNK A 1006 0.62 -18.05 -45.19
C UNK A 1006 0.93 -17.00 -46.26
N UNK A 1007 0.39 -17.20 -47.45
CA UNK A 1007 0.60 -16.28 -48.56
C UNK A 1007 0.01 -14.91 -48.23
N UNK A 1008 -1.17 -14.90 -47.61
CA UNK A 1008 -1.82 -13.66 -47.23
C UNK A 1008 -0.98 -12.91 -46.21
N UNK A 1009 -0.45 -13.64 -45.23
CA UNK A 1009 0.39 -13.04 -44.20
C UNK A 1009 1.65 -12.45 -44.83
N UNK A 1010 2.24 -13.18 -45.77
CA UNK A 1010 3.45 -12.73 -46.46
C UNK A 1010 3.15 -11.45 -47.22
N UNK A 1011 2.02 -11.42 -47.92
CA UNK A 1011 1.62 -10.24 -48.70
C UNK A 1011 1.40 -9.04 -47.78
N UNK A 1012 0.76 -9.29 -46.64
CA UNK A 1012 0.50 -8.24 -45.66
C UNK A 1012 1.82 -7.67 -45.15
N UNK A 1013 2.77 -8.55 -44.84
CA UNK A 1013 4.09 -8.14 -44.40
C UNK A 1013 4.76 -7.30 -45.49
N UNK A 1014 4.54 -7.69 -46.74
CA UNK A 1014 5.08 -6.95 -47.88
C UNK A 1014 4.34 -5.63 -48.04
N UNK A 1015 3.03 -5.64 -47.78
CA UNK A 1015 2.21 -4.45 -47.88
C UNK A 1015 2.44 -3.53 -46.69
N UNK A 1019 4.90 -6.42 -35.22
CA UNK A 1019 5.30 -7.52 -36.10
C UNK A 1019 4.34 -8.69 -35.94
N UNK A 1020 3.05 -8.39 -35.87
CA UNK A 1020 2.02 -9.41 -35.70
C UNK A 1020 2.01 -10.36 -36.90
N UNK A 1021 2.00 -9.79 -38.09
CA UNK A 1021 1.95 -10.58 -39.33
C UNK A 1021 3.18 -11.48 -39.44
N UNK A 1022 4.35 -10.92 -39.16
CA UNK A 1022 5.60 -11.66 -39.26
C UNK A 1022 5.62 -12.83 -38.27
N UNK A 1023 5.24 -12.56 -37.03
CA UNK A 1023 5.21 -13.59 -36.00
C UNK A 1023 4.21 -14.69 -36.38
N UNK A 1024 3.06 -14.28 -36.89
CA UNK A 1024 2.03 -15.23 -37.30
C UNK A 1024 2.55 -16.13 -38.41
N UNK A 1025 3.22 -15.52 -39.39
CA UNK A 1025 3.76 -16.26 -40.52
C UNK A 1025 4.82 -17.25 -40.04
N UNK A 1026 5.66 -16.81 -39.10
CA UNK A 1026 6.70 -17.66 -38.55
C UNK A 1026 6.10 -18.86 -37.84
N UNK A 1027 5.07 -18.60 -37.03
CA UNK A 1027 4.39 -19.66 -36.30
C UNK A 1027 3.75 -20.65 -37.26
N UNK A 1028 3.13 -20.13 -38.31
CA UNK A 1028 2.48 -20.98 -39.32
C UNK A 1028 3.52 -21.86 -40.01
N UNK A 1029 4.65 -21.27 -40.36
CA UNK A 1029 5.72 -22.00 -41.02
C UNK A 1029 6.25 -23.10 -40.12
N UNK A 1030 6.44 -22.78 -38.84
CA UNK A 1030 6.92 -23.76 -37.87
C UNK A 1030 5.93 -24.92 -37.75
N UNK A 1031 4.65 -24.60 -37.67
CA UNK A 1031 3.61 -25.60 -37.55
C UNK A 1031 3.60 -26.51 -38.79
N UNK A 1032 3.73 -25.89 -39.96
CA UNK A 1032 3.75 -26.63 -41.22
C UNK A 1032 4.95 -27.57 -41.27
N UNK A 1033 6.10 -27.08 -40.83
CA UNK A 1033 7.31 -27.89 -40.82
C UNK A 1033 7.13 -29.08 -39.88
N UNK A 1034 6.55 -28.82 -38.71
CA UNK A 1034 6.30 -29.88 -37.74
C UNK A 1034 5.36 -30.93 -38.34
N UNK A 1035 4.31 -30.48 -38.98
CA UNK A 1035 3.34 -31.38 -39.60
C UNK A 1035 4.00 -32.24 -40.67
N UNK A 1036 4.85 -31.61 -41.47
CA UNK A 1036 5.57 -32.31 -42.53
C UNK A 1036 6.48 -33.38 -41.93
N UNK A 1037 7.15 -33.02 -40.83
CA UNK A 1037 8.03 -33.95 -40.14
C UNK A 1037 7.23 -35.14 -39.61
N UNK A 1038 6.03 -34.86 -39.10
CA UNK A 1038 5.16 -35.91 -38.58
C UNK A 1038 4.47 -36.65 -39.72
N UNK A 1039 4.18 -35.93 -40.80
CA UNK A 1039 3.52 -36.53 -41.96
C UNK A 1039 4.49 -37.45 -42.70
N UNK A 1047 6.00 -31.55 -48.26
CA UNK A 1047 4.83 -30.78 -47.84
C UNK A 1047 5.15 -29.29 -47.82
N UNK A 1048 6.13 -28.90 -47.01
CA UNK A 1048 6.55 -27.50 -46.90
C UNK A 1048 7.17 -27.04 -48.21
N UNK A 1049 7.79 -27.97 -48.94
CA UNK A 1049 8.40 -27.65 -50.23
C UNK A 1049 7.33 -27.16 -51.20
N UNK A 1050 6.15 -27.78 -51.15
CA UNK A 1050 5.05 -27.39 -52.00
C UNK A 1050 4.64 -25.95 -51.71
N UNK A 1051 4.55 -25.61 -50.43
CA UNK A 1051 4.19 -24.27 -50.00
C UNK A 1051 5.24 -23.26 -50.47
N UNK A 1052 6.50 -23.64 -50.34
CA UNK A 1052 7.60 -22.79 -50.76
C UNK A 1052 7.53 -22.51 -52.26
N UNK A 1053 7.24 -23.56 -53.02
CA UNK A 1053 7.11 -23.44 -54.48
C UNK A 1053 5.94 -22.54 -54.83
N UNK A 1054 4.82 -22.71 -54.13
CA UNK A 1054 3.64 -21.91 -54.36
C UNK A 1054 3.93 -20.44 -54.06
N UNK A 1055 4.76 -20.20 -53.05
CA UNK A 1055 5.14 -18.84 -52.68
C UNK A 1055 5.85 -18.14 -53.82
N UNK A 1056 6.73 -18.87 -54.49
CA UNK A 1056 7.48 -18.33 -55.63
C UNK A 1056 6.58 -18.18 -56.84
N MET B 1 -2.82 11.62 -9.69
CA MET B 1 -1.70 12.06 -10.57
C MET B 1 -2.23 12.55 -11.91
N ARG B 2 -1.31 12.90 -12.82
CA ARG B 2 -1.68 13.51 -14.09
C ARG B 2 -1.10 12.80 -15.31
N ALA B 3 -0.33 11.73 -15.13
CA ALA B 3 0.33 10.95 -16.16
C ALA B 3 1.57 11.67 -16.72
N HIS B 4 1.83 12.91 -16.33
CA HIS B 4 3.01 13.63 -16.78
C HIS B 4 3.33 14.70 -15.74
N ARG B 5 4.55 15.22 -15.80
CA ARG B 5 4.95 16.34 -14.96
C ARG B 5 4.51 17.61 -15.64
N ILE B 6 3.47 18.26 -15.10
CA ILE B 6 2.89 19.46 -15.67
C ILE B 6 3.10 20.60 -14.69
N ASP B 7 3.70 21.69 -15.19
CA ASP B 7 3.86 22.92 -14.43
C ASP B 7 3.01 24.00 -15.09
N THR B 8 2.13 24.62 -14.31
CA THR B 8 1.16 25.59 -14.82
C THR B 8 1.57 26.98 -14.37
N PHE B 9 1.59 27.92 -15.32
CA PHE B 9 1.90 29.31 -15.05
C PHE B 9 0.85 30.19 -15.68
N LEU B 10 0.60 31.35 -15.07
CA LEU B 10 -0.35 32.32 -15.59
C LEU B 10 0.43 33.43 -16.27
N ILE B 11 0.37 33.47 -17.61
CA ILE B 11 1.05 34.55 -18.34
C ILE B 11 0.36 35.87 -18.08
N ARG B 12 -0.94 35.93 -18.37
CA ARG B 12 -1.79 37.06 -18.02
C ARG B 12 -3.04 36.51 -17.35
N GLU B 13 -3.97 37.40 -17.00
CA GLU B 13 -5.16 36.97 -16.29
C GLU B 13 -6.03 36.04 -17.13
N ASN B 14 -5.82 35.99 -18.45
CA ASN B 14 -6.69 35.22 -19.33
C ASN B 14 -5.93 34.18 -20.16
N ILE B 15 -4.66 33.93 -19.88
CA ILE B 15 -3.86 32.96 -20.63
C ILE B 15 -3.11 32.08 -19.63
N LYS B 16 -3.04 30.79 -19.93
CA LYS B 16 -2.33 29.82 -19.10
C LYS B 16 -1.34 29.04 -19.95
N LEU B 17 -0.15 28.82 -19.41
CA LEU B 17 0.90 28.05 -20.07
C LEU B 17 1.20 26.82 -19.22
N GLU B 18 1.12 25.65 -19.84
CA GLU B 18 1.41 24.38 -19.18
C GLU B 18 2.64 23.77 -19.83
N ILE B 19 3.67 23.52 -19.02
CA ILE B 19 4.89 22.84 -19.46
C ILE B 19 4.76 21.39 -19.05
N ILE B 20 4.75 20.50 -20.05
CA ILE B 20 4.56 19.06 -19.85
C ILE B 20 5.87 18.38 -20.18
N HIS B 21 6.41 17.63 -19.23
CA HIS B 21 7.62 16.85 -19.42
C HIS B 21 7.24 15.42 -19.76
N GLU B 22 7.68 14.94 -20.91
CA GLU B 22 7.37 13.57 -21.32
C GLU B 22 7.97 12.55 -20.35
N SER B 23 9.03 12.92 -19.62
CA SER B 23 9.61 12.06 -18.61
C SER B 23 10.14 12.93 -17.48
N ASN B 24 10.18 12.35 -16.28
CA ASN B 24 10.66 13.11 -15.12
C ASN B 24 12.12 13.51 -15.29
N SER B 25 12.96 12.58 -15.75
CA SER B 25 14.38 12.84 -15.95
C SER B 25 14.78 12.35 -17.33
N TYR B 26 15.73 13.07 -17.94
CA TYR B 26 16.23 12.75 -19.27
C TYR B 26 17.67 12.27 -19.15
N PHE B 27 17.95 11.11 -19.73
CA PHE B 27 19.26 10.51 -19.62
C PHE B 27 20.22 11.13 -20.63
N GLY B 28 21.50 10.75 -20.51
CA GLY B 28 22.53 11.37 -21.33
C GLY B 28 22.36 11.09 -22.81
N GLY B 29 21.89 9.89 -23.15
CA GLY B 29 21.77 9.48 -24.53
C GLY B 29 20.46 9.83 -25.21
N GLU B 30 19.51 10.42 -24.50
CA GLU B 30 18.19 10.69 -25.04
C GLU B 30 17.97 12.19 -25.26
N HIS B 31 16.94 12.49 -26.04
CA HIS B 31 16.54 13.87 -26.28
C HIS B 31 15.75 14.40 -25.09
N ILE B 32 15.50 15.71 -25.10
CA ILE B 32 14.61 16.36 -24.15
C ILE B 32 13.35 16.74 -24.92
N SER B 33 12.23 16.10 -24.59
CA SER B 33 10.95 16.34 -25.23
C SER B 33 10.03 17.03 -24.23
N ILE B 34 9.59 18.24 -24.56
CA ILE B 34 8.72 19.03 -23.68
C ILE B 34 7.62 19.65 -24.51
N ALA B 35 6.38 19.61 -23.99
CA ALA B 35 5.23 20.17 -24.67
C ALA B 35 4.79 21.44 -23.96
N PHE B 36 4.74 22.55 -24.69
CA PHE B 36 4.24 23.82 -24.17
C PHE B 36 2.82 24.01 -24.69
N ARG B 37 1.87 24.07 -23.76
CA ARG B 37 0.44 24.19 -24.09
C ARG B 37 -0.02 25.57 -23.67
N PHE B 38 -0.38 26.40 -24.63
CA PHE B 38 -0.90 27.74 -24.39
C PHE B 38 -2.40 27.71 -24.58
N LYS B 39 -3.15 28.10 -23.56
CA LYS B 39 -4.60 28.08 -23.61
C LYS B 39 -5.15 29.44 -23.18
N HIS B 40 -6.25 29.82 -23.81
CA HIS B 40 -6.94 31.07 -23.51
C HIS B 40 -8.09 30.79 -22.56
N LEU B 41 -8.15 31.57 -21.48
CA LEU B 41 -9.16 31.36 -20.45
C LEU B 41 -10.52 31.96 -20.80
N GLY B 42 -10.61 32.74 -21.88
CA GLY B 42 -11.87 33.31 -22.28
C GLY B 42 -12.79 32.30 -22.93
N SER B 43 -14.02 32.74 -23.16
CA SER B 43 -15.07 31.91 -23.77
C SER B 43 -15.59 32.58 -25.02
N GLN B 44 -15.87 31.76 -26.05
CA GLN B 44 -16.38 32.31 -27.30
C GLN B 44 -17.76 32.92 -27.13
N HIS B 45 -18.55 32.42 -26.17
CA HIS B 45 -19.90 32.95 -25.98
C HIS B 45 -19.86 34.41 -25.57
N GLU B 46 -18.93 34.78 -24.69
CA GLU B 46 -18.79 36.16 -24.25
C GLU B 46 -18.06 37.03 -25.28
N LEU B 47 -17.52 36.44 -26.34
CA LEU B 47 -16.77 37.21 -27.34
C LEU B 47 -17.64 38.24 -28.04
N PHE B 48 -18.97 38.06 -28.04
CA PHE B 48 -19.87 38.97 -28.74
C PHE B 48 -20.84 39.68 -27.80
N ASN B 49 -20.59 39.66 -26.49
CA ASN B 49 -21.47 40.35 -25.56
C ASN B 49 -21.39 41.85 -25.77
N TYR B 50 -22.55 42.52 -25.71
CA TYR B 50 -22.62 43.95 -25.92
C TYR B 50 -23.79 44.55 -25.15
N GLN B 122 -19.94 51.08 -20.42
CA GLN B 122 -18.71 50.39 -20.07
C GLN B 122 -18.98 48.92 -19.82
N LYS B 123 -18.29 48.07 -20.56
CA LYS B 123 -18.41 46.62 -20.43
C LYS B 123 -17.15 45.93 -19.94
N GLN B 124 -15.97 46.43 -20.31
CA GLN B 124 -14.69 45.87 -19.86
C GLN B 124 -14.60 44.39 -20.24
N MET B 125 -14.92 44.09 -21.50
CA MET B 125 -14.82 42.74 -22.04
C MET B 125 -13.41 42.39 -22.49
N TYR B 126 -12.41 43.19 -22.11
CA TYR B 126 -11.04 42.94 -22.56
C TYR B 126 -10.55 41.55 -22.16
N PHE B 127 -11.10 40.99 -21.08
CA PHE B 127 -10.64 39.68 -20.62
C PHE B 127 -10.83 38.62 -21.69
N HIS B 128 -11.84 38.76 -22.54
CA HIS B 128 -12.15 37.77 -23.56
C HIS B 128 -11.62 38.13 -24.94
N GLN B 129 -10.77 39.14 -25.04
CA GLN B 129 -10.22 39.52 -26.33
C GLN B 129 -9.12 38.55 -26.75
N PRO B 130 -8.99 38.25 -28.05
CA PRO B 130 -7.86 37.43 -28.50
C PRO B 130 -6.54 38.13 -28.23
N VAL B 131 -5.49 37.33 -28.00
CA VAL B 131 -4.17 37.84 -27.63
C VAL B 131 -3.15 37.29 -28.60
N THR B 132 -2.26 38.16 -29.07
CA THR B 132 -1.22 37.80 -30.02
C THR B 132 0.14 37.91 -29.36
N LEU B 133 0.94 36.84 -29.46
CA LEU B 133 2.31 36.81 -28.98
C LEU B 133 3.24 36.83 -30.19
N ILE B 134 4.17 37.80 -30.20
CA ILE B 134 5.04 37.97 -31.36
C ILE B 134 6.15 36.94 -31.36
N SER B 135 6.98 36.95 -30.32
CA SER B 135 8.16 36.10 -30.23
C SER B 135 8.14 35.28 -28.95
N GLY B 136 8.48 34.01 -29.06
CA GLY B 136 8.66 33.15 -27.91
C GLY B 136 9.95 32.35 -28.04
N TYR B 137 10.41 31.85 -26.91
CA TYR B 137 11.68 31.14 -26.89
C TYR B 137 11.74 30.19 -25.70
N VAL B 138 12.55 29.15 -25.85
CA VAL B 138 12.85 28.21 -24.78
C VAL B 138 14.35 27.89 -24.84
N GLN B 139 15.00 27.89 -23.68
CA GLN B 139 16.43 27.62 -23.61
C GLN B 139 16.74 26.81 -22.36
N ILE B 140 17.57 25.77 -22.52
CA ILE B 140 17.99 24.91 -21.42
C ILE B 140 19.42 25.28 -21.08
N SER B 141 19.69 25.48 -19.78
CA SER B 141 21.01 25.85 -19.31
C SER B 141 21.37 24.98 -18.12
N GLY B 142 22.68 24.86 -17.87
CA GLY B 142 23.18 24.11 -16.73
C GLY B 142 24.34 24.81 -16.07
N VAL B 143 24.35 24.83 -14.74
CA VAL B 143 25.37 25.54 -13.98
C VAL B 143 25.90 24.62 -12.88
N PHE B 144 27.22 24.65 -12.71
CA PHE B 144 27.89 23.91 -11.64
C PHE B 144 28.31 24.91 -10.57
N GLN B 145 27.71 24.79 -9.39
CA GLN B 145 27.96 25.70 -8.28
C GLN B 145 28.80 24.99 -7.23
N TYR B 146 29.80 25.68 -6.71
CA TYR B 146 30.69 25.12 -5.71
C TYR B 146 31.26 26.24 -4.86
N ASP B 147 31.74 25.87 -3.67
CA ASP B 147 32.39 26.79 -2.77
C ASP B 147 33.90 26.60 -2.82
N SER B 148 34.64 27.71 -2.90
CA SER B 148 36.09 27.64 -3.02
C SER B 148 36.77 27.15 -1.75
N GLU B 149 36.03 27.05 -0.64
CA GLU B 149 36.66 26.63 0.61
C GLU B 149 37.16 25.19 0.55
N VAL B 150 36.50 24.34 -0.23
CA VAL B 150 36.83 22.91 -0.27
C VAL B 150 37.27 22.51 -1.67
N ILE B 151 36.79 23.21 -2.69
CA ILE B 151 37.11 22.92 -4.08
C ILE B 151 38.07 23.99 -4.58
N SER B 152 39.14 23.56 -5.25
CA SER B 152 40.22 24.46 -5.64
C SER B 152 39.78 25.28 -6.85
N GLU B 153 39.60 26.58 -6.64
CA GLU B 153 39.26 27.48 -7.74
C GLU B 153 40.48 27.72 -8.62
N SER B 154 41.68 27.75 -8.03
CA SER B 154 42.88 28.18 -8.75
C SER B 154 43.19 27.30 -9.96
N LYS B 155 42.66 26.09 -10.01
CA LYS B 155 42.97 25.17 -11.11
C LYS B 155 41.72 24.78 -11.88
N PHE B 156 40.88 25.77 -12.20
CA PHE B 156 39.69 25.56 -13.01
C PHE B 156 39.85 26.31 -14.33
N LYS B 157 39.70 25.58 -15.43
CA LYS B 157 39.85 26.17 -16.77
C LYS B 157 38.72 25.71 -17.68
N ASP B 231 27.34 34.15 -2.64
CA ASP B 231 28.39 34.75 -3.46
C ASP B 231 29.67 34.96 -2.65
N THR B 232 29.57 34.84 -1.32
CA THR B 232 30.76 34.98 -0.48
C THR B 232 31.79 33.92 -0.81
N SER B 233 31.34 32.67 -1.00
CA SER B 233 32.22 31.59 -1.41
C SER B 233 31.69 30.78 -2.58
N ILE B 234 30.38 30.78 -2.83
CA ILE B 234 29.83 29.99 -3.92
C ILE B 234 30.29 30.58 -5.25
N LYS B 235 30.77 29.70 -6.14
CA LYS B 235 31.21 30.11 -7.47
C LYS B 235 30.53 29.22 -8.50
N THR B 236 30.15 29.83 -9.62
CA THR B 236 29.40 29.15 -10.67
C THR B 236 30.31 28.83 -11.84
N LEU B 237 29.92 27.80 -12.61
CA LEU B 237 30.64 27.38 -13.80
C LEU B 237 29.65 26.86 -14.82
N PRO B 238 29.57 27.45 -16.03
CA PRO B 238 28.58 26.98 -17.01
C PRO B 238 29.01 25.66 -17.62
N LEU B 239 28.12 24.68 -17.61
CA LEU B 239 28.38 23.36 -18.18
C LEU B 239 27.87 23.26 -19.61
N LEU B 240 26.56 23.44 -19.78
CA LEU B 240 25.91 23.28 -21.08
C LEU B 240 24.85 24.36 -21.22
N LEU B 241 24.56 24.73 -22.47
CA LEU B 241 23.49 25.68 -22.74
C LEU B 241 22.99 25.47 -24.16
N ILE B 242 21.71 25.17 -24.30
CA ILE B 242 21.10 25.05 -25.63
C ILE B 242 20.81 26.45 -26.15
N PRO B 243 21.26 26.81 -27.35
CA PRO B 243 21.00 28.16 -27.84
C PRO B 243 19.50 28.47 -27.90
N GLN B 244 19.17 29.73 -27.68
CA GLN B 244 17.78 30.16 -27.64
C GLN B 244 17.03 29.73 -28.89
N THR B 245 16.04 28.85 -28.72
CA THR B 245 15.25 28.34 -29.83
C THR B 245 13.89 29.02 -29.83
N LEU B 246 13.52 29.61 -30.96
CA LEU B 246 12.24 30.32 -31.05
C LEU B 246 11.10 29.34 -30.94
N LEU B 247 10.19 29.58 -29.98
CA LEU B 247 9.04 28.70 -29.81
C LEU B 247 8.00 28.93 -30.90
N PHE B 248 7.73 30.19 -31.23
CA PHE B 248 6.76 30.52 -32.25
C PHE B 248 7.03 31.93 -32.75
N SER B 249 6.40 32.28 -33.87
CA SER B 249 6.50 33.61 -34.45
C SER B 249 5.09 34.06 -34.84
N GLU B 250 4.61 35.12 -34.19
CA GLU B 250 3.31 35.71 -34.49
C GLU B 250 2.18 34.68 -34.34
N ILE B 251 2.00 34.23 -33.10
CA ILE B 251 0.92 33.33 -32.75
C ILE B 251 -0.26 34.16 -32.26
N SER B 252 -1.47 33.74 -32.64
CA SER B 252 -2.69 34.40 -32.22
C SER B 252 -3.58 33.39 -31.50
N LEU B 253 -4.02 33.73 -30.30
CA LEU B 253 -4.87 32.86 -29.48
C LEU B 253 -6.24 33.51 -29.32
N GLU B 254 -7.26 32.79 -29.76
CA GLU B 254 -8.65 33.18 -29.55
C GLU B 254 -9.16 32.61 -28.24
N PRO B 255 -10.29 33.10 -27.74
CA PRO B 255 -10.83 32.54 -26.49
C PRO B 255 -11.12 31.06 -26.64
N GLY B 256 -10.82 30.31 -25.56
CA GLY B 256 -11.09 28.88 -25.57
C GLY B 256 -10.36 28.11 -26.64
N GLU B 257 -9.11 28.48 -26.93
CA GLU B 257 -8.29 27.80 -27.93
C GLU B 257 -7.00 27.34 -27.27
N VAL B 258 -6.59 26.11 -27.57
CA VAL B 258 -5.38 25.52 -27.01
C VAL B 258 -4.44 25.20 -28.15
N ARG B 259 -3.17 25.60 -28.00
CA ARG B 259 -2.13 25.32 -28.98
C ARG B 259 -0.95 24.69 -28.28
N THR B 260 -0.48 23.56 -28.81
CA THR B 260 0.61 22.78 -28.22
C THR B 260 1.81 22.80 -29.15
N PHE B 261 2.98 23.09 -28.58
CA PHE B 261 4.25 23.06 -29.30
C PHE B 261 5.16 22.03 -28.64
N TYR B 262 5.58 21.03 -29.41
CA TYR B 262 6.46 19.99 -28.92
C TYR B 262 7.89 20.34 -29.31
N PHE B 263 8.74 20.55 -28.30
CA PHE B 263 10.14 20.87 -28.48
C PHE B 263 10.97 19.63 -28.17
N LYS B 264 11.79 19.22 -29.14
CA LYS B 264 12.64 18.04 -29.03
C LYS B 264 14.08 18.49 -29.22
N SER B 265 14.86 18.43 -28.15
CA SER B 265 16.26 18.85 -28.21
C SER B 265 17.10 17.80 -28.92
N THR B 266 18.27 18.21 -29.37
CA THR B 266 19.20 17.28 -30.00
C THR B 266 19.75 16.30 -28.97
N LYS B 267 20.34 15.22 -29.48
CA LYS B 267 20.87 14.18 -28.61
C LYS B 267 21.87 14.76 -27.64
N LEU B 268 21.58 14.66 -26.34
CA LEU B 268 22.48 15.16 -25.33
C LEU B 268 23.78 14.36 -25.35
N PRO B 269 24.89 14.97 -24.92
CA PRO B 269 26.15 14.21 -24.89
C PRO B 269 26.05 13.02 -23.97
N LYS B 270 26.71 11.92 -24.35
CA LYS B 270 26.63 10.70 -23.56
C LYS B 270 27.21 10.88 -22.17
N ASP B 271 28.17 11.79 -22.02
CA ASP B 271 28.83 12.05 -20.74
C ASP B 271 28.33 13.31 -20.07
N ILE B 272 27.04 13.61 -20.19
CA ILE B 272 26.47 14.78 -19.54
C ILE B 272 26.54 14.58 -18.03
N CYS B 273 26.90 15.64 -17.32
CA CYS B 273 26.98 15.57 -15.86
C CYS B 273 25.57 15.48 -15.28
N PRO B 274 25.26 14.46 -14.49
CA PRO B 274 23.87 14.33 -14.00
C PRO B 274 23.52 15.43 -13.01
N SER B 275 22.23 15.73 -12.96
CA SER B 275 21.74 16.73 -12.01
C SER B 275 22.05 16.28 -10.58
N TYR B 276 22.56 17.21 -9.77
CA TYR B 276 22.93 16.90 -8.40
C TYR B 276 22.65 18.12 -7.55
N SER B 277 21.76 17.98 -6.57
CA SER B 277 21.36 19.07 -5.70
C SER B 277 21.33 18.73 -4.22
N SER B 278 21.37 17.44 -3.85
CA SER B 278 21.37 17.05 -2.44
C SER B 278 22.78 17.17 -1.85
N SER B 279 23.26 18.41 -1.81
CA SER B 279 24.62 18.69 -1.37
C SER B 279 24.71 20.16 -0.98
N LYS B 280 25.80 20.49 -0.27
CA LYS B 280 26.06 21.86 0.15
C LYS B 280 27.40 22.39 -0.32
N VAL B 281 28.33 21.54 -0.75
CA VAL B 281 29.65 21.98 -1.17
C VAL B 281 29.70 22.07 -2.69
N ALA B 282 28.95 21.22 -3.37
CA ALA B 282 28.91 21.23 -4.82
C ALA B 282 27.51 20.83 -5.28
N SER B 283 27.12 21.35 -6.44
CA SER B 283 25.81 21.04 -7.00
C SER B 283 25.83 21.32 -8.50
N ILE B 284 24.98 20.59 -9.22
CA ILE B 284 24.79 20.80 -10.65
C ILE B 284 23.29 21.01 -10.87
N ASN B 285 22.93 22.15 -11.46
CA ASN B 285 21.54 22.53 -11.61
C ASN B 285 21.25 22.84 -13.08
N TYR B 286 20.24 22.17 -13.63
CA TYR B 286 19.78 22.43 -14.99
C TYR B 286 18.40 23.07 -14.93
N THR B 287 18.24 24.17 -15.67
CA THR B 287 16.99 24.92 -15.68
C THR B 287 16.57 25.21 -17.12
N LEU B 288 15.28 25.07 -17.39
CA LEU B 288 14.70 25.42 -18.68
C LEU B 288 13.91 26.71 -18.52
N GLU B 289 14.31 27.74 -19.25
CA GLU B 289 13.66 29.04 -19.22
C GLU B 289 12.81 29.18 -20.48
N VAL B 290 11.52 29.44 -20.29
CA VAL B 290 10.57 29.65 -21.39
C VAL B 290 10.02 31.06 -21.25
N GLY B 291 10.04 31.81 -22.35
CA GLY B 291 9.58 33.18 -22.33
C GLY B 291 8.89 33.54 -23.62
N ALA B 292 8.22 34.68 -23.59
CA ALA B 292 7.48 35.19 -24.75
C ALA B 292 7.08 36.63 -24.46
N ASP B 293 6.41 37.24 -25.44
CA ASP B 293 5.94 38.61 -25.33
C ASP B 293 4.43 38.64 -25.58
N VAL B 294 3.73 39.46 -24.81
CA VAL B 294 2.29 39.62 -24.90
C VAL B 294 1.98 41.09 -25.14
N LEU B 295 1.01 41.34 -26.02
CA LEU B 295 0.54 42.69 -26.32
C LEU B 295 -0.75 43.02 -25.57
N SER B 296 -0.88 42.52 -24.34
CA SER B 296 -2.11 42.72 -23.58
C SER B 296 -2.39 44.21 -23.36
N ASP B 297 -1.37 44.98 -23.01
CA ASP B 297 -1.49 46.41 -22.77
C ASP B 297 -0.81 47.18 -23.91
N ASP B 298 -0.85 48.50 -23.80
CA ASP B 298 -0.21 49.34 -24.82
C ASP B 298 1.29 49.05 -24.89
N ASN B 299 1.93 48.92 -23.73
CA ASN B 299 3.35 48.58 -23.69
C ASN B 299 3.52 47.07 -23.82
N ILE B 300 4.42 46.66 -24.72
CA ILE B 300 4.65 45.23 -24.93
C ILE B 300 5.20 44.63 -23.64
N GLU B 301 4.45 43.72 -23.04
CA GLU B 301 4.89 43.06 -21.83
C GLU B 301 5.64 41.78 -22.19
N LYS B 302 6.54 41.36 -21.31
CA LYS B 302 7.35 40.18 -21.53
C LYS B 302 7.24 39.24 -20.34
N PHE B 303 6.98 37.97 -20.61
CA PHE B 303 6.90 36.94 -19.59
C PHE B 303 8.06 35.98 -19.77
N SER B 304 8.62 35.50 -18.65
CA SER B 304 9.74 34.56 -18.69
C SER B 304 9.80 33.82 -17.38
N ASN B 305 9.67 32.50 -17.43
CA ASN B 305 9.70 31.65 -16.25
C ASN B 305 10.69 30.51 -16.44
N ARG B 306 11.44 30.19 -15.39
CA ARG B 306 12.42 29.12 -15.41
C ARG B 306 11.96 28.00 -14.49
N VAL B 307 12.08 26.76 -14.97
CA VAL B 307 11.66 25.58 -14.23
C VAL B 307 12.83 24.61 -14.14
N PRO B 308 13.07 23.97 -13.00
CA PRO B 308 14.16 22.99 -12.94
C PRO B 308 13.88 21.78 -13.81
N ILE B 309 14.96 21.18 -14.31
CA ILE B 309 14.90 19.99 -15.14
C ILE B 309 15.95 19.02 -14.64
N THR B 310 15.59 17.75 -14.54
CA THR B 310 16.46 16.72 -13.99
C THR B 310 17.11 15.93 -15.12
N ILE B 311 18.42 15.76 -15.02
CA ILE B 311 19.21 15.04 -16.02
C ILE B 311 19.93 13.90 -15.31
N ALA B 312 19.82 12.70 -15.87
CA ALA B 312 20.46 11.51 -15.34
C ALA B 312 21.59 11.06 -16.24
N PRO B 313 22.57 10.33 -15.71
CA PRO B 313 23.72 9.93 -16.52
C PRO B 313 23.40 8.73 -17.39
N TYR B 314 24.05 8.69 -18.55
CA TYR B 314 23.86 7.56 -19.45
C TYR B 314 24.42 6.29 -18.83
N ILE B 315 23.65 5.21 -18.93
CA ILE B 315 24.04 3.91 -18.40
C ILE B 315 23.96 2.90 -19.55
N SER B 316 25.06 2.21 -19.80
CA SER B 316 25.12 1.26 -20.90
C SER B 316 24.31 0.01 -20.56
N SER B 317 24.32 -0.96 -21.47
CA SER B 317 23.57 -2.19 -21.27
C SER B 317 24.10 -2.97 -20.08
N ASN B 318 25.43 -2.99 -19.90
CA ASN B 318 26.07 -3.77 -18.85
C ASN B 318 26.55 -2.88 -17.70
N ALA B 319 25.77 -1.84 -17.38
CA ALA B 319 26.04 -0.96 -16.25
C ALA B 319 27.42 -0.32 -16.35
N GLU B 320 27.61 0.42 -17.44
CA GLU B 320 28.82 1.20 -17.66
C GLU B 320 28.43 2.66 -17.78
N GLN B 321 29.03 3.50 -16.94
CA GLN B 321 28.72 4.93 -16.89
C GLN B 321 29.94 5.74 -17.32
N TYR B 322 29.68 6.84 -18.03
CA TYR B 322 30.76 7.73 -18.45
C TYR B 322 31.17 8.63 -17.30
N THR B 323 32.48 8.85 -17.18
CA THR B 323 33.01 9.78 -16.19
C THR B 323 32.78 11.20 -16.69
N SER B 324 31.70 11.83 -16.22
CA SER B 324 31.30 13.14 -16.71
C SER B 324 32.38 14.18 -16.45
N ARG B 325 32.99 14.69 -17.51
CA ARG B 325 33.99 15.74 -17.37
C ARG B 325 33.34 17.03 -16.91
N LEU B 326 33.98 17.70 -15.96
CA LEU B 326 33.49 18.95 -15.40
C LEU B 326 34.36 20.14 -15.69
N ASP B 327 35.67 19.95 -15.87
CA ASP B 327 36.60 21.03 -16.18
C ASP B 327 36.70 21.18 -17.70
N LYS B 328 35.60 21.64 -18.29
CA LYS B 328 35.49 21.90 -19.71
C LYS B 328 34.93 23.30 -19.92
N PRO B 329 35.19 23.92 -21.08
CA PRO B 329 34.71 25.29 -21.30
C PRO B 329 33.20 25.39 -21.25
N ALA B 330 32.52 24.65 -22.13
CA ALA B 330 31.07 24.63 -22.21
C ALA B 330 30.68 23.66 -23.31
N ILE B 331 29.38 23.43 -23.43
CA ILE B 331 28.81 22.61 -24.51
C ILE B 331 27.71 23.44 -25.18
N ILE B 332 27.78 23.55 -26.50
CA ILE B 332 26.84 24.35 -27.28
C ILE B 332 26.14 23.38 -28.24
N LEU B 333 24.97 22.88 -27.83
CA LEU B 333 24.18 22.02 -28.69
C LEU B 333 23.47 22.85 -29.75
N LYS B 334 22.71 22.18 -30.60
CA LYS B 334 21.91 22.87 -31.60
C LYS B 334 20.62 23.40 -30.98
N THR B 335 19.88 24.18 -31.77
CA THR B 335 18.69 24.83 -31.24
C THR B 335 17.64 23.81 -30.79
N GLY B 336 17.43 22.76 -31.58
CA GLY B 336 16.44 21.75 -31.26
C GLY B 336 15.16 21.93 -32.04
N ASN B 337 14.58 20.82 -32.51
CA ASN B 337 13.41 20.90 -33.37
C ASN B 337 12.17 21.28 -32.56
N ILE B 338 11.21 21.91 -33.24
CA ILE B 338 9.94 22.27 -32.64
C ILE B 338 8.84 22.02 -33.66
N LYS B 339 7.74 21.42 -33.21
CA LYS B 339 6.60 21.11 -34.08
C LYS B 339 5.32 21.58 -33.41
N GLU B 340 4.46 22.25 -34.19
CA GLU B 340 3.20 22.75 -33.66
C GLU B 340 2.13 21.66 -33.56
N LEU B 341 2.33 20.51 -34.19
CA LEU B 341 1.36 19.43 -34.19
C LEU B 341 0.10 19.84 -34.94
N LYS B 342 -0.61 18.86 -35.50
CA LYS B 342 -1.80 19.11 -36.29
C LYS B 342 -3.04 18.63 -35.53
N PRO B 343 -4.03 19.49 -35.26
CA PRO B 343 -5.22 19.02 -34.56
C PRO B 343 -6.01 18.03 -35.39
N ARG B 344 -6.64 17.09 -34.70
CA ARG B 344 -7.45 16.06 -35.37
C ARG B 344 -8.61 15.63 -34.47
N UNK B 379 8.66 -6.86 -53.49
CA UNK B 379 8.59 -8.06 -52.66
C UNK B 379 9.95 -8.31 -51.99
N UNK B 380 10.60 -7.25 -51.56
CA UNK B 380 11.89 -7.35 -50.89
C UNK B 380 11.75 -8.11 -49.58
N UNK B 381 10.78 -7.71 -48.77
CA UNK B 381 10.52 -8.37 -47.50
C UNK B 381 10.14 -9.82 -47.72
N UNK B 382 9.36 -10.07 -48.77
CA UNK B 382 8.94 -11.43 -49.12
C UNK B 382 10.15 -12.30 -49.43
N UNK B 383 11.06 -11.77 -50.25
CA UNK B 383 12.27 -12.48 -50.62
C UNK B 383 13.13 -12.74 -49.39
N UNK B 384 13.21 -11.75 -48.51
CA UNK B 384 13.99 -11.88 -47.28
C UNK B 384 13.44 -13.01 -46.42
N UNK B 385 12.12 -13.02 -46.26
CA UNK B 385 11.46 -14.06 -45.47
C UNK B 385 11.67 -15.44 -46.08
N UNK B 386 11.58 -15.51 -47.41
CA UNK B 386 11.77 -16.76 -48.12
C UNK B 386 13.18 -17.29 -47.90
N UNK B 387 14.17 -16.39 -47.96
CA UNK B 387 15.56 -16.75 -47.75
C UNK B 387 15.78 -17.22 -46.31
N UNK B 388 15.14 -16.52 -45.36
CA UNK B 388 15.27 -16.86 -43.95
C UNK B 388 14.70 -18.25 -43.67
N UNK B 389 13.55 -18.54 -44.28
CA UNK B 389 12.90 -19.82 -44.11
C UNK B 389 13.78 -20.95 -44.62
N UNK B 390 14.48 -20.69 -45.72
CA UNK B 390 15.36 -21.68 -46.32
C UNK B 390 16.70 -21.71 -45.59
N UNK B 398 16.00 -18.17 -33.88
CA UNK B 398 14.81 -18.24 -33.03
C UNK B 398 13.64 -17.54 -33.71
N UNK B 399 12.44 -17.74 -33.13
CA UNK B 399 11.24 -17.12 -33.68
C UNK B 399 11.32 -15.61 -33.58
N UNK B 400 11.69 -15.11 -32.40
CA UNK B 400 11.82 -13.67 -32.19
C UNK B 400 12.93 -13.12 -33.08
N UNK B 401 14.04 -13.84 -33.16
CA UNK B 401 15.16 -13.44 -34.00
C UNK B 401 14.74 -13.39 -35.46
N UNK B 402 13.98 -14.40 -35.88
CA UNK B 402 13.49 -14.46 -37.25
C UNK B 402 12.59 -13.27 -37.55
N UNK B 403 11.71 -12.95 -36.61
CA UNK B 403 10.79 -11.83 -36.76
C UNK B 403 11.57 -10.52 -36.87
N UNK B 404 12.59 -10.37 -36.03
CA UNK B 404 13.42 -9.17 -36.04
C UNK B 404 14.14 -9.03 -37.37
N UNK B 405 14.67 -10.14 -37.88
CA UNK B 405 15.37 -10.14 -39.16
C UNK B 405 14.43 -9.77 -40.30
N UNK B 406 13.22 -10.32 -40.25
CA UNK B 406 12.23 -10.04 -41.29
C UNK B 406 11.81 -8.57 -41.26
N UNK B 407 11.70 -8.01 -40.06
CA UNK B 407 11.32 -6.62 -39.90
C UNK B 407 12.51 -5.70 -40.16
N UNK B 408 13.70 -6.28 -40.26
CA UNK B 408 14.91 -5.52 -40.51
C UNK B 408 14.85 -4.86 -41.89
N UNK B 409 14.26 -5.55 -42.85
CA UNK B 409 14.13 -5.04 -44.21
C UNK B 409 13.03 -3.98 -44.28
N LYS B 449 15.69 -4.98 -29.61
CA LYS B 449 15.20 -3.61 -29.73
C LYS B 449 15.57 -2.80 -28.49
N SER B 450 16.63 -3.21 -27.80
CA SER B 450 17.09 -2.55 -26.58
C SER B 450 18.08 -1.47 -26.97
N TYR B 451 17.59 -0.25 -27.14
CA TYR B 451 18.41 0.90 -27.48
C TYR B 451 18.23 2.06 -26.51
N SER B 452 17.02 2.27 -26.00
CA SER B 452 16.78 3.36 -25.07
C SER B 452 17.47 3.07 -23.74
N VAL B 453 17.93 4.14 -23.09
CA VAL B 453 18.60 4.00 -21.81
C VAL B 453 17.64 3.46 -20.75
N ARG B 454 16.37 3.86 -20.81
CA ARG B 454 15.39 3.34 -19.86
C ARG B 454 15.25 1.83 -19.99
N ASP B 455 15.25 1.32 -21.22
CA ASP B 455 15.16 -0.13 -21.42
C ASP B 455 16.37 -0.84 -20.84
N ASN B 456 17.56 -0.28 -21.02
CA ASN B 456 18.76 -0.88 -20.45
C ASN B 456 18.68 -0.88 -18.92
N ILE B 457 18.22 0.23 -18.34
CA ILE B 457 18.08 0.30 -16.89
C ILE B 457 17.12 -0.77 -16.40
N SER B 458 15.99 -0.93 -17.08
CA SER B 458 15.00 -1.91 -16.67
C SER B 458 15.57 -3.33 -16.79
N ASN B 459 16.27 -3.63 -17.90
CA ASN B 459 16.81 -4.95 -18.12
C ASN B 459 18.01 -5.26 -17.23
N LEU B 460 18.59 -4.24 -16.60
CA LEU B 460 19.78 -4.46 -15.79
C LEU B 460 19.54 -5.52 -14.72
N GLU B 461 18.33 -5.60 -14.18
CA GLU B 461 18.04 -6.56 -13.12
C GLU B 461 18.13 -8.00 -13.59
N GLN B 462 18.10 -8.25 -14.90
CA GLN B 462 18.01 -9.60 -15.45
C GLN B 462 19.35 -10.09 -16.00
N LYS B 463 20.44 -9.76 -15.34
CA LYS B 463 21.76 -10.23 -15.74
C LYS B 463 22.56 -10.65 -14.52
N MET B 464 23.51 -11.55 -14.74
CA MET B 464 24.34 -12.09 -13.66
C MET B 464 23.46 -12.64 -12.53
N SER B 477 39.00 3.47 -21.49
CA SER B 477 38.04 4.46 -21.95
C SER B 477 37.35 5.14 -20.77
N ASN B 478 36.61 6.21 -21.05
CA ASN B 478 35.91 6.93 -19.99
C ASN B 478 34.86 6.06 -19.30
N LEU B 479 34.37 5.02 -19.98
CA LEU B 479 33.38 4.15 -19.37
C LEU B 479 33.96 3.47 -18.14
N LEU B 480 33.12 3.34 -17.09
CA LEU B 480 33.49 2.65 -15.87
C LEU B 480 32.35 1.71 -15.51
N PRO B 481 32.61 0.43 -15.20
CA PRO B 481 31.52 -0.46 -14.77
C PRO B 481 31.05 -0.09 -13.38
N GLN B 482 29.78 0.28 -13.26
CA GLN B 482 29.22 0.64 -11.96
C GLN B 482 28.96 -0.57 -11.09
N LEU B 483 28.65 -1.72 -11.70
CA LEU B 483 28.41 -2.96 -10.97
C LEU B 483 29.64 -3.85 -11.18
N ILE B 484 30.59 -3.76 -10.25
CA ILE B 484 31.87 -4.43 -10.37
C ILE B 484 32.12 -5.40 -9.22
N ASN B 485 31.81 -5.00 -7.99
CA ASN B 485 32.11 -5.81 -6.81
C ASN B 485 30.84 -6.15 -6.05
N LEU B 486 29.80 -6.58 -6.76
CA LEU B 486 28.55 -6.92 -6.12
C LEU B 486 28.74 -8.08 -5.14
N GLN B 487 28.03 -8.01 -4.03
CA GLN B 487 28.05 -9.09 -3.04
C GLN B 487 26.75 -9.04 -2.26
N ASN B 488 26.00 -10.15 -2.27
CA ASN B 488 24.69 -10.16 -1.63
C ASN B 488 24.81 -9.97 -0.12
N ALA B 489 25.77 -10.64 0.51
CA ALA B 489 25.91 -10.65 1.96
C ALA B 489 27.26 -10.10 2.36
N TYR B 490 27.24 -9.25 3.40
CA TYR B 490 28.45 -8.70 4.00
C TYR B 490 28.56 -9.20 5.43
N GLN B 491 29.79 -9.44 5.87
CA GLN B 491 30.08 -9.85 7.23
C GLN B 491 30.85 -8.75 7.93
N ILE B 492 30.35 -8.29 9.08
CA ILE B 492 30.97 -7.22 9.85
C ILE B 492 31.79 -7.85 10.95
N ASN B 493 33.08 -7.51 11.00
CA ASN B 493 33.96 -7.96 12.08
C ASN B 493 34.90 -6.83 12.47
N ARG B 494 35.04 -6.63 13.77
CA ARG B 494 35.95 -5.62 14.32
C ARG B 494 37.07 -6.34 15.06
N ASN B 495 38.31 -6.06 14.65
CA ASN B 495 39.49 -6.69 15.25
C ASN B 495 39.38 -8.21 15.18
N ASN B 496 38.89 -8.71 14.05
CA ASN B 496 38.71 -10.13 13.77
C ASN B 496 37.61 -10.77 14.62
N GLU B 497 36.84 -9.98 15.36
CA GLU B 497 35.72 -10.47 16.14
C GLU B 497 34.43 -10.14 15.41
N THR B 498 33.69 -11.17 15.02
CA THR B 498 32.46 -10.96 14.26
C THR B 498 31.43 -10.25 15.12
N MET B 499 30.71 -9.30 14.51
CA MET B 499 29.64 -8.56 15.15
C MET B 499 28.28 -8.91 14.58
N ALA B 500 28.14 -8.89 13.25
CA ALA B 500 26.88 -9.22 12.62
C ALA B 500 27.13 -9.50 11.14
N LYS B 501 26.17 -10.19 10.53
CA LYS B 501 26.17 -10.48 9.11
C LYS B 501 25.01 -9.73 8.46
N VAL B 502 25.33 -8.94 7.44
CA VAL B 502 24.35 -8.12 6.72
C VAL B 502 24.09 -8.78 5.38
N SER B 503 22.81 -9.02 5.07
CA SER B 503 22.40 -9.63 3.81
C SER B 503 21.47 -8.68 3.08
N LEU B 504 21.79 -8.38 1.83
CA LEU B 504 20.97 -7.52 0.99
C LEU B 504 20.03 -8.37 0.16
N SER B 505 18.80 -7.88 -0.01
CA SER B 505 17.83 -8.59 -0.82
C SER B 505 18.31 -8.70 -2.27
N ALA B 506 18.89 -7.63 -2.80
CA ALA B 506 19.44 -7.61 -4.14
C ALA B 506 20.85 -7.01 -4.09
N PRO B 507 21.74 -7.44 -4.99
CA PRO B 507 23.10 -6.87 -4.98
C PRO B 507 23.13 -5.37 -5.22
N PHE B 508 22.21 -4.85 -6.03
CA PHE B 508 22.15 -3.42 -6.32
C PHE B 508 20.70 -2.99 -6.37
N TYR B 509 20.48 -1.69 -6.15
CA TYR B 509 19.15 -1.10 -6.11
C TYR B 509 19.12 0.10 -7.05
N LYS B 510 17.97 0.77 -7.07
CA LYS B 510 17.74 1.96 -7.87
C LYS B 510 17.35 3.12 -6.96
N THR B 511 17.30 4.32 -7.54
CA THR B 511 16.98 5.51 -6.75
C THR B 511 15.57 5.48 -6.19
N THR B 512 14.67 4.69 -6.77
CA THR B 512 13.28 4.58 -6.32
C THR B 512 12.95 3.15 -5.93
N ASP B 513 13.85 2.51 -5.19
CA ASP B 513 13.66 1.16 -4.70
C ASP B 513 13.97 1.12 -3.22
N ASP B 514 13.26 0.24 -2.51
CA ASP B 514 13.42 0.10 -1.07
C ASP B 514 14.57 -0.85 -0.77
N ILE B 515 15.54 -0.39 0.01
CA ILE B 515 16.71 -1.19 0.35
C ILE B 515 16.34 -2.09 1.51
N ASN B 516 16.28 -3.40 1.26
CA ASN B 516 15.90 -4.38 2.27
C ASN B 516 17.14 -5.08 2.79
N LEU B 517 17.32 -5.08 4.10
CA LEU B 517 18.50 -5.64 4.75
C LEU B 517 18.09 -6.58 5.86
N VAL B 518 18.86 -7.65 6.02
CA VAL B 518 18.68 -8.61 7.10
C VAL B 518 20.00 -8.70 7.86
N ILE B 519 19.99 -8.28 9.12
CA ILE B 519 21.19 -8.24 9.94
C ILE B 519 21.04 -9.32 11.01
N GLU B 520 21.83 -10.38 10.90
CA GLU B 520 21.88 -11.43 11.91
C GLU B 520 23.04 -11.13 12.84
N LEU B 521 22.74 -10.85 14.09
CA LEU B 521 23.75 -10.35 15.03
C LEU B 521 23.96 -11.27 16.22
N ASP B 522 22.89 -11.78 16.85
CA ASP B 522 23.08 -12.63 18.02
C ASP B 522 23.84 -13.91 17.69
N PRO B 523 23.41 -14.74 16.72
CA PRO B 523 24.20 -15.94 16.40
C PRO B 523 25.57 -15.63 15.82
N ILE B 524 25.77 -14.44 15.25
CA ILE B 524 27.04 -14.10 14.63
C ILE B 524 27.98 -13.42 15.62
N THR B 525 27.46 -12.55 16.47
CA THR B 525 28.30 -11.84 17.42
C THR B 525 29.00 -12.81 18.36
N THR B 526 30.23 -12.48 18.73
CA THR B 526 30.99 -13.35 19.61
C THR B 526 30.31 -13.44 20.97
N PRO B 527 30.45 -14.57 21.67
CA PRO B 527 29.74 -14.73 22.94
C PRO B 527 30.14 -13.70 23.99
N LEU B 528 31.37 -13.17 23.92
CA LEU B 528 31.83 -12.21 24.91
C LEU B 528 31.23 -10.82 24.73
N LEU B 529 30.51 -10.58 23.63
CA LEU B 529 29.98 -9.26 23.33
C LEU B 529 28.51 -9.36 22.98
N LYS B 530 27.76 -8.32 23.38
CA LYS B 530 26.33 -8.21 23.10
C LYS B 530 26.09 -6.88 22.39
N VAL B 531 25.48 -6.95 21.21
CA VAL B 531 25.12 -5.74 20.46
C VAL B 531 23.77 -5.28 21.01
N THR B 532 23.79 -4.21 21.82
CA THR B 532 22.58 -3.76 22.50
C THR B 532 21.73 -2.82 21.65
N SER B 533 22.34 -2.06 20.75
CA SER B 533 21.60 -1.15 19.89
C SER B 533 22.29 -1.08 18.53
N LEU B 534 21.50 -0.82 17.50
CA LEU B 534 22.00 -0.81 16.14
C LEU B 534 21.19 0.19 15.33
N THR B 535 21.85 1.22 14.81
CA THR B 535 21.20 2.20 13.95
C THR B 535 21.74 2.04 12.53
N VAL B 536 20.84 1.76 11.59
CA VAL B 536 21.18 1.64 10.19
C VAL B 536 20.76 2.91 9.48
N SER B 537 21.48 3.28 8.43
CA SER B 537 21.14 4.49 7.69
C SER B 537 21.65 4.36 6.27
N LEU B 538 21.00 5.09 5.36
CA LEU B 538 21.44 5.22 3.99
C LEU B 538 22.06 6.60 3.82
N GLU B 539 23.34 6.63 3.43
CA GLU B 539 24.09 7.87 3.40
C GLU B 539 24.73 8.06 2.03
N SER B 540 24.90 9.32 1.66
CA SER B 540 25.53 9.70 0.40
C SER B 540 26.87 10.36 0.69
N PHE B 541 27.93 9.82 0.08
CA PHE B 541 29.29 10.29 0.29
C PHE B 541 29.79 11.02 -0.93
N GLU B 542 30.43 12.16 -0.71
CA GLU B 542 31.11 12.92 -1.75
C GLU B 542 32.61 12.75 -1.57
N ILE B 543 33.23 11.98 -2.46
CA ILE B 543 34.68 11.82 -2.47
C ILE B 543 35.22 12.90 -3.39
N ILE B 544 35.74 13.98 -2.81
CA ILE B 544 36.29 15.07 -3.61
C ILE B 544 37.63 14.61 -4.19
N ASN B 545 37.79 14.82 -5.49
CA ASN B 545 39.02 14.39 -6.14
C ASN B 545 40.22 15.11 -5.52
N PRO B 546 41.28 14.41 -5.16
CA PRO B 546 42.43 15.11 -4.55
C PRO B 546 43.03 16.15 -5.46
N LYS B 547 42.91 15.98 -6.78
CA LYS B 547 43.42 16.98 -7.70
C LYS B 547 42.72 18.31 -7.52
N TYR B 548 41.40 18.28 -7.36
CA TYR B 548 40.57 19.49 -7.27
C TYR B 548 40.17 19.81 -5.84
N LYS B 549 41.04 19.56 -4.87
CA LYS B 549 40.76 19.81 -3.46
C LYS B 549 41.67 20.92 -2.95
N THR B 550 41.06 21.94 -2.33
CA THR B 550 41.84 23.03 -1.75
C THR B 550 42.57 22.55 -0.50
N GLU B 551 43.78 23.06 -0.31
CA GLU B 551 44.63 22.71 0.83
C GLU B 551 44.65 23.86 1.82
N GLY B 552 44.38 23.57 3.09
CA GLY B 552 44.38 24.57 4.13
C GLY B 552 44.32 23.98 5.52
N GLY B 556 41.84 16.78 5.19
CA GLY B 556 42.09 16.80 6.62
C GLY B 556 41.29 15.74 7.37
N SER B 557 40.11 15.41 6.85
CA SER B 557 39.26 14.41 7.46
C SER B 557 38.45 13.72 6.36
N LYS B 558 37.96 12.53 6.68
CA LYS B 558 37.16 11.78 5.73
C LYS B 558 35.83 12.48 5.49
N PRO B 559 35.24 12.31 4.31
CA PRO B 559 33.94 12.95 4.05
C PRO B 559 32.86 12.43 5.00
N LYS B 560 31.96 13.32 5.38
CA LYS B 560 30.83 12.95 6.21
C LYS B 560 29.67 12.47 5.34
N GLY B 561 28.94 11.48 5.85
CA GLY B 561 27.84 10.91 5.11
C GLY B 561 26.54 11.65 5.29
N ASN B 562 26.05 12.26 4.21
CA ASN B 562 24.77 12.97 4.24
C ASN B 562 23.64 11.96 4.26
N SER B 563 23.15 11.64 5.45
CA SER B 563 22.12 10.61 5.59
C SER B 563 20.81 11.07 4.98
N VAL B 564 20.12 10.13 4.33
CA VAL B 564 18.79 10.39 3.78
C VAL B 564 17.71 9.58 4.46
N TYR B 565 18.06 8.51 5.17
CA TYR B 565 17.08 7.73 5.93
C TYR B 565 17.83 6.99 7.03
N GLU B 566 17.18 6.85 8.19
CA GLU B 566 17.76 6.15 9.33
C GLU B 566 16.68 5.31 10.00
N LYS B 567 17.11 4.22 10.63
CA LYS B 567 16.22 3.35 11.38
C LYS B 567 17.00 2.79 12.56
N HIS B 568 16.45 2.95 13.76
CA HIS B 568 17.08 2.50 14.99
C HIS B 568 16.44 1.21 15.46
N PHE B 569 17.26 0.35 16.08
CA PHE B 569 16.79 -0.89 16.69
C PHE B 569 17.46 -1.04 18.04
N ILE B 570 16.68 -1.47 19.03
CA ILE B 570 17.18 -1.78 20.36
C ILE B 570 17.18 -3.29 20.50
N CYS B 571 18.36 -3.86 20.76
CA CYS B 571 18.52 -5.30 20.79
C CYS B 571 19.01 -5.76 22.16
N PHE B 572 18.39 -5.25 23.22
CA PHE B 572 18.81 -5.65 24.56
C PHE B 572 18.64 -7.14 24.77
N ASP B 573 17.53 -7.71 24.31
CA ASP B 573 17.32 -9.14 24.40
C ASP B 573 18.12 -9.86 23.32
N GLU B 574 18.02 -11.19 23.30
CA GLU B 574 18.79 -12.01 22.38
C GLU B 574 18.19 -11.87 20.98
N CYS B 575 18.49 -10.75 20.34
CA CYS B 575 17.92 -10.44 19.02
C CYS B 575 18.56 -11.35 17.99
N LYS B 576 17.80 -12.35 17.54
CA LYS B 576 18.32 -13.28 16.54
C LYS B 576 18.67 -12.55 15.25
N SER B 577 17.76 -11.72 14.75
CA SER B 577 18.00 -11.00 13.51
C SER B 577 17.08 -9.80 13.46
N VAL B 578 17.43 -8.85 12.60
CA VAL B 578 16.67 -7.62 12.40
C VAL B 578 16.47 -7.42 10.90
N SER B 579 15.21 -7.26 10.49
CA SER B 579 14.88 -6.93 9.11
C SER B 579 14.57 -5.44 9.04
N VAL B 580 15.31 -4.73 8.17
CA VAL B 580 15.21 -3.28 8.06
C VAL B 580 14.89 -2.92 6.62
N LYS B 581 14.06 -1.90 6.44
CA LYS B 581 13.60 -1.46 5.13
C LYS B 581 13.91 0.03 4.99
N LEU B 582 15.08 0.34 4.46
CA LEU B 582 15.50 1.72 4.23
C LEU B 582 14.88 2.18 2.91
N LEU B 583 13.79 2.93 3.01
CA LEU B 583 13.11 3.45 1.82
C LEU B 583 13.41 4.92 1.67
N PRO B 584 14.23 5.34 0.70
CA PRO B 584 14.51 6.77 0.54
C PRO B 584 13.31 7.50 -0.02
N PRO B 585 13.26 8.83 0.10
CA PRO B 585 12.13 9.57 -0.45
C PRO B 585 11.98 9.33 -1.95
N ARG B 586 10.75 9.08 -2.38
CA ARG B 586 10.42 8.89 -3.78
C ARG B 586 9.26 9.79 -4.14
N SER B 587 9.41 10.53 -5.22
CA SER B 587 8.39 11.47 -5.67
C SER B 587 8.74 11.93 -7.08
N PRO B 588 7.76 12.25 -7.93
CA PRO B 588 8.11 12.75 -9.27
C PRO B 588 8.95 14.01 -9.23
N THR B 589 8.76 14.86 -8.23
CA THR B 589 9.52 16.09 -8.08
C THR B 589 10.66 15.96 -7.08
N ASN B 590 10.89 14.77 -6.54
CA ASN B 590 11.95 14.60 -5.54
C ASN B 590 12.35 13.12 -5.51
N GLN B 591 13.56 12.83 -5.97
CA GLN B 591 14.14 11.49 -5.87
C GLN B 591 15.61 11.62 -5.56
N ILE B 592 16.14 10.63 -4.83
CA ILE B 592 17.55 10.64 -4.49
C ILE B 592 18.39 10.50 -5.76
N THR B 593 19.38 11.37 -5.91
CA THR B 593 20.24 11.31 -7.08
C THR B 593 21.00 9.99 -7.11
N GLY B 594 21.18 9.44 -8.31
CA GLY B 594 21.82 8.15 -8.46
C GLY B 594 23.28 8.18 -8.12
N GLN B 595 24.01 7.16 -8.56
CA GLN B 595 25.44 7.03 -8.30
C GLN B 595 26.21 7.41 -9.57
N PHE B 596 27.13 8.36 -9.43
CA PHE B 596 27.88 8.85 -10.58
C PHE B 596 29.23 9.36 -10.12
N LYS B 597 30.15 9.47 -11.07
CA LYS B 597 31.48 10.00 -10.83
C LYS B 597 31.75 11.12 -11.83
N THR B 598 32.37 12.20 -11.35
CA THR B 598 32.71 13.35 -12.17
C THR B 598 34.22 13.60 -12.10
N ASP B 599 34.67 14.59 -12.86
CA ASP B 599 36.09 14.91 -12.89
C ASP B 599 36.57 15.41 -11.53
N VAL B 600 35.78 16.24 -10.87
CA VAL B 600 36.20 16.88 -9.63
C VAL B 600 35.73 16.16 -8.37
N PHE B 601 34.66 15.37 -8.44
CA PHE B 601 34.17 14.67 -7.27
C PHE B 601 33.40 13.43 -7.71
N GLN B 602 33.23 12.51 -6.77
CA GLN B 602 32.49 11.28 -6.98
C GLN B 602 31.37 11.16 -5.95
N HIS B 603 30.22 10.67 -6.39
CA HIS B 603 29.05 10.51 -5.54
C HIS B 603 28.81 9.02 -5.32
N LYS B 604 28.74 8.61 -4.06
CA LYS B 604 28.55 7.21 -3.70
C LYS B 604 27.41 7.08 -2.71
N TRP B 605 26.82 5.90 -2.66
CA TRP B 605 25.78 5.56 -1.69
C TRP B 605 26.27 4.40 -0.85
N MET B 606 26.11 4.51 0.47
CA MET B 606 26.57 3.50 1.40
C MET B 606 25.52 3.29 2.48
N ILE B 607 25.62 2.15 3.16
CA ILE B 607 24.76 1.83 4.29
C ILE B 607 25.62 1.91 5.54
N GLY B 608 25.36 2.91 6.37
CA GLY B 608 26.09 3.06 7.61
C GLY B 608 25.39 2.36 8.75
N LEU B 609 26.08 1.42 9.39
CA LEU B 609 25.56 0.70 10.55
C LEU B 609 26.41 1.04 11.75
N LYS B 610 25.80 1.65 12.76
CA LYS B 610 26.47 1.96 14.01
C LYS B 610 25.93 1.04 15.10
N PHE B 611 26.81 0.24 15.69
CA PHE B 611 26.48 -0.68 16.76
C PHE B 611 26.90 -0.11 18.10
N VAL B 612 26.24 -0.59 19.15
CA VAL B 612 26.65 -0.35 20.52
C VAL B 612 26.86 -1.71 21.17
N ILE B 613 28.07 -1.96 21.65
CA ILE B 613 28.50 -3.29 22.07
C ILE B 613 28.85 -3.23 23.55
N ILE B 614 28.28 -4.17 24.33
CA ILE B 614 28.52 -4.27 25.76
C ILE B 614 28.94 -5.70 26.09
N ALA B 615 29.58 -5.84 27.24
CA ALA B 615 29.96 -7.17 27.71
C ALA B 615 28.72 -7.99 28.03
N LYS B 616 28.67 -9.23 27.53
CA LYS B 616 27.51 -10.08 27.69
C LYS B 616 27.57 -10.75 29.06
N THR B 617 26.91 -10.13 30.03
CA THR B 617 26.79 -10.68 31.36
C THR B 617 25.66 -11.72 31.39
N GLU B 618 25.47 -12.35 32.55
CA GLU B 618 24.39 -13.32 32.69
C GLU B 618 23.03 -12.68 32.42
N SER B 619 22.82 -11.49 32.99
CA SER B 619 21.62 -10.70 32.71
C SER B 619 22.09 -9.26 32.50
N ILE B 620 22.14 -8.83 31.23
CA ILE B 620 22.68 -7.52 30.91
C ILE B 620 21.78 -6.40 31.39
N THR B 621 20.52 -6.69 31.69
CA THR B 621 19.52 -5.65 31.93
C THR B 621 18.99 -5.63 33.35
N LEU B 622 18.81 -6.79 33.99
CA LEU B 622 18.16 -6.89 35.28
C LEU B 622 19.19 -7.14 36.38
N ASP B 623 18.98 -6.50 37.53
CA ASP B 623 19.75 -6.76 38.73
C ASP B 623 18.79 -6.99 39.89
N GLN B 624 19.08 -7.99 40.71
CA GLN B 624 18.22 -8.31 41.84
C GLN B 624 18.14 -7.11 42.78
N PHE B 625 16.92 -6.78 43.20
CA PHE B 625 16.67 -5.62 44.06
C PHE B 625 16.15 -6.01 45.43
N TYR B 626 15.12 -6.84 45.49
CA TYR B 626 14.51 -7.25 46.75
C TYR B 626 14.22 -8.75 46.68
N GLU B 627 14.74 -9.50 47.64
CA GLU B 627 14.54 -10.94 47.71
C GLU B 627 13.75 -11.26 48.98
N ASP B 628 12.73 -12.10 48.82
CA ASP B 628 11.86 -12.46 49.94
C ASP B 628 11.17 -13.77 49.59
N LYS B 629 10.62 -14.42 50.62
CA LYS B 629 9.82 -15.61 50.38
C LYS B 629 8.66 -15.25 49.45
N LYS B 630 8.44 -16.09 48.44
CA LYS B 630 7.39 -15.98 47.43
C LYS B 630 7.74 -15.01 46.31
N GLY B 631 8.91 -14.39 46.31
CA GLY B 631 9.25 -13.49 45.23
C GLY B 631 10.67 -12.93 45.28
N ILE B 632 11.26 -12.70 44.11
CA ILE B 632 12.61 -12.17 43.98
C ILE B 632 12.54 -11.02 42.97
N LEU B 633 12.40 -9.79 43.46
CA LEU B 633 12.22 -8.66 42.57
C LEU B 633 13.52 -8.30 41.86
N PHE B 634 13.40 -7.90 40.60
CA PHE B 634 14.52 -7.43 39.80
C PHE B 634 14.19 -6.05 39.26
N HIS B 635 15.24 -5.27 38.97
CA HIS B 635 15.05 -3.92 38.46
C HIS B 635 16.16 -3.60 37.47
N SER B 636 15.88 -2.63 36.60
CA SER B 636 16.81 -2.31 35.51
C SER B 636 18.14 -1.81 36.06
N LYS B 637 19.22 -2.16 35.35
CA LYS B 637 20.54 -1.68 35.71
C LYS B 637 20.65 -0.18 35.45
N GLU B 638 21.19 0.55 36.42
CA GLU B 638 21.26 2.01 36.29
C GLU B 638 22.20 2.41 35.16
N ASN B 639 23.41 1.87 35.15
CA ASN B 639 24.44 2.23 34.18
C ASN B 639 25.12 0.98 33.63
N LEU B 640 25.42 1.02 32.34
CA LEU B 640 26.17 -0.03 31.65
C LEU B 640 27.43 0.59 31.04
N GLU B 641 28.15 -0.22 30.28
CA GLU B 641 29.36 0.25 29.61
C GLU B 641 29.50 -0.47 28.27
N GLY B 642 30.01 0.24 27.29
CA GLY B 642 30.16 -0.34 25.97
C GLY B 642 30.97 0.55 25.05
N GLU B 643 31.02 0.15 23.79
CA GLU B 643 31.75 0.87 22.74
C GLU B 643 30.76 1.31 21.67
N GLU B 644 31.28 2.03 20.67
CA GLU B 644 30.47 2.68 19.64
C GLU B 644 30.99 2.32 18.25
N PHE B 645 31.21 1.03 18.02
CA PHE B 645 31.70 0.58 16.71
C PHE B 645 30.74 0.99 15.61
N THR B 646 31.29 1.50 14.51
CA THR B 646 30.52 1.92 13.35
C THR B 646 31.21 1.44 12.08
N CYS B 647 30.42 1.12 11.07
CA CYS B 647 30.95 0.61 9.81
C CYS B 647 30.07 1.07 8.66
N TYR B 648 30.62 1.00 7.46
CA TYR B 648 29.92 1.37 6.24
C TYR B 648 30.01 0.24 5.22
N VAL B 649 28.87 -0.18 4.70
CA VAL B 649 28.78 -1.21 3.68
C VAL B 649 28.52 -0.52 2.34
N PRO B 650 29.43 -0.60 1.37
CA PRO B 650 29.13 0.00 0.07
C PRO B 650 27.98 -0.71 -0.62
N ILE B 651 27.20 0.05 -1.38
CA ILE B 651 26.06 -0.51 -2.09
C ILE B 651 25.79 0.35 -3.33
N PRO B 652 25.71 -0.22 -4.53
CA PRO B 652 25.39 0.60 -5.70
C PRO B 652 23.92 0.97 -5.73
N ILE B 653 23.66 2.22 -6.12
CA ILE B 653 22.29 2.69 -6.34
C ILE B 653 22.27 3.51 -7.62
N LEU B 654 21.84 2.88 -8.72
CA LEU B 654 21.84 3.51 -10.02
C LEU B 654 20.52 4.22 -10.29
N CYS B 655 20.48 4.98 -11.39
CA CYS B 655 19.28 5.72 -11.74
C CYS B 655 18.16 4.77 -12.14
N THR B 656 16.96 5.34 -12.28
CA THR B 656 15.74 4.57 -12.45
C THR B 656 15.15 4.77 -13.84
N SER B 657 14.54 3.71 -14.37
CA SER B 657 13.79 3.79 -15.61
C SER B 657 12.31 4.11 -15.36
N GLU B 658 11.73 3.53 -14.32
CA GLU B 658 10.34 3.78 -13.99
C GLU B 658 10.13 5.26 -13.76
N ASP B 659 9.10 5.82 -14.40
CA ASP B 659 8.79 7.23 -14.32
C ASP B 659 7.56 7.44 -13.44
N PHE B 660 7.68 8.34 -12.47
CA PHE B 660 6.54 8.69 -11.63
C PHE B 660 5.62 9.61 -12.41
N MET B 661 4.32 9.31 -12.38
CA MET B 661 3.38 9.95 -13.28
C MET B 661 3.35 11.46 -13.14
N GLY B 662 3.77 11.99 -12.00
CA GLY B 662 3.75 13.43 -11.79
C GLY B 662 2.50 13.88 -11.07
N TRP B 663 2.65 14.90 -10.25
CA TRP B 663 1.53 15.43 -9.47
C TRP B 663 0.46 16.01 -10.39
N LEU C 8 10.47 -11.19 -20.31
CA LEU C 8 10.84 -12.30 -19.44
C LEU C 8 10.78 -13.62 -20.19
N THR C 9 11.11 -14.71 -19.51
CA THR C 9 11.10 -16.02 -20.13
C THR C 9 9.68 -16.41 -20.54
N LYS C 10 9.58 -17.17 -21.61
CA LYS C 10 8.30 -17.60 -22.18
C LYS C 10 8.11 -19.08 -21.85
N TYR C 11 7.46 -19.35 -20.73
CA TYR C 11 7.15 -20.72 -20.35
C TYR C 11 6.14 -21.32 -21.31
N LYS C 12 6.27 -22.63 -21.55
CA LYS C 12 5.40 -23.36 -22.45
C LYS C 12 4.81 -24.56 -21.72
N ILE C 13 3.49 -24.71 -21.79
CA ILE C 13 2.77 -25.69 -21.00
C ILE C 13 1.73 -26.41 -21.83
N VAL C 14 2.06 -27.61 -22.32
CA VAL C 14 1.06 -28.40 -23.03
C VAL C 14 0.00 -28.87 -22.03
N PHE C 15 -1.23 -28.98 -22.51
CA PHE C 15 -2.38 -29.30 -21.67
C PHE C 15 -3.03 -30.59 -22.15
N LEU C 16 -3.36 -31.46 -21.20
CA LEU C 16 -4.06 -32.71 -21.49
C LEU C 16 -4.55 -33.34 -20.19
N LYS C 23 -11.25 -31.96 -23.29
CA LYS C 23 -11.64 -31.24 -22.09
C LYS C 23 -11.79 -29.75 -22.40
N THR C 24 -10.68 -29.02 -22.39
CA THR C 24 -10.57 -27.62 -22.79
C THR C 24 -11.24 -26.68 -21.80
N SER C 25 -11.88 -27.19 -20.74
CA SER C 25 -12.52 -26.31 -19.78
C SER C 25 -11.49 -25.54 -18.94
N LEU C 26 -10.37 -26.19 -18.62
CA LEU C 26 -9.38 -25.55 -17.75
C LEU C 26 -8.74 -24.34 -18.42
N ILE C 27 -8.44 -24.43 -19.72
CA ILE C 27 -7.90 -23.27 -20.42
C ILE C 27 -8.90 -22.13 -20.43
N THR C 28 -10.18 -22.44 -20.65
CA THR C 28 -11.20 -21.40 -20.61
C THR C 28 -11.31 -20.77 -19.24
N ARG C 29 -11.17 -21.56 -18.18
CA ARG C 29 -11.28 -21.03 -16.83
C ARG C 29 -10.04 -20.22 -16.43
N PHE C 30 -8.87 -20.57 -16.95
CA PHE C 30 -7.67 -19.80 -16.65
C PHE C 30 -7.83 -18.36 -17.11
N MET C 31 -8.34 -18.16 -18.31
CA MET C 31 -8.83 -16.86 -18.72
C MET C 31 -10.25 -16.67 -18.20
N TYR C 32 -10.80 -15.48 -18.43
CA TYR C 32 -12.17 -15.16 -18.01
C TYR C 32 -12.35 -15.24 -16.50
N ASP C 33 -11.25 -15.21 -15.74
CA ASP C 33 -11.30 -15.31 -14.29
C ASP C 33 -10.78 -14.06 -13.60
N THR C 34 -9.59 -13.60 -13.96
CA THR C 34 -8.97 -12.43 -13.35
C THR C 34 -8.84 -11.32 -14.38
N PHE C 35 -9.36 -10.14 -14.04
CA PHE C 35 -9.22 -8.94 -14.85
C PHE C 35 -8.19 -7.99 -14.29
N ASP C 36 -7.10 -8.53 -13.73
CA ASP C 36 -6.14 -7.73 -12.96
C ASP C 36 -5.10 -7.07 -13.87
N ASP C 37 -5.59 -6.30 -14.83
CA ASP C 37 -4.75 -5.43 -15.65
C ASP C 37 -3.92 -6.20 -16.67
N HIS C 38 -3.97 -7.53 -16.65
CA HIS C 38 -3.25 -8.37 -17.58
C HIS C 38 -4.20 -9.09 -18.54
N TYR C 39 -5.30 -8.42 -18.89
CA TYR C 39 -6.29 -9.02 -19.78
C TYR C 39 -5.71 -9.29 -21.16
N GLN C 40 -4.80 -8.43 -21.63
CA GLN C 40 -4.31 -8.49 -23.01
C GLN C 40 -3.39 -9.70 -23.14
N ALA C 41 -4.00 -10.87 -23.30
CA ALA C 41 -3.27 -12.12 -23.49
C ALA C 41 -3.10 -12.34 -24.98
N THR C 42 -1.90 -12.07 -25.49
CA THR C 42 -1.62 -12.26 -26.91
C THR C 42 -1.79 -13.72 -27.27
N ILE C 43 -2.43 -13.96 -28.42
CA ILE C 43 -2.76 -15.31 -28.88
C ILE C 43 -2.02 -15.56 -30.18
N GLY C 44 -1.25 -16.65 -30.22
CA GLY C 44 -0.61 -17.11 -31.42
C GLY C 44 -1.42 -18.20 -32.11
N ILE C 45 -0.78 -18.84 -33.08
CA ILE C 45 -1.42 -19.91 -33.83
C ILE C 45 -1.28 -21.21 -33.04
N ASP C 46 -2.41 -21.80 -32.68
CA ASP C 46 -2.55 -23.08 -31.99
C ASP C 46 -2.19 -23.00 -30.51
N PHE C 47 -1.67 -21.88 -30.03
CA PHE C 47 -1.28 -21.75 -28.63
C PHE C 47 -1.72 -20.39 -28.10
N LEU C 48 -1.99 -20.33 -26.80
CA LEU C 48 -2.48 -19.12 -26.15
C LEU C 48 -1.47 -18.67 -25.10
N SER C 49 -1.02 -17.43 -25.20
CA SER C 49 -0.02 -16.87 -24.29
C SER C 49 -0.66 -15.78 -23.44
N LYS C 50 -0.38 -15.82 -22.14
CA LYS C 50 -0.88 -14.81 -21.21
C LYS C 50 0.17 -14.51 -20.16
N THR C 51 0.33 -13.23 -19.84
CA THR C 51 1.25 -12.83 -18.77
C THR C 51 0.56 -12.98 -17.43
N MET C 52 1.23 -13.63 -16.49
CA MET C 52 0.70 -13.90 -15.16
C MET C 52 1.45 -13.07 -14.13
N TYR C 53 0.70 -12.51 -13.19
CA TYR C 53 1.26 -11.70 -12.10
C TYR C 53 1.57 -12.60 -10.91
N LEU C 54 2.78 -12.45 -10.36
CA LEU C 54 3.19 -13.24 -9.21
C LEU C 54 4.30 -12.46 -8.49
N ASP C 55 3.93 -11.79 -7.40
CA ASP C 55 4.88 -11.09 -6.54
C ASP C 55 5.77 -10.14 -7.36
N ASP C 56 5.11 -9.22 -8.06
CA ASP C 56 5.77 -8.23 -8.91
C ASP C 56 6.58 -8.87 -10.03
N LYS C 57 6.26 -10.11 -10.39
CA LYS C 57 6.87 -10.81 -11.51
C LYS C 57 5.82 -11.04 -12.58
N THR C 58 6.16 -10.77 -13.83
CA THR C 58 5.25 -10.92 -14.97
C THR C 58 5.82 -12.03 -15.85
N ILE C 59 5.26 -13.24 -15.72
CA ILE C 59 5.77 -14.42 -16.41
C ILE C 59 4.80 -14.82 -17.51
N ARG C 60 5.29 -14.96 -18.73
CA ARG C 60 4.45 -15.30 -19.87
C ARG C 60 4.25 -16.81 -19.91
N LEU C 61 3.05 -17.26 -19.55
CA LEU C 61 2.68 -18.66 -19.61
C LEU C 61 1.98 -18.94 -20.93
N GLN C 62 2.47 -19.95 -21.66
CA GLN C 62 1.93 -20.31 -22.96
C GLN C 62 1.37 -21.72 -22.90
N LEU C 63 0.14 -21.88 -23.37
CA LEU C 63 -0.51 -23.18 -23.49
C LEU C 63 -0.44 -23.60 -24.95
N TRP C 64 0.25 -24.72 -25.20
CA TRP C 64 0.60 -25.12 -26.57
C TRP C 64 -0.60 -25.67 -27.33
N ASP C 65 -1.42 -26.48 -26.68
CA ASP C 65 -2.53 -27.14 -27.36
C ASP C 65 -3.57 -27.55 -26.33
N THR C 66 -4.76 -27.84 -26.80
CA THR C 66 -5.84 -28.30 -25.94
C THR C 66 -6.88 -29.08 -26.75
N GLU C 70 -9.44 -34.76 -31.68
CA GLU C 70 -10.28 -35.05 -32.83
C GLU C 70 -9.79 -34.27 -34.05
N ARG C 71 -9.51 -34.99 -35.14
CA ARG C 71 -9.02 -34.46 -36.41
C ARG C 71 -7.59 -33.93 -36.29
N PHE C 72 -7.01 -33.95 -35.10
CA PHE C 72 -5.68 -33.35 -34.87
C PHE C 72 -5.09 -34.03 -33.64
N ARG C 73 -4.04 -33.42 -33.07
CA ARG C 73 -3.32 -33.89 -31.89
C ARG C 73 -2.32 -34.98 -32.23
N SER C 74 -2.05 -35.22 -33.52
CA SER C 74 -0.96 -36.10 -33.91
C SER C 74 0.40 -35.41 -33.84
N LEU C 75 0.43 -34.09 -33.62
CA LEU C 75 1.67 -33.33 -33.55
C LEU C 75 2.07 -32.95 -32.13
N ILE C 76 1.12 -32.95 -31.19
CA ILE C 76 1.41 -32.58 -29.80
C ILE C 76 2.51 -33.44 -29.20
N PRO C 77 2.75 -34.68 -29.64
CA PRO C 77 3.98 -35.35 -29.17
C PRO C 77 5.23 -34.55 -29.45
N SER C 78 5.29 -33.86 -30.60
CA SER C 78 6.40 -32.96 -30.87
C SER C 78 6.35 -31.73 -29.96
N TYR C 79 5.15 -31.36 -29.51
CA TYR C 79 5.02 -30.21 -28.61
C TYR C 79 5.53 -30.53 -27.21
N ILE C 80 5.44 -31.79 -26.78
CA ILE C 80 5.80 -32.14 -25.41
C ILE C 80 7.25 -31.78 -25.14
N ARG C 81 8.16 -32.12 -26.07
CA ARG C 81 9.57 -31.86 -25.85
C ARG C 81 9.85 -30.37 -25.71
N ASP C 82 9.20 -29.54 -26.53
CA ASP C 82 9.39 -28.11 -26.42
C ASP C 82 8.69 -27.54 -25.19
N SER C 83 7.55 -28.13 -24.80
CA SER C 83 6.80 -27.62 -23.67
C SER C 83 7.60 -27.78 -22.37
N ARG C 84 7.58 -26.73 -21.55
CA ARG C 84 8.21 -26.81 -20.24
C ARG C 84 7.39 -27.63 -19.26
N VAL C 85 6.07 -27.69 -19.44
CA VAL C 85 5.18 -28.43 -18.55
C VAL C 85 4.21 -29.24 -19.39
N ALA C 86 3.71 -30.32 -18.80
CA ALA C 86 2.71 -31.19 -19.42
C ALA C 86 1.62 -31.46 -18.38
N ILE C 87 0.57 -30.65 -18.39
CA ILE C 87 -0.52 -30.80 -17.44
C ILE C 87 -1.29 -32.07 -17.74
N ILE C 88 -1.86 -32.69 -16.70
CA ILE C 88 -2.75 -33.83 -16.87
C ILE C 88 -4.05 -33.50 -16.13
N VAL C 89 -5.16 -33.55 -16.85
CA VAL C 89 -6.49 -33.37 -16.30
C VAL C 89 -7.28 -34.66 -16.56
N TYR C 90 -7.92 -35.18 -15.53
CA TYR C 90 -8.72 -36.40 -15.69
C TYR C 90 -10.08 -36.21 -15.04
N ASP C 91 -11.10 -36.81 -15.66
CA ASP C 91 -12.44 -36.77 -15.09
C ASP C 91 -12.52 -37.74 -13.92
N ILE C 92 -12.94 -37.22 -12.76
CA ILE C 92 -13.02 -38.05 -11.55
C ILE C 92 -14.24 -38.94 -11.51
N THR C 93 -15.24 -38.68 -12.36
CA THR C 93 -16.48 -39.46 -12.34
C THR C 93 -16.35 -40.78 -13.08
N LYS C 94 -15.27 -41.00 -13.84
CA LYS C 94 -15.05 -42.25 -14.55
C LYS C 94 -13.61 -42.70 -14.37
N ARG C 95 -13.41 -44.01 -14.32
CA ARG C 95 -12.09 -44.57 -14.05
C ARG C 95 -11.17 -44.49 -15.27
N LYS C 96 -11.73 -44.57 -16.48
CA LYS C 96 -10.89 -44.59 -17.68
C LYS C 96 -10.05 -43.32 -17.77
N SER C 97 -10.67 -42.16 -17.56
CA SER C 97 -9.94 -40.91 -17.58
C SER C 97 -8.87 -40.86 -16.50
N PHE C 98 -9.04 -41.61 -15.41
CA PHE C 98 -8.05 -41.68 -14.35
C PHE C 98 -7.00 -42.75 -14.62
N GLU C 99 -7.40 -43.87 -15.22
CA GLU C 99 -6.47 -44.97 -15.44
C GLU C 99 -5.55 -44.70 -16.63
N TYR C 100 -5.99 -43.91 -17.61
CA TYR C 100 -5.16 -43.65 -18.78
C TYR C 100 -4.05 -42.63 -18.50
N ILE C 101 -3.93 -42.15 -17.26
CA ILE C 101 -2.88 -41.19 -16.94
C ILE C 101 -1.50 -41.83 -17.10
N ASP C 102 -1.37 -43.12 -16.81
CA ASP C 102 -0.06 -43.77 -16.82
C ASP C 102 0.58 -43.74 -18.20
N LYS C 103 -0.20 -44.04 -19.24
CA LYS C 103 0.37 -44.07 -20.59
C LYS C 103 1.00 -42.72 -20.92
N TRP C 104 0.29 -41.63 -20.65
CA TRP C 104 0.81 -40.32 -21.01
C TRP C 104 1.91 -39.86 -20.06
N ILE C 105 1.88 -40.28 -18.80
CA ILE C 105 2.93 -39.85 -17.88
C ILE C 105 4.23 -40.57 -18.18
N GLU C 106 4.16 -41.77 -18.76
CA GLU C 106 5.37 -42.38 -19.31
C GLU C 106 5.75 -41.73 -20.64
N ASP C 107 4.77 -41.42 -21.50
CA ASP C 107 5.07 -40.87 -22.81
C ASP C 107 5.81 -39.54 -22.70
N VAL C 108 5.39 -38.68 -21.76
CA VAL C 108 6.05 -37.39 -21.58
C VAL C 108 7.54 -37.60 -21.27
N LYS C 109 7.85 -38.60 -20.44
CA LYS C 109 9.25 -38.86 -20.11
C LYS C 109 10.00 -39.44 -21.31
N ASN C 110 9.35 -40.32 -22.07
CA ASN C 110 10.02 -40.90 -23.24
C ASN C 110 10.34 -39.82 -24.26
N GLU C 111 9.41 -38.90 -24.49
CA GLU C 111 9.63 -37.82 -25.45
C GLU C 111 10.64 -36.82 -24.89
N GLU C 115 15.46 -33.90 -20.41
CA GLU C 115 15.23 -32.74 -19.57
C GLU C 115 13.95 -32.94 -18.75
N ASN C 116 14.03 -32.64 -17.46
CA ASN C 116 12.88 -32.80 -16.59
C ASN C 116 11.82 -31.73 -16.86
N VAL C 117 10.59 -32.03 -16.46
CA VAL C 117 9.46 -31.12 -16.61
C VAL C 117 8.70 -31.07 -15.28
N ILE C 118 7.97 -29.98 -15.10
CA ILE C 118 7.21 -29.75 -13.85
C ILE C 118 5.85 -30.39 -14.06
N LEU C 119 5.77 -31.68 -13.76
CA LEU C 119 4.54 -32.43 -13.99
C LEU C 119 3.42 -31.94 -13.09
N CYS C 120 2.20 -31.93 -13.63
CA CYS C 120 1.02 -31.44 -12.93
C CYS C 120 -0.11 -32.45 -13.08
N ILE C 121 -0.77 -32.78 -11.97
CA ILE C 121 -1.88 -33.73 -11.95
C ILE C 121 -3.10 -33.02 -11.38
N VAL C 122 -4.27 -33.23 -12.01
CA VAL C 122 -5.49 -32.59 -11.54
C VAL C 122 -6.71 -33.35 -12.05
N GLY C 123 -7.76 -33.34 -11.23
CA GLY C 123 -9.05 -33.86 -11.64
C GLY C 123 -9.99 -32.78 -12.11
N ASN C 124 -11.13 -33.23 -12.64
CA ASN C 124 -12.13 -32.34 -13.22
C ASN C 124 -13.51 -32.79 -12.77
N LYS C 125 -14.45 -31.84 -12.77
CA LYS C 125 -15.83 -32.11 -12.35
C LYS C 125 -15.86 -32.69 -10.94
N SER C 126 -15.04 -32.14 -10.04
CA SER C 126 -15.00 -32.63 -8.67
C SER C 126 -16.33 -32.43 -7.98
N ASP C 127 -16.97 -31.27 -8.20
CA ASP C 127 -18.23 -30.92 -7.54
C ASP C 127 -19.44 -31.22 -8.41
N LEU C 128 -19.34 -32.25 -9.26
CA LEU C 128 -20.45 -32.60 -10.15
C LEU C 128 -21.67 -33.02 -9.33
N ASP C 130 -24.15 -37.54 -6.81
CA ASP C 130 -23.15 -38.59 -7.01
C ASP C 130 -21.85 -37.99 -7.52
N GLU C 131 -20.74 -38.39 -6.90
CA GLU C 131 -19.42 -37.91 -7.28
C GLU C 131 -18.39 -38.80 -6.60
N ARG C 132 -17.11 -38.50 -6.86
CA ARG C 132 -15.98 -39.20 -6.24
C ARG C 132 -16.03 -40.70 -6.55
N GLN C 133 -16.01 -41.02 -7.84
CA GLN C 133 -15.88 -42.42 -8.24
C GLN C 133 -14.52 -42.99 -7.87
N ILE C 134 -13.51 -42.13 -7.70
CA ILE C 134 -12.18 -42.53 -7.24
C ILE C 134 -11.84 -41.66 -6.04
N SER C 135 -11.39 -42.29 -4.96
CA SER C 135 -11.06 -41.55 -3.75
C SER C 135 -9.92 -40.58 -4.02
N THR C 136 -10.00 -39.40 -3.40
CA THR C 136 -8.95 -38.41 -3.56
C THR C 136 -7.63 -38.91 -2.99
N GLU C 137 -7.68 -39.65 -1.88
CA GLU C 137 -6.46 -40.18 -1.30
C GLU C 137 -5.80 -41.19 -2.23
N GLU C 138 -6.60 -42.02 -2.90
CA GLU C 138 -6.06 -42.96 -3.87
C GLU C 138 -5.39 -42.22 -5.02
N GLY C 139 -6.02 -41.15 -5.51
CA GLY C 139 -5.41 -40.35 -6.55
C GLY C 139 -4.09 -39.73 -6.11
N GLU C 140 -4.06 -39.21 -4.88
CA GLU C 140 -2.81 -38.66 -4.36
C GLU C 140 -1.72 -39.72 -4.28
N LYS C 141 -2.07 -40.91 -3.78
CA LYS C 141 -1.09 -41.98 -3.67
C LYS C 141 -0.55 -42.38 -5.03
N LYS C 142 -1.43 -42.52 -6.02
CA LYS C 142 -0.98 -42.93 -7.35
C LYS C 142 -0.16 -41.83 -8.02
N ALA C 143 -0.53 -40.57 -7.81
CA ALA C 143 0.26 -39.47 -8.35
C ALA C 143 1.66 -39.45 -7.73
N LYS C 144 1.75 -39.68 -6.42
CA LYS C 144 3.05 -39.76 -5.77
C LYS C 144 3.85 -40.93 -6.30
N LEU C 145 3.19 -42.07 -6.53
CA LEU C 145 3.88 -43.22 -7.10
C LEU C 145 4.44 -42.91 -8.47
N LEU C 146 3.66 -42.23 -9.32
CA LEU C 146 4.13 -41.86 -10.65
C LEU C 146 5.16 -40.74 -10.62
N GLY C 147 5.39 -40.11 -9.48
CA GLY C 147 6.36 -39.04 -9.37
C GLY C 147 5.83 -37.66 -9.68
N ALA C 148 4.52 -37.46 -9.65
CA ALA C 148 3.96 -36.15 -9.91
C ALA C 148 4.45 -35.14 -8.87
N LYS C 149 4.79 -33.95 -9.33
CA LYS C 149 5.32 -32.90 -8.45
C LYS C 149 4.22 -32.15 -7.71
N ILE C 150 3.12 -31.84 -8.39
CA ILE C 150 2.03 -31.08 -7.79
C ILE C 150 0.70 -31.68 -8.23
N PHE C 151 -0.20 -31.85 -7.27
CA PHE C 151 -1.53 -32.42 -7.48
C PHE C 151 -2.56 -31.45 -6.91
N MET C 152 -3.53 -31.05 -7.74
CA MET C 152 -4.59 -30.15 -7.31
C MET C 152 -5.91 -30.64 -7.89
N GLU C 153 -7.01 -30.27 -7.22
CA GLU C 153 -8.35 -30.62 -7.68
C GLU C 153 -9.10 -29.35 -8.02
N THR C 154 -9.71 -29.34 -9.21
CA THR C 154 -10.44 -28.19 -9.73
C THR C 154 -11.78 -28.64 -10.28
N SER C 155 -12.59 -27.67 -10.69
CA SER C 155 -13.90 -27.94 -11.27
C SER C 155 -14.21 -26.89 -12.33
N THR C 156 -15.00 -27.29 -13.33
CA THR C 156 -15.35 -26.38 -14.40
C THR C 156 -16.29 -25.28 -13.90
N LYS C 157 -17.23 -25.63 -13.02
CA LYS C 157 -18.24 -24.68 -12.54
C LYS C 157 -17.62 -23.79 -11.49
N ALA C 158 -16.90 -22.76 -11.95
CA ALA C 158 -16.27 -21.77 -11.08
C ALA C 158 -15.33 -22.45 -10.08
N GLY C 159 -14.30 -23.08 -10.62
CA GLY C 159 -13.33 -23.79 -9.81
C GLY C 159 -12.68 -22.89 -8.76
N TYR C 160 -12.60 -23.38 -7.53
CA TYR C 160 -12.02 -22.62 -6.43
C TYR C 160 -10.53 -22.91 -6.23
N ASN C 161 -9.92 -23.71 -7.10
CA ASN C 161 -8.51 -24.02 -7.00
C ASN C 161 -7.77 -23.92 -8.32
N VAL C 162 -8.45 -23.58 -9.41
CA VAL C 162 -7.77 -23.42 -10.70
C VAL C 162 -6.76 -22.28 -10.62
N LYS C 163 -7.16 -21.16 -10.00
CA LYS C 163 -6.21 -20.07 -9.78
C LYS C 163 -5.08 -20.53 -8.89
N ALA C 164 -5.39 -21.28 -7.82
CA ALA C 164 -4.34 -21.83 -6.98
C ALA C 164 -3.46 -22.81 -7.75
N LEU C 165 -4.07 -23.62 -8.63
CA LEU C 165 -3.31 -24.56 -9.43
C LEU C 165 -2.29 -23.84 -10.31
N PHE C 166 -2.74 -22.80 -11.02
CA PHE C 166 -1.83 -22.06 -11.88
C PHE C 166 -0.80 -21.29 -11.06
N LYS C 167 -1.17 -20.81 -9.87
CA LYS C 167 -0.20 -20.15 -9.00
C LYS C 167 0.89 -21.13 -8.58
N LYS C 168 0.52 -22.35 -8.22
CA LYS C 168 1.52 -23.35 -7.86
C LYS C 168 2.40 -23.70 -9.05
N ILE C 169 1.80 -23.81 -10.24
CA ILE C 169 2.59 -24.08 -11.43
C ILE C 169 3.61 -22.97 -11.66
N ALA C 170 3.18 -21.71 -11.55
CA ALA C 170 4.09 -20.60 -11.72
C ALA C 170 5.20 -20.61 -10.68
N LYS C 171 4.85 -20.92 -9.43
CA LYS C 171 5.86 -20.98 -8.38
C LYS C 171 6.89 -22.06 -8.66
N SER C 172 6.42 -23.23 -9.14
CA SER C 172 7.34 -24.35 -9.36
C SER C 172 8.29 -24.08 -10.51
N LEU C 173 7.89 -23.26 -11.48
CA LEU C 173 8.76 -22.98 -12.62
C LEU C 173 10.01 -22.25 -12.15
N PRO C 174 11.14 -22.42 -12.86
CA PRO C 174 12.38 -21.81 -12.40
C PRO C 174 12.41 -20.30 -12.63
N GLU C 175 13.26 -19.64 -11.87
CA GLU C 175 13.39 -18.18 -11.96
C GLU C 175 14.79 -17.74 -11.55
N ASN C 195 29.47 -18.20 -3.66
CA ASN C 195 29.17 -16.94 -2.99
C ASN C 195 29.52 -17.02 -1.52
N LYS C 196 30.31 -16.06 -1.04
CA LYS C 196 30.72 -16.00 0.36
C LYS C 196 30.49 -14.59 0.89
N PRO C 197 30.32 -14.44 2.20
CA PRO C 197 30.11 -13.10 2.75
C PRO C 197 31.32 -12.20 2.53
N GLY C 198 31.05 -10.90 2.39
CA GLY C 198 32.11 -9.92 2.27
C GLY C 198 32.54 -9.40 3.62
N VAL C 199 33.72 -9.82 4.08
CA VAL C 199 34.18 -9.45 5.42
C VAL C 199 34.54 -7.96 5.43
N ILE C 200 33.84 -7.20 6.27
CA ILE C 200 34.16 -5.79 6.48
C ILE C 200 35.16 -5.77 7.65
N ASP C 201 36.44 -5.94 7.32
CA ASP C 201 37.47 -6.08 8.33
C ASP C 201 37.84 -4.76 9.00
N ILE C 202 37.31 -3.64 8.52
CA ILE C 202 37.69 -2.34 9.08
C ILE C 202 37.28 -2.29 10.55
N SER C 203 38.23 -1.92 11.40
CA SER C 203 37.98 -1.81 12.83
C SER C 203 37.36 -0.45 13.15
N THR C 204 36.96 -0.29 14.41
CA THR C 204 36.43 0.98 14.86
C THR C 204 37.51 2.06 14.77
N ALA C 205 37.09 3.28 14.41
CA ALA C 205 38.02 4.37 14.25
C ALA C 205 38.74 4.67 15.57
N GLU C 206 40.03 4.39 15.61
CA GLU C 206 40.82 4.58 16.81
C GLU C 206 41.81 5.74 16.64
#